data_7VB2
#
_entry.id   7VB2
#
_entity_poly.entity_id   1
_entity_poly.type   'polypeptide(L)'
_entity_poly.pdbx_seq_one_letter_code
;MPPKFDPNEIKVVYLRCTGGEVGATSALAPKIGPLGLSPKKVGDDIAKATGDWKGLRITVKLTIQNRQAQIEVVPSASAL
IIKALKEPPRDRKKQKNIKHSGNITFDEIVNIARQMRHRSLARELSGTIKEILGTAQSVGCNVDGRHPHDIIDDINSGAV
ECPAS
;
_entity_poly.pdbx_strand_id   A
#
# COMPACT_ATOMS: atom_id res chain seq x y z
N MET A 1 -10.25 -35.03 26.36
CA MET A 1 -10.99 -36.04 27.17
C MET A 1 -12.28 -35.49 27.74
N PRO A 2 -12.22 -34.34 28.41
CA PRO A 2 -13.43 -33.73 28.98
C PRO A 2 -14.47 -33.41 27.94
N PRO A 3 -15.73 -33.57 28.27
CA PRO A 3 -16.83 -33.28 27.36
C PRO A 3 -17.03 -31.80 27.16
N LYS A 4 -17.60 -31.42 25.99
CA LYS A 4 -17.82 -30.01 25.72
C LYS A 4 -18.98 -29.92 24.76
N PHE A 5 -19.51 -28.68 24.61
CA PHE A 5 -20.64 -28.48 23.73
C PHE A 5 -20.34 -27.30 22.85
N ASP A 6 -20.95 -27.28 21.64
CA ASP A 6 -20.72 -26.20 20.72
C ASP A 6 -21.60 -25.04 21.09
N PRO A 7 -21.04 -23.84 21.08
CA PRO A 7 -21.78 -22.63 21.39
C PRO A 7 -22.72 -22.22 20.29
N ASN A 8 -23.77 -21.44 20.65
CA ASN A 8 -24.73 -21.00 19.66
C ASN A 8 -24.82 -19.50 19.75
N GLU A 9 -25.23 -18.86 18.63
CA GLU A 9 -25.34 -17.41 18.60
C GLU A 9 -26.71 -17.03 19.11
N ILE A 10 -26.78 -16.70 20.41
CA ILE A 10 -28.05 -16.33 21.03
C ILE A 10 -27.90 -14.95 21.60
N LYS A 11 -28.89 -14.05 21.34
CA LYS A 11 -28.83 -12.71 21.87
C LYS A 11 -30.02 -12.51 22.76
N VAL A 12 -29.84 -11.74 23.86
CA VAL A 12 -30.92 -11.49 24.79
C VAL A 12 -31.16 -10.01 24.84
N VAL A 13 -32.43 -9.58 24.74
CA VAL A 13 -32.76 -8.18 24.75
C VAL A 13 -33.84 -7.96 25.76
N TYR A 14 -33.75 -6.82 26.49
CA TYR A 14 -34.72 -6.50 27.51
C TYR A 14 -35.67 -5.51 26.91
N LEU A 15 -36.99 -5.77 27.08
CA LEU A 15 -38.00 -4.89 26.51
C LEU A 15 -38.92 -4.46 27.63
N ARG A 16 -39.06 -3.12 27.82
CA ARG A 16 -39.92 -2.63 28.87
C ARG A 16 -41.00 -1.79 28.21
N CYS A 17 -42.12 -2.43 27.81
CA CYS A 17 -43.19 -1.71 27.18
C CYS A 17 -44.44 -2.53 27.31
N THR A 18 -45.59 -1.86 27.57
CA THR A 18 -46.85 -2.56 27.70
C THR A 18 -47.84 -1.88 26.81
N GLY A 19 -48.87 -2.63 26.37
CA GLY A 19 -49.88 -2.05 25.52
C GLY A 19 -49.69 -2.58 24.14
N GLY A 20 -50.57 -2.16 23.21
CA GLY A 20 -50.46 -2.62 21.84
C GLY A 20 -49.64 -1.61 21.11
N GLU A 21 -48.43 -2.02 20.69
CA GLU A 21 -47.56 -1.13 19.98
C GLU A 21 -46.55 -1.98 19.30
N VAL A 22 -46.18 -1.61 18.04
CA VAL A 22 -45.20 -2.39 17.31
C VAL A 22 -44.04 -1.49 17.04
N GLY A 23 -42.83 -2.09 16.91
CA GLY A 23 -41.65 -1.30 16.64
C GLY A 23 -40.50 -1.96 17.33
N ALA A 24 -39.39 -1.20 17.47
CA ALA A 24 -38.21 -1.72 18.13
C ALA A 24 -38.05 -0.93 19.39
N THR A 25 -37.47 -1.56 20.44
CA THR A 25 -37.29 -0.88 21.71
C THR A 25 -35.93 -0.23 21.70
N SER A 26 -35.52 0.30 22.88
CA SER A 26 -34.27 1.01 23.01
C SER A 26 -33.09 0.12 22.71
N ALA A 27 -33.08 -1.14 23.20
CA ALA A 27 -31.95 -2.03 22.95
C ALA A 27 -31.96 -2.53 21.52
N LEU A 28 -33.17 -2.76 20.98
CA LEU A 28 -33.30 -3.28 19.64
C LEU A 28 -32.76 -2.31 18.62
N ALA A 29 -32.91 -0.98 18.86
CA ALA A 29 -32.42 -0.02 17.89
C ALA A 29 -30.94 -0.22 17.59
N PRO A 30 -30.07 -0.11 18.59
CA PRO A 30 -28.63 -0.28 18.37
C PRO A 30 -28.22 -1.70 18.08
N LYS A 31 -29.07 -2.70 18.42
CA LYS A 31 -28.69 -4.08 18.14
C LYS A 31 -29.12 -4.43 16.73
N ILE A 32 -30.43 -4.31 16.47
CA ILE A 32 -30.99 -4.66 15.19
C ILE A 32 -30.45 -3.78 14.10
N GLY A 33 -30.24 -2.46 14.36
CA GLY A 33 -29.75 -1.54 13.35
C GLY A 33 -28.61 -2.15 12.56
N PRO A 34 -27.48 -2.33 13.21
CA PRO A 34 -26.31 -2.91 12.56
C PRO A 34 -26.43 -4.37 12.25
N LEU A 35 -27.32 -5.09 12.99
CA LEU A 35 -27.49 -6.51 12.76
C LEU A 35 -28.15 -6.71 11.41
N GLY A 36 -29.07 -5.80 11.02
CA GLY A 36 -29.73 -5.92 9.74
C GLY A 36 -31.03 -6.65 9.92
N LEU A 37 -31.49 -6.79 11.18
CA LEU A 37 -32.74 -7.47 11.45
C LEU A 37 -33.86 -6.55 11.03
N SER A 38 -35.04 -7.13 10.73
CA SER A 38 -36.18 -6.33 10.33
C SER A 38 -36.98 -6.02 11.56
N PRO A 39 -37.13 -4.74 11.88
CA PRO A 39 -37.89 -4.31 13.07
C PRO A 39 -39.34 -4.72 13.03
N LYS A 40 -39.90 -4.85 11.80
CA LYS A 40 -41.30 -5.19 11.65
C LYS A 40 -41.56 -6.55 12.23
N LYS A 41 -40.62 -7.50 12.05
CA LYS A 41 -40.82 -8.84 12.54
C LYS A 41 -40.86 -8.82 14.05
N VAL A 42 -39.94 -8.03 14.67
CA VAL A 42 -39.88 -7.96 16.11
C VAL A 42 -41.13 -7.34 16.65
N GLY A 43 -41.58 -6.21 16.05
CA GLY A 43 -42.77 -5.54 16.52
C GLY A 43 -43.96 -6.43 16.42
N ASP A 44 -44.10 -7.17 15.29
CA ASP A 44 -45.24 -8.04 15.12
C ASP A 44 -45.21 -9.13 16.16
N ASP A 45 -44.01 -9.70 16.42
CA ASP A 45 -43.90 -10.77 17.39
C ASP A 45 -44.28 -10.26 18.76
N ILE A 46 -43.81 -9.04 19.11
CA ILE A 46 -44.11 -8.47 20.41
C ILE A 46 -45.59 -8.25 20.55
N ALA A 47 -46.24 -7.67 19.51
CA ALA A 47 -47.66 -7.38 19.59
C ALA A 47 -48.46 -8.66 19.73
N LYS A 48 -48.10 -9.71 18.98
CA LYS A 48 -48.85 -10.95 19.06
C LYS A 48 -48.64 -11.61 20.39
N ALA A 49 -47.39 -11.60 20.90
CA ALA A 49 -47.07 -12.23 22.16
C ALA A 49 -47.80 -11.55 23.28
N THR A 50 -47.88 -10.20 23.24
CA THR A 50 -48.52 -9.47 24.32
C THR A 50 -49.86 -8.97 23.86
N GLY A 51 -50.55 -9.77 23.02
CA GLY A 51 -51.85 -9.37 22.51
C GLY A 51 -52.91 -9.63 23.55
N ASP A 52 -52.51 -10.05 24.78
CA ASP A 52 -53.48 -10.32 25.81
C ASP A 52 -53.75 -9.06 26.59
N TRP A 53 -53.16 -7.91 26.16
CA TRP A 53 -53.39 -6.65 26.84
C TRP A 53 -52.75 -6.73 28.21
N LYS A 54 -51.41 -6.88 28.23
CA LYS A 54 -50.70 -6.98 29.49
C LYS A 54 -50.13 -5.62 29.76
N GLY A 55 -50.34 -5.09 30.98
CA GLY A 55 -49.84 -3.78 31.30
C GLY A 55 -49.98 -3.56 32.77
N LEU A 56 -48.96 -3.98 33.55
CA LEU A 56 -49.03 -3.78 34.97
C LEU A 56 -47.64 -3.87 35.54
N ARG A 57 -46.73 -2.96 35.09
CA ARG A 57 -45.36 -2.95 35.59
C ARG A 57 -44.75 -4.31 35.37
N ILE A 58 -44.68 -4.76 34.09
CA ILE A 58 -44.14 -6.06 33.81
C ILE A 58 -42.97 -5.89 32.87
N THR A 59 -42.01 -6.83 32.94
CA THR A 59 -40.82 -6.77 32.10
C THR A 59 -40.91 -7.88 31.10
N VAL A 60 -40.64 -7.55 29.82
CA VAL A 60 -40.71 -8.54 28.76
C VAL A 60 -39.31 -8.74 28.23
N LYS A 61 -38.92 -10.00 27.99
CA LYS A 61 -37.61 -10.27 27.48
C LYS A 61 -37.77 -11.02 26.21
N LEU A 62 -36.87 -10.78 25.23
CA LEU A 62 -36.96 -11.47 23.96
C LEU A 62 -35.62 -12.02 23.62
N THR A 63 -35.62 -13.17 22.90
CA THR A 63 -34.38 -13.81 22.50
C THR A 63 -34.29 -13.70 21.01
N ILE A 64 -33.12 -13.27 20.50
CA ILE A 64 -32.95 -13.11 19.05
C ILE A 64 -31.99 -14.15 18.56
N GLN A 65 -32.41 -14.91 17.51
CA GLN A 65 -31.54 -15.91 16.93
C GLN A 65 -31.92 -16.08 15.49
N ASN A 66 -30.94 -15.86 14.56
CA ASN A 66 -31.18 -16.03 13.12
C ASN A 66 -32.37 -15.21 12.68
N ARG A 67 -32.48 -13.94 13.13
CA ARG A 67 -33.57 -13.06 12.73
C ARG A 67 -34.88 -13.62 13.19
N GLN A 68 -34.87 -14.44 14.27
CA GLN A 68 -36.08 -14.97 14.79
C GLN A 68 -36.12 -14.52 16.21
N ALA A 69 -37.24 -13.90 16.63
CA ALA A 69 -37.31 -13.39 17.97
C ALA A 69 -38.33 -14.20 18.72
N GLN A 70 -37.95 -14.65 19.93
CA GLN A 70 -38.84 -15.41 20.76
C GLN A 70 -39.18 -14.49 21.90
N ILE A 71 -40.50 -14.33 22.16
CA ILE A 71 -40.93 -13.41 23.19
C ILE A 71 -41.26 -14.19 24.43
N GLU A 72 -40.66 -13.79 25.58
CA GLU A 72 -40.94 -14.45 26.82
C GLU A 72 -41.36 -13.38 27.80
N VAL A 73 -42.49 -13.61 28.51
CA VAL A 73 -43.00 -12.64 29.45
C VAL A 73 -42.90 -13.25 30.82
N VAL A 74 -42.28 -12.51 31.78
CA VAL A 74 -42.14 -13.02 33.13
C VAL A 74 -42.84 -12.05 34.04
N PRO A 75 -43.32 -12.56 35.16
CA PRO A 75 -44.01 -11.74 36.14
C PRO A 75 -43.10 -10.86 36.94
N SER A 76 -43.66 -9.73 37.45
CA SER A 76 -42.90 -8.80 38.26
C SER A 76 -41.89 -8.10 37.39
N ALA A 77 -40.74 -7.72 37.97
CA ALA A 77 -39.73 -7.02 37.23
C ALA A 77 -38.41 -7.27 37.91
N SER A 78 -37.37 -6.51 37.50
CA SER A 78 -36.04 -6.65 38.09
C SER A 78 -35.44 -7.90 37.54
N ALA A 79 -35.25 -7.94 36.20
CA ALA A 79 -34.66 -9.10 35.56
C ALA A 79 -33.18 -9.10 35.81
N LEU A 80 -32.57 -10.30 35.78
CA LEU A 80 -31.15 -10.44 36.01
C LEU A 80 -30.43 -9.96 34.78
N ILE A 81 -29.17 -9.49 34.96
CA ILE A 81 -28.37 -8.99 33.86
C ILE A 81 -26.98 -9.55 34.00
N ILE A 82 -26.33 -9.86 32.86
CA ILE A 82 -24.99 -10.40 32.88
C ILE A 82 -24.28 -9.85 31.67
N LYS A 83 -22.95 -9.61 31.80
CA LYS A 83 -22.19 -9.07 30.68
C LYS A 83 -21.11 -10.07 30.36
N ALA A 84 -20.98 -10.42 29.05
CA ALA A 84 -19.98 -11.38 28.62
C ALA A 84 -18.60 -10.81 28.81
N LEU A 85 -18.42 -9.49 28.49
CA LEU A 85 -17.13 -8.84 28.64
C LEU A 85 -16.19 -9.35 27.57
N LYS A 86 -16.71 -9.98 26.50
CA LYS A 86 -15.86 -10.48 25.45
C LYS A 86 -16.42 -10.03 24.14
N GLU A 87 -15.53 -9.85 23.12
CA GLU A 87 -15.96 -9.41 21.83
C GLU A 87 -15.25 -10.25 20.80
N PRO A 88 -15.84 -10.37 19.63
CA PRO A 88 -15.27 -11.15 18.52
C PRO A 88 -13.94 -10.61 18.05
N PRO A 89 -13.05 -11.49 17.60
CA PRO A 89 -11.74 -11.08 17.10
C PRO A 89 -11.81 -10.43 15.75
N ARG A 90 -10.82 -9.57 15.43
CA ARG A 90 -10.82 -8.90 14.17
C ARG A 90 -9.41 -8.49 13.86
N ASP A 91 -9.15 -8.09 12.59
CA ASP A 91 -7.82 -7.69 12.20
C ASP A 91 -7.67 -6.22 12.45
N ARG A 92 -6.50 -5.83 13.03
CA ARG A 92 -6.25 -4.44 13.32
C ARG A 92 -5.65 -3.79 12.11
N LYS A 93 -5.64 -2.44 12.09
CA LYS A 93 -5.11 -1.70 10.96
C LYS A 93 -4.06 -0.78 11.49
N LYS A 94 -2.91 -0.67 10.80
CA LYS A 94 -1.85 0.19 11.25
C LYS A 94 -1.11 0.69 10.03
N GLN A 95 -0.32 1.77 10.21
CA GLN A 95 0.43 2.35 9.10
C GLN A 95 1.74 1.62 8.99
N LYS A 96 2.31 1.61 7.77
CA LYS A 96 3.57 0.93 7.54
C LYS A 96 4.50 1.88 6.84
N ASN A 97 5.82 1.66 6.99
CA ASN A 97 6.81 2.53 6.40
C ASN A 97 7.27 1.92 5.09
N ILE A 98 6.61 0.83 4.65
CA ILE A 98 6.99 0.19 3.41
C ILE A 98 6.78 1.14 2.28
N LYS A 99 5.60 1.75 2.22
CA LYS A 99 5.27 2.70 1.19
C LYS A 99 5.59 2.11 -0.18
N HIS A 100 6.43 2.81 -0.97
CA HIS A 100 6.79 2.36 -2.30
C HIS A 100 7.53 1.04 -2.21
N SER A 101 8.53 0.94 -1.31
CA SER A 101 9.27 -0.28 -1.18
C SER A 101 9.84 -0.33 0.21
N GLY A 102 10.78 0.59 0.51
CA GLY A 102 11.36 0.63 1.84
C GLY A 102 12.31 -0.51 1.98
N ASN A 103 12.85 -0.69 3.22
CA ASN A 103 13.77 -1.76 3.51
C ASN A 103 14.96 -1.67 2.58
N ILE A 104 15.59 -0.48 2.50
CA ILE A 104 16.72 -0.30 1.64
C ILE A 104 17.95 -0.45 2.48
N THR A 105 18.85 -1.39 2.08
CA THR A 105 20.05 -1.65 2.83
C THR A 105 21.16 -1.84 1.83
N PHE A 106 22.40 -1.44 2.21
CA PHE A 106 23.57 -1.57 1.33
C PHE A 106 23.78 -3.01 0.95
N ASP A 107 23.28 -3.95 1.77
CA ASP A 107 23.45 -5.36 1.51
C ASP A 107 22.81 -5.70 0.19
N GLU A 108 21.64 -5.08 -0.08
CA GLU A 108 20.92 -5.34 -1.30
C GLU A 108 21.75 -4.92 -2.49
N ILE A 109 22.39 -3.72 -2.39
CA ILE A 109 23.19 -3.20 -3.48
C ILE A 109 24.34 -4.15 -3.72
N VAL A 110 24.99 -4.61 -2.61
CA VAL A 110 26.11 -5.52 -2.72
C VAL A 110 25.65 -6.81 -3.36
N ASN A 111 24.45 -7.29 -2.96
CA ASN A 111 23.94 -8.55 -3.47
C ASN A 111 23.80 -8.50 -4.97
N ILE A 112 23.21 -7.41 -5.53
CA ILE A 112 23.03 -7.34 -6.96
C ILE A 112 24.37 -7.11 -7.62
N ALA A 113 25.25 -6.33 -6.97
CA ALA A 113 26.54 -6.05 -7.55
C ALA A 113 27.29 -7.34 -7.75
N ARG A 114 27.28 -8.22 -6.73
CA ARG A 114 27.98 -9.47 -6.83
C ARG A 114 27.28 -10.39 -7.78
N GLN A 115 25.92 -10.38 -7.79
CA GLN A 115 25.19 -11.28 -8.67
C GLN A 115 25.29 -10.82 -10.10
N MET A 116 25.53 -9.50 -10.32
CA MET A 116 25.67 -8.97 -11.67
C MET A 116 24.31 -8.97 -12.31
N ARG A 117 23.26 -8.72 -11.51
CA ARG A 117 21.92 -8.68 -12.05
C ARG A 117 21.64 -7.25 -12.40
N HIS A 118 20.69 -7.03 -13.32
CA HIS A 118 20.38 -5.68 -13.73
C HIS A 118 19.34 -5.12 -12.80
N ARG A 119 19.74 -4.81 -11.54
CA ARG A 119 18.80 -4.24 -10.61
C ARG A 119 19.46 -3.05 -9.98
N SER A 120 20.72 -3.22 -9.52
CA SER A 120 21.44 -2.11 -8.91
C SER A 120 22.90 -2.29 -9.21
N LEU A 121 23.21 -3.03 -10.30
CA LEU A 121 24.58 -3.29 -10.66
C LEU A 121 25.23 -2.01 -11.14
N ALA A 122 24.51 -1.28 -12.02
CA ALA A 122 25.00 -0.02 -12.56
C ALA A 122 26.36 -0.23 -13.19
N ARG A 123 27.36 0.59 -12.76
CA ARG A 123 28.69 0.49 -13.32
C ARG A 123 29.69 0.35 -12.21
N GLU A 124 29.91 1.45 -11.48
CA GLU A 124 30.89 1.46 -10.41
C GLU A 124 30.19 1.10 -9.13
N LEU A 125 30.92 0.35 -8.26
CA LEU A 125 30.36 -0.07 -6.99
C LEU A 125 30.08 1.12 -6.12
N SER A 126 31.01 2.09 -6.07
CA SER A 126 30.82 3.24 -5.22
C SER A 126 29.73 4.12 -5.77
N GLY A 127 29.69 4.27 -7.11
CA GLY A 127 28.71 5.11 -7.75
C GLY A 127 27.33 4.56 -7.57
N THR A 128 27.18 3.22 -7.70
CA THR A 128 25.86 2.63 -7.59
C THR A 128 25.41 2.62 -6.15
N ILE A 129 26.33 2.35 -5.20
CA ILE A 129 25.94 2.31 -3.81
C ILE A 129 25.49 3.68 -3.38
N LYS A 130 26.28 4.73 -3.74
CA LYS A 130 25.93 6.08 -3.36
C LYS A 130 24.65 6.49 -4.03
N GLU A 131 24.49 6.16 -5.33
CA GLU A 131 23.30 6.56 -6.07
C GLU A 131 22.06 5.93 -5.49
N ILE A 132 22.07 4.60 -5.27
CA ILE A 132 20.91 3.91 -4.76
C ILE A 132 20.60 4.38 -3.36
N LEU A 133 21.65 4.48 -2.51
CA LEU A 133 21.45 4.92 -1.15
C LEU A 133 20.92 6.34 -1.13
N GLY A 134 21.46 7.21 -2.01
CA GLY A 134 21.00 8.59 -2.06
C GLY A 134 19.54 8.62 -2.41
N THR A 135 19.12 7.73 -3.35
CA THR A 135 17.74 7.68 -3.76
C THR A 135 16.90 7.25 -2.58
N ALA A 136 17.42 6.28 -1.78
CA ALA A 136 16.71 5.78 -0.63
C ALA A 136 16.44 6.90 0.35
N GLN A 137 17.43 7.79 0.57
CA GLN A 137 17.26 8.89 1.48
C GLN A 137 16.19 9.84 0.99
N SER A 138 16.15 10.09 -0.33
CA SER A 138 15.17 11.00 -0.88
C SER A 138 13.78 10.46 -0.67
N VAL A 139 13.56 9.14 -0.91
CA VAL A 139 12.24 8.58 -0.78
C VAL A 139 11.87 8.38 0.67
N GLY A 140 12.84 7.99 1.53
CA GLY A 140 12.51 7.77 2.93
C GLY A 140 13.40 8.61 3.78
N CYS A 141 12.79 9.42 4.67
CA CYS A 141 13.54 10.29 5.54
C CYS A 141 14.21 9.49 6.62
N ASN A 142 13.72 8.27 6.90
CA ASN A 142 14.31 7.47 7.95
C ASN A 142 14.16 6.04 7.55
N VAL A 143 14.79 5.64 6.41
CA VAL A 143 14.70 4.28 5.96
C VAL A 143 15.43 3.37 6.91
N ASP A 144 16.69 3.73 7.27
CA ASP A 144 17.44 2.88 8.16
C ASP A 144 18.71 3.60 8.49
N GLY A 145 19.47 4.03 7.45
CA GLY A 145 20.71 4.71 7.69
C GLY A 145 20.92 5.69 6.58
N ARG A 146 20.65 6.98 6.86
CA ARG A 146 20.82 8.01 5.87
C ARG A 146 22.19 8.60 6.02
N HIS A 147 23.23 7.73 6.00
CA HIS A 147 24.59 8.20 6.16
C HIS A 147 25.41 7.63 5.03
N PRO A 148 25.42 8.31 3.90
CA PRO A 148 26.17 7.85 2.74
C PRO A 148 27.66 7.82 2.95
N HIS A 149 28.18 8.79 3.72
CA HIS A 149 29.61 8.85 3.97
C HIS A 149 30.03 7.62 4.73
N ASP A 150 29.26 7.26 5.78
CA ASP A 150 29.62 6.10 6.59
C ASP A 150 29.41 4.84 5.78
N ILE A 151 28.34 4.79 4.95
CA ILE A 151 28.06 3.60 4.19
C ILE A 151 29.16 3.32 3.21
N ILE A 152 29.58 4.33 2.40
CA ILE A 152 30.63 4.09 1.44
C ILE A 152 31.92 3.85 2.16
N ASP A 153 32.11 4.48 3.32
CA ASP A 153 33.33 4.28 4.07
C ASP A 153 33.39 2.85 4.52
N ASP A 154 32.25 2.32 5.05
CA ASP A 154 32.21 0.95 5.52
C ASP A 154 32.31 0.01 4.34
N ILE A 155 31.61 0.33 3.22
CA ILE A 155 31.66 -0.53 2.06
C ILE A 155 33.08 -0.64 1.57
N ASN A 156 33.74 0.53 1.38
CA ASN A 156 35.11 0.53 0.89
C ASN A 156 36.01 -0.13 1.88
N SER A 157 35.75 0.04 3.20
CA SER A 157 36.60 -0.55 4.21
C SER A 157 36.58 -2.05 4.03
N GLY A 158 35.40 -2.64 3.78
CA GLY A 158 35.34 -4.07 3.58
C GLY A 158 34.01 -4.55 4.03
N ALA A 159 32.92 -4.02 3.44
CA ALA A 159 31.59 -4.46 3.82
C ALA A 159 31.36 -5.87 3.37
N VAL A 160 31.86 -6.22 2.17
CA VAL A 160 31.64 -7.52 1.61
C VAL A 160 32.97 -8.19 1.40
N GLU A 161 33.03 -9.52 1.69
CA GLU A 161 34.26 -10.28 1.53
C GLU A 161 34.02 -11.29 0.44
N CYS A 162 34.28 -12.60 0.73
CA CYS A 162 34.10 -13.63 -0.26
C CYS A 162 32.63 -13.73 -0.61
N PRO A 163 31.75 -13.92 0.35
CA PRO A 163 30.32 -13.96 0.06
C PRO A 163 29.76 -12.58 -0.10
N ALA A 164 28.56 -12.46 -0.72
CA ALA A 164 27.98 -11.14 -0.93
C ALA A 164 27.46 -10.63 0.39
N SER A 165 27.41 -11.49 1.42
CA SER A 165 26.91 -11.05 2.70
C SER A 165 27.48 -11.99 3.76
N MET A 1 -27.76 -81.42 23.72
CA MET A 1 -28.78 -81.19 22.67
C MET A 1 -28.77 -79.76 22.22
N PRO A 2 -27.89 -79.46 21.29
CA PRO A 2 -27.76 -78.11 20.74
C PRO A 2 -29.02 -77.62 20.09
N PRO A 3 -29.29 -76.33 20.19
CA PRO A 3 -30.48 -75.75 19.58
C PRO A 3 -30.38 -75.66 18.08
N LYS A 4 -31.55 -75.60 17.39
CA LYS A 4 -31.55 -75.54 15.95
C LYS A 4 -32.38 -74.36 15.54
N PHE A 5 -32.09 -73.81 14.34
CA PHE A 5 -32.80 -72.66 13.86
C PHE A 5 -33.19 -72.91 12.43
N ASP A 6 -34.33 -72.31 12.00
CA ASP A 6 -34.82 -72.49 10.65
C ASP A 6 -34.05 -71.58 9.73
N PRO A 7 -33.96 -71.98 8.47
CA PRO A 7 -33.26 -71.21 7.44
C PRO A 7 -34.01 -69.98 7.01
N ASN A 8 -33.30 -69.03 6.36
CA ASN A 8 -33.94 -67.80 5.93
C ASN A 8 -33.64 -67.60 4.46
N GLU A 9 -34.39 -66.66 3.83
CA GLU A 9 -34.22 -66.39 2.41
C GLU A 9 -33.12 -65.37 2.23
N ILE A 10 -32.61 -65.28 0.98
CA ILE A 10 -31.53 -64.37 0.66
C ILE A 10 -32.10 -62.99 0.45
N LYS A 11 -31.45 -61.96 1.05
CA LYS A 11 -31.93 -60.60 0.91
C LYS A 11 -30.77 -59.65 1.08
N VAL A 12 -30.92 -58.40 0.54
CA VAL A 12 -29.87 -57.40 0.63
C VAL A 12 -30.45 -56.17 1.26
N VAL A 13 -29.75 -55.61 2.28
CA VAL A 13 -30.24 -54.42 2.95
C VAL A 13 -29.26 -53.33 2.66
N TYR A 14 -29.73 -52.07 2.73
CA TYR A 14 -28.89 -50.93 2.43
C TYR A 14 -28.66 -50.18 3.72
N LEU A 15 -27.37 -49.93 4.06
CA LEU A 15 -27.05 -49.22 5.28
C LEU A 15 -26.25 -47.99 4.93
N ARG A 16 -26.68 -46.83 5.47
CA ARG A 16 -25.99 -45.59 5.20
C ARG A 16 -25.34 -45.16 6.49
N CYS A 17 -24.04 -45.48 6.65
CA CYS A 17 -23.34 -45.11 7.85
C CYS A 17 -21.87 -45.25 7.54
N THR A 18 -21.04 -44.30 8.06
CA THR A 18 -19.63 -44.34 7.79
C THR A 18 -18.93 -44.25 9.12
N GLY A 19 -18.12 -45.28 9.48
CA GLY A 19 -17.41 -45.26 10.73
C GLY A 19 -17.41 -46.64 11.30
N GLY A 20 -17.02 -46.77 12.58
CA GLY A 20 -16.99 -48.05 13.23
C GLY A 20 -18.24 -48.17 14.05
N GLU A 21 -18.91 -49.33 13.96
CA GLU A 21 -20.13 -49.53 14.69
C GLU A 21 -20.35 -51.02 14.77
N VAL A 22 -20.78 -51.52 15.95
CA VAL A 22 -21.04 -52.93 16.11
C VAL A 22 -22.47 -53.08 16.55
N GLY A 23 -23.02 -54.30 16.37
CA GLY A 23 -24.39 -54.56 16.77
C GLY A 23 -25.27 -54.37 15.58
N ALA A 24 -26.59 -54.58 15.79
CA ALA A 24 -27.54 -54.41 14.71
C ALA A 24 -27.71 -52.95 14.46
N THR A 25 -27.92 -52.59 13.18
CA THR A 25 -28.07 -51.21 12.80
C THR A 25 -29.54 -50.89 12.72
N SER A 26 -29.85 -49.75 12.05
CA SER A 26 -31.21 -49.29 11.90
C SER A 26 -32.05 -50.27 11.13
N ALA A 27 -31.50 -50.91 10.07
CA ALA A 27 -32.30 -51.85 9.30
C ALA A 27 -32.25 -53.22 9.93
N LEU A 28 -31.09 -53.57 10.50
CA LEU A 28 -30.91 -54.87 11.08
C LEU A 28 -31.82 -55.06 12.26
N ALA A 29 -32.06 -54.00 13.07
CA ALA A 29 -32.91 -54.15 14.24
C ALA A 29 -34.31 -54.64 13.84
N PRO A 30 -35.02 -53.91 12.98
CA PRO A 30 -36.35 -54.31 12.57
C PRO A 30 -36.40 -55.52 11.68
N LYS A 31 -35.24 -55.96 11.14
CA LYS A 31 -35.25 -57.13 10.29
C LYS A 31 -34.85 -58.34 11.10
N ILE A 32 -33.65 -58.30 11.69
CA ILE A 32 -33.13 -59.41 12.45
C ILE A 32 -33.96 -59.67 13.67
N GLY A 33 -34.37 -58.58 14.37
CA GLY A 33 -35.12 -58.70 15.61
C GLY A 33 -36.30 -59.65 15.47
N PRO A 34 -37.24 -59.31 14.62
CA PRO A 34 -38.41 -60.15 14.43
C PRO A 34 -38.14 -61.47 13.79
N LEU A 35 -37.17 -61.55 12.83
CA LEU A 35 -36.93 -62.83 12.20
C LEU A 35 -35.81 -62.69 11.23
N GLY A 36 -34.57 -62.75 11.74
CA GLY A 36 -33.42 -62.68 10.85
C GLY A 36 -32.41 -63.67 11.32
N LEU A 37 -31.44 -63.20 12.14
CA LEU A 37 -30.40 -64.09 12.61
C LEU A 37 -29.82 -63.53 13.89
N SER A 38 -28.47 -63.52 14.01
CA SER A 38 -27.82 -63.04 15.21
C SER A 38 -27.15 -61.71 14.90
N PRO A 39 -27.62 -60.64 15.51
CA PRO A 39 -27.06 -59.30 15.32
C PRO A 39 -25.61 -59.18 15.66
N LYS A 40 -25.17 -59.93 16.68
CA LYS A 40 -23.79 -59.86 17.12
C LYS A 40 -22.87 -60.30 16.01
N LYS A 41 -23.27 -61.37 15.28
CA LYS A 41 -22.44 -61.87 14.21
C LYS A 41 -22.36 -60.86 13.09
N VAL A 42 -23.51 -60.24 12.76
CA VAL A 42 -23.54 -59.28 11.69
C VAL A 42 -22.70 -58.08 12.03
N GLY A 43 -22.89 -57.54 13.25
CA GLY A 43 -22.17 -56.35 13.66
C GLY A 43 -20.69 -56.63 13.69
N ASP A 44 -20.28 -57.79 14.23
CA ASP A 44 -18.86 -58.09 14.32
C ASP A 44 -18.28 -58.20 12.94
N ASP A 45 -19.00 -58.86 12.00
CA ASP A 45 -18.49 -59.04 10.66
C ASP A 45 -18.39 -57.69 9.98
N ILE A 46 -19.41 -56.84 10.15
CA ILE A 46 -19.41 -55.53 9.52
C ILE A 46 -18.29 -54.68 10.07
N ALA A 47 -18.13 -54.67 11.41
CA ALA A 47 -17.10 -53.85 12.02
C ALA A 47 -15.74 -54.29 11.57
N LYS A 48 -15.51 -55.62 11.50
CA LYS A 48 -14.21 -56.12 11.10
C LYS A 48 -13.93 -55.77 9.66
N ALA A 49 -14.93 -55.99 8.78
CA ALA A 49 -14.75 -55.73 7.36
C ALA A 49 -14.52 -54.26 7.10
N THR A 50 -15.23 -53.37 7.84
CA THR A 50 -15.10 -51.95 7.59
C THR A 50 -14.25 -51.34 8.68
N GLY A 51 -13.30 -52.09 9.25
CA GLY A 51 -12.47 -51.55 10.29
C GLY A 51 -11.48 -50.61 9.67
N ASP A 52 -11.64 -49.30 9.96
CA ASP A 52 -10.73 -48.32 9.43
C ASP A 52 -10.94 -47.05 10.21
N TRP A 53 -10.07 -46.03 9.96
CA TRP A 53 -10.17 -44.77 10.66
C TRP A 53 -10.83 -43.76 9.76
N LYS A 54 -11.45 -44.23 8.66
CA LYS A 54 -12.11 -43.34 7.74
C LYS A 54 -13.44 -42.96 8.33
N GLY A 55 -13.89 -41.71 8.08
CA GLY A 55 -15.15 -41.26 8.60
C GLY A 55 -15.66 -40.17 7.71
N LEU A 56 -15.62 -40.39 6.37
CA LEU A 56 -16.10 -39.38 5.45
C LEU A 56 -17.51 -39.75 5.08
N ARG A 57 -17.70 -40.41 3.92
CA ARG A 57 -19.02 -40.78 3.50
C ARG A 57 -18.91 -41.99 2.61
N ILE A 58 -19.63 -43.07 2.96
CA ILE A 58 -19.59 -44.27 2.15
C ILE A 58 -20.88 -45.04 2.40
N THR A 59 -21.28 -45.89 1.43
CA THR A 59 -22.51 -46.66 1.54
C THR A 59 -22.12 -48.11 1.73
N VAL A 60 -22.76 -48.79 2.71
CA VAL A 60 -22.44 -50.17 2.99
C VAL A 60 -23.70 -51.00 2.84
N LYS A 61 -23.59 -52.14 2.13
CA LYS A 61 -24.73 -53.01 1.93
C LYS A 61 -24.45 -54.31 2.61
N LEU A 62 -25.51 -54.95 3.16
CA LEU A 62 -25.36 -56.20 3.85
C LEU A 62 -26.17 -57.20 3.11
N THR A 63 -25.54 -58.30 2.66
CA THR A 63 -26.23 -59.33 1.94
C THR A 63 -26.38 -60.48 2.88
N ILE A 64 -27.64 -60.93 3.09
CA ILE A 64 -27.89 -62.02 4.00
C ILE A 64 -28.15 -63.27 3.20
N GLN A 65 -27.36 -64.33 3.48
CA GLN A 65 -27.53 -65.58 2.77
C GLN A 65 -27.19 -66.70 3.75
N ASN A 66 -28.18 -67.60 3.98
CA ASN A 66 -27.96 -68.74 4.86
C ASN A 66 -27.55 -68.27 6.23
N ARG A 67 -28.17 -67.17 6.73
CA ARG A 67 -27.87 -66.66 8.07
C ARG A 67 -26.50 -66.04 8.11
N GLN A 68 -25.79 -66.01 6.96
CA GLN A 68 -24.47 -65.44 6.94
C GLN A 68 -24.60 -64.08 6.30
N ALA A 69 -23.85 -63.09 6.80
CA ALA A 69 -23.93 -61.76 6.25
C ALA A 69 -22.67 -61.48 5.49
N GLN A 70 -22.84 -61.02 4.23
CA GLN A 70 -21.72 -60.69 3.39
C GLN A 70 -21.66 -59.19 3.38
N ILE A 71 -20.45 -58.65 3.61
CA ILE A 71 -20.26 -57.22 3.66
C ILE A 71 -19.93 -56.73 2.28
N GLU A 72 -20.68 -55.72 1.79
CA GLU A 72 -20.43 -55.17 0.49
C GLU A 72 -20.23 -53.68 0.66
N VAL A 73 -19.14 -53.14 0.07
CA VAL A 73 -18.84 -51.73 0.20
C VAL A 73 -18.80 -51.14 -1.19
N VAL A 74 -19.49 -49.99 -1.38
CA VAL A 74 -19.54 -49.34 -2.67
C VAL A 74 -18.25 -48.58 -2.88
N PRO A 75 -17.55 -48.89 -3.96
CA PRO A 75 -16.31 -48.20 -4.30
C PRO A 75 -16.54 -46.80 -4.81
N SER A 76 -15.53 -45.92 -4.68
CA SER A 76 -15.67 -44.55 -5.14
C SER A 76 -14.49 -44.27 -6.03
N ALA A 77 -14.77 -43.76 -7.25
CA ALA A 77 -13.70 -43.45 -8.18
C ALA A 77 -13.66 -41.96 -8.39
N SER A 78 -13.54 -41.20 -7.27
CA SER A 78 -13.48 -39.76 -7.34
C SER A 78 -14.74 -39.23 -8.01
N ALA A 79 -15.90 -39.84 -7.70
CA ALA A 79 -17.13 -39.39 -8.31
C ALA A 79 -17.84 -38.50 -7.31
N LEU A 80 -17.24 -38.31 -6.12
CA LEU A 80 -17.86 -37.50 -5.11
C LEU A 80 -17.72 -36.06 -5.51
N ILE A 81 -18.71 -35.23 -5.09
CA ILE A 81 -18.70 -33.83 -5.42
C ILE A 81 -17.92 -33.10 -4.36
N ILE A 82 -16.89 -32.32 -4.78
CA ILE A 82 -16.08 -31.60 -3.83
C ILE A 82 -15.69 -30.29 -4.48
N LYS A 83 -15.53 -29.24 -3.65
CA LYS A 83 -15.16 -27.93 -4.16
C LYS A 83 -13.73 -27.95 -4.65
N ALA A 84 -12.86 -28.80 -4.05
CA ALA A 84 -11.49 -28.85 -4.49
C ALA A 84 -10.94 -30.19 -4.13
N LEU A 85 -10.02 -30.70 -4.99
CA LEU A 85 -9.41 -31.98 -4.77
C LEU A 85 -8.50 -31.90 -3.57
N LYS A 86 -7.74 -30.79 -3.43
CA LYS A 86 -6.82 -30.67 -2.33
C LYS A 86 -7.08 -29.35 -1.67
N GLU A 87 -6.77 -29.26 -0.35
CA GLU A 87 -6.99 -28.05 0.40
C GLU A 87 -5.77 -27.17 0.25
N PRO A 88 -5.97 -25.94 -0.18
CA PRO A 88 -4.90 -24.98 -0.35
C PRO A 88 -4.41 -24.37 0.93
N PRO A 89 -3.21 -23.86 0.96
CA PRO A 89 -2.65 -23.23 2.14
C PRO A 89 -3.23 -21.87 2.43
N ARG A 90 -3.17 -21.44 3.71
CA ARG A 90 -3.71 -20.15 4.09
C ARG A 90 -2.58 -19.19 4.28
N ASP A 91 -1.33 -19.60 3.95
CA ASP A 91 -0.21 -18.71 4.13
C ASP A 91 -0.01 -17.93 2.86
N ARG A 92 0.27 -16.61 2.99
CA ARG A 92 0.45 -15.77 1.85
C ARG A 92 1.70 -14.95 2.08
N LYS A 93 2.37 -14.53 0.98
CA LYS A 93 3.58 -13.76 1.09
C LYS A 93 3.43 -12.57 0.17
N LYS A 94 3.60 -11.36 0.73
CA LYS A 94 3.47 -10.15 -0.06
C LYS A 94 4.11 -9.04 0.70
N GLN A 95 4.87 -8.16 -0.01
CA GLN A 95 5.52 -7.05 0.67
C GLN A 95 5.19 -5.80 -0.10
N LYS A 96 4.86 -4.71 0.65
CA LYS A 96 4.51 -3.45 0.02
C LYS A 96 5.67 -2.51 0.19
N ASN A 97 6.81 -2.82 -0.47
CA ASN A 97 7.99 -2.00 -0.37
C ASN A 97 7.78 -0.71 -1.14
N ILE A 98 7.03 -0.78 -2.27
CA ILE A 98 6.80 0.37 -3.11
C ILE A 98 5.87 1.35 -2.42
N LYS A 99 5.21 0.90 -1.34
CA LYS A 99 4.28 1.76 -0.64
C LYS A 99 5.05 2.64 0.32
N HIS A 100 4.82 3.98 0.20
CA HIS A 100 5.44 4.94 1.08
C HIS A 100 6.93 4.95 0.83
N SER A 101 7.73 4.84 1.93
CA SER A 101 9.17 4.85 1.80
C SER A 101 9.62 3.43 1.76
N GLY A 102 10.40 3.06 0.72
CA GLY A 102 10.87 1.71 0.60
C GLY A 102 12.07 1.53 1.50
N ASN A 103 12.39 0.25 1.79
CA ASN A 103 13.51 -0.08 2.63
C ASN A 103 14.69 -0.32 1.71
N ILE A 104 15.71 0.57 1.79
CA ILE A 104 16.88 0.43 0.93
C ILE A 104 18.03 0.05 1.83
N THR A 105 18.73 -1.05 1.48
CA THR A 105 19.85 -1.50 2.27
C THR A 105 21.00 -1.75 1.33
N PHE A 106 22.23 -1.35 1.74
CA PHE A 106 23.42 -1.51 0.90
C PHE A 106 23.69 -2.97 0.65
N ASP A 107 23.23 -3.86 1.55
CA ASP A 107 23.46 -5.28 1.39
C ASP A 107 22.84 -5.74 0.09
N GLU A 108 21.65 -5.20 -0.25
CA GLU A 108 20.97 -5.60 -1.45
C GLU A 108 21.79 -5.17 -2.65
N ILE A 109 22.37 -3.96 -2.59
CA ILE A 109 23.14 -3.44 -3.70
C ILE A 109 24.33 -4.34 -3.93
N VAL A 110 25.04 -4.70 -2.83
CA VAL A 110 26.22 -5.56 -2.93
C VAL A 110 25.80 -6.91 -3.47
N ASN A 111 24.67 -7.44 -2.96
CA ASN A 111 24.21 -8.76 -3.36
C ASN A 111 23.96 -8.80 -4.86
N ILE A 112 23.28 -7.79 -5.41
CA ILE A 112 22.98 -7.80 -6.84
C ILE A 112 24.24 -7.56 -7.61
N ALA A 113 25.14 -6.71 -7.11
CA ALA A 113 26.34 -6.41 -7.83
C ALA A 113 27.13 -7.68 -8.04
N ARG A 114 27.18 -8.55 -7.02
CA ARG A 114 27.92 -9.78 -7.15
C ARG A 114 27.06 -10.84 -7.82
N GLN A 115 25.75 -10.87 -7.51
CA GLN A 115 24.89 -11.91 -8.06
C GLN A 115 24.66 -11.68 -9.53
N MET A 116 24.43 -10.42 -9.95
CA MET A 116 24.17 -10.13 -11.35
C MET A 116 22.85 -10.76 -11.71
N ARG A 117 21.79 -10.44 -10.93
CA ARG A 117 20.49 -11.02 -11.18
C ARG A 117 19.47 -9.94 -11.39
N HIS A 118 19.44 -8.91 -10.51
CA HIS A 118 18.46 -7.86 -10.64
C HIS A 118 19.00 -6.80 -11.56
N ARG A 119 19.37 -5.62 -11.01
CA ARG A 119 19.84 -4.55 -11.85
C ARG A 119 20.34 -3.46 -10.96
N SER A 120 21.50 -3.68 -10.30
CA SER A 120 22.06 -2.67 -9.44
C SER A 120 23.53 -2.64 -9.66
N LEU A 121 24.01 -3.33 -10.72
CA LEU A 121 25.43 -3.38 -11.00
C LEU A 121 25.90 -2.01 -11.44
N ALA A 122 25.08 -1.37 -12.30
CA ALA A 122 25.39 -0.06 -12.82
C ALA A 122 26.76 -0.06 -13.47
N ARG A 123 27.53 1.04 -13.24
CA ARG A 123 28.83 1.17 -13.84
C ARG A 123 29.90 0.84 -12.84
N GLU A 124 29.75 1.30 -11.60
CA GLU A 124 30.77 1.04 -10.60
C GLU A 124 30.09 0.69 -9.32
N LEU A 125 30.76 -0.16 -8.51
CA LEU A 125 30.22 -0.61 -7.24
C LEU A 125 30.04 0.56 -6.31
N SER A 126 31.07 1.42 -6.17
CA SER A 126 30.95 2.54 -5.27
C SER A 126 29.94 3.53 -5.79
N GLY A 127 29.95 3.78 -7.12
CA GLY A 127 29.05 4.75 -7.70
C GLY A 127 27.63 4.29 -7.59
N THR A 128 27.36 2.99 -7.82
CA THR A 128 25.99 2.51 -7.78
C THR A 128 25.50 2.51 -6.36
N ILE A 129 26.37 2.13 -5.39
CA ILE A 129 25.96 2.10 -4.02
C ILE A 129 25.61 3.50 -3.56
N LYS A 130 26.50 4.47 -3.85
CA LYS A 130 26.27 5.83 -3.45
C LYS A 130 25.01 6.37 -4.09
N GLU A 131 24.81 6.08 -5.40
CA GLU A 131 23.65 6.58 -6.11
C GLU A 131 22.37 6.05 -5.52
N ILE A 132 22.28 4.72 -5.33
CA ILE A 132 21.07 4.11 -4.81
C ILE A 132 20.85 4.53 -3.38
N LEU A 133 21.91 4.47 -2.56
CA LEU A 133 21.82 4.83 -1.17
C LEU A 133 21.42 6.28 -1.03
N GLY A 134 22.02 7.17 -1.86
CA GLY A 134 21.68 8.59 -1.79
C GLY A 134 20.24 8.77 -2.16
N THR A 135 19.77 7.99 -3.16
CA THR A 135 18.39 8.07 -3.60
C THR A 135 17.48 7.73 -2.46
N ALA A 136 17.87 6.75 -1.62
CA ALA A 136 17.05 6.34 -0.49
C ALA A 136 16.79 7.51 0.42
N GLN A 137 17.79 8.39 0.63
CA GLN A 137 17.58 9.52 1.52
C GLN A 137 16.46 10.38 0.99
N SER A 138 16.41 10.58 -0.34
CA SER A 138 15.39 11.42 -0.92
C SER A 138 14.02 10.84 -0.71
N VAL A 139 13.88 9.49 -0.80
CA VAL A 139 12.57 8.88 -0.66
C VAL A 139 12.27 8.61 0.79
N GLY A 140 13.28 8.71 1.67
CA GLY A 140 13.04 8.43 3.07
C GLY A 140 12.72 9.72 3.77
N CYS A 141 11.50 10.24 3.56
CA CYS A 141 11.09 11.48 4.18
C CYS A 141 11.05 11.27 5.67
N ASN A 142 10.54 10.10 6.12
CA ASN A 142 10.43 9.84 7.54
C ASN A 142 11.62 9.04 7.99
N VAL A 143 12.68 8.95 7.15
CA VAL A 143 13.85 8.19 7.53
C VAL A 143 14.97 9.17 7.75
N ASP A 144 15.81 9.40 6.70
CA ASP A 144 16.93 10.33 6.81
C ASP A 144 17.82 9.94 7.96
N GLY A 145 18.07 8.64 8.15
CA GLY A 145 18.93 8.23 9.23
C GLY A 145 19.60 6.95 8.83
N ARG A 146 20.00 6.85 7.54
CA ARG A 146 20.64 5.63 7.08
C ARG A 146 22.13 5.83 7.15
N HIS A 147 22.58 7.06 7.49
CA HIS A 147 23.99 7.36 7.60
C HIS A 147 24.71 6.95 6.33
N PRO A 148 24.39 7.61 5.23
CA PRO A 148 24.99 7.29 3.94
C PRO A 148 26.49 7.39 3.93
N HIS A 149 27.04 8.40 4.64
CA HIS A 149 28.47 8.60 4.68
C HIS A 149 29.12 7.43 5.36
N ASP A 150 28.50 6.92 6.45
CA ASP A 150 29.10 5.82 7.17
C ASP A 150 29.03 4.57 6.33
N ILE A 151 27.89 4.38 5.63
CA ILE A 151 27.71 3.19 4.81
C ILE A 151 28.74 3.11 3.71
N ILE A 152 28.90 4.19 2.93
CA ILE A 152 29.86 4.17 1.84
C ILE A 152 31.25 4.10 2.37
N ASP A 153 31.52 4.74 3.52
CA ASP A 153 32.86 4.70 4.07
C ASP A 153 33.18 3.28 4.45
N ASP A 154 32.21 2.54 5.05
CA ASP A 154 32.47 1.18 5.45
C ASP A 154 32.57 0.30 4.23
N ILE A 155 31.68 0.51 3.23
CA ILE A 155 31.72 -0.29 2.03
C ILE A 155 33.01 -0.08 1.31
N ASN A 156 33.41 1.20 1.15
CA ASN A 156 34.64 1.52 0.48
C ASN A 156 35.79 0.89 1.22
N SER A 157 35.71 0.88 2.58
CA SER A 157 36.78 0.32 3.37
C SER A 157 36.91 -1.15 3.02
N GLY A 158 35.77 -1.86 2.87
CA GLY A 158 35.86 -3.27 2.52
C GLY A 158 34.66 -3.99 3.07
N ALA A 159 33.43 -3.57 2.67
CA ALA A 159 32.25 -4.24 3.17
C ALA A 159 32.16 -5.61 2.56
N VAL A 160 32.53 -5.73 1.27
CA VAL A 160 32.41 -6.97 0.59
C VAL A 160 33.74 -7.36 0.01
N GLU A 161 34.06 -8.69 0.04
CA GLU A 161 35.31 -9.18 -0.48
C GLU A 161 34.99 -10.11 -1.61
N CYS A 162 35.45 -11.39 -1.51
CA CYS A 162 35.18 -12.34 -2.56
C CYS A 162 33.69 -12.63 -2.63
N PRO A 163 33.07 -13.05 -1.52
CA PRO A 163 31.64 -13.30 -1.52
C PRO A 163 30.88 -12.02 -1.36
N ALA A 164 29.56 -12.04 -1.66
CA ALA A 164 28.77 -10.83 -1.55
C ALA A 164 28.56 -10.49 -0.10
N SER A 165 28.86 -11.44 0.80
CA SER A 165 28.67 -11.17 2.21
C SER A 165 29.50 -12.21 2.99
N MET A 1 0.39 23.28 -17.48
CA MET A 1 -0.95 23.29 -16.82
C MET A 1 -1.28 24.67 -16.26
N PRO A 2 -0.47 25.20 -15.37
CA PRO A 2 -0.72 26.52 -14.78
C PRO A 2 -0.37 27.64 -15.73
N PRO A 3 -0.98 28.80 -15.53
CA PRO A 3 -0.71 29.98 -16.37
C PRO A 3 0.66 30.55 -16.13
N LYS A 4 1.23 31.21 -17.17
CA LYS A 4 2.55 31.77 -17.05
C LYS A 4 2.52 33.17 -17.59
N PHE A 5 3.45 34.02 -17.11
CA PHE A 5 3.49 35.40 -17.51
C PHE A 5 4.78 35.64 -18.23
N ASP A 6 4.71 36.26 -19.43
CA ASP A 6 5.91 36.54 -20.18
C ASP A 6 5.54 37.36 -21.40
N PRO A 7 4.59 36.90 -22.20
CA PRO A 7 4.17 37.63 -23.40
C PRO A 7 3.65 39.01 -23.12
N ASN A 8 2.95 39.17 -21.99
CA ASN A 8 2.39 40.46 -21.65
C ASN A 8 3.02 40.91 -20.37
N GLU A 9 3.40 42.20 -20.32
CA GLU A 9 4.02 42.78 -19.15
C GLU A 9 2.96 43.05 -18.11
N ILE A 10 3.40 43.20 -16.83
CA ILE A 10 2.48 43.45 -15.74
C ILE A 10 2.83 44.78 -15.13
N LYS A 11 1.79 45.65 -14.92
CA LYS A 11 2.03 46.95 -14.34
C LYS A 11 1.17 47.08 -13.10
N VAL A 12 1.71 47.76 -12.05
CA VAL A 12 0.99 47.93 -10.80
C VAL A 12 0.78 49.41 -10.60
N VAL A 13 -0.49 49.83 -10.32
CA VAL A 13 -0.79 51.24 -10.13
C VAL A 13 -1.45 51.38 -8.78
N TYR A 14 -1.11 52.47 -8.06
CA TYR A 14 -1.64 52.69 -6.74
C TYR A 14 -2.67 53.78 -6.84
N LEU A 15 -3.89 53.52 -6.32
CA LEU A 15 -4.97 54.48 -6.41
C LEU A 15 -5.43 54.81 -5.01
N ARG A 16 -5.45 56.12 -4.67
CA ARG A 16 -5.85 56.54 -3.34
C ARG A 16 -7.05 57.45 -3.50
N CYS A 17 -8.28 56.86 -3.57
CA CYS A 17 -9.47 57.67 -3.73
C CYS A 17 -10.67 56.78 -3.52
N THR A 18 -11.79 57.35 -3.02
CA THR A 18 -12.99 56.56 -2.80
C THR A 18 -14.18 57.37 -3.23
N GLY A 19 -15.24 56.71 -3.74
CA GLY A 19 -16.41 57.43 -4.18
C GLY A 19 -16.98 56.72 -5.36
N GLY A 20 -17.53 57.48 -6.34
CA GLY A 20 -18.11 56.87 -7.52
C GLY A 20 -18.11 57.89 -8.61
N GLU A 21 -18.50 57.45 -9.85
CA GLU A 21 -18.55 58.33 -11.00
C GLU A 21 -17.18 58.91 -11.23
N VAL A 22 -16.20 58.03 -11.53
CA VAL A 22 -14.85 58.47 -11.74
C VAL A 22 -14.36 57.87 -13.03
N GLY A 23 -13.56 58.66 -13.80
CA GLY A 23 -13.04 58.17 -15.06
C GLY A 23 -11.64 58.69 -15.22
N ALA A 24 -10.64 57.78 -15.23
CA ALA A 24 -9.24 58.14 -15.39
C ALA A 24 -8.83 59.08 -14.28
N THR A 25 -8.38 58.48 -13.15
CA THR A 25 -7.95 59.26 -12.01
C THR A 25 -6.58 59.85 -12.28
N SER A 26 -5.89 60.28 -11.19
CA SER A 26 -4.60 60.92 -11.31
C SER A 26 -3.56 60.00 -11.89
N ALA A 27 -3.57 58.71 -11.53
CA ALA A 27 -2.55 57.81 -12.04
C ALA A 27 -2.99 57.23 -13.38
N LEU A 28 -4.30 57.00 -13.51
CA LEU A 28 -4.83 56.40 -14.71
C LEU A 28 -4.65 57.31 -15.90
N ALA A 29 -4.80 58.63 -15.73
CA ALA A 29 -4.67 59.52 -16.88
C ALA A 29 -3.29 59.39 -17.51
N PRO A 30 -2.23 59.63 -16.76
CA PRO A 30 -0.87 59.52 -17.28
C PRO A 30 -0.50 58.16 -17.77
N LYS A 31 -1.10 57.10 -17.18
CA LYS A 31 -0.76 55.75 -17.58
C LYS A 31 -1.56 55.34 -18.79
N ILE A 32 -2.90 55.45 -18.70
CA ILE A 32 -3.79 55.03 -19.76
C ILE A 32 -3.55 55.83 -21.02
N GLY A 33 -3.28 57.16 -20.90
CA GLY A 33 -3.08 58.00 -22.06
C GLY A 33 -2.16 57.37 -23.07
N PRO A 34 -0.89 57.25 -22.71
CA PRO A 34 0.11 56.66 -23.60
C PRO A 34 -0.07 55.18 -23.80
N LEU A 35 -0.69 54.50 -22.80
CA LEU A 35 -0.89 53.08 -22.91
C LEU A 35 -1.80 52.80 -24.09
N GLY A 36 -2.91 53.58 -24.21
CA GLY A 36 -3.80 53.39 -25.35
C GLY A 36 -4.93 52.49 -25.00
N LEU A 37 -5.99 53.03 -24.34
CA LEU A 37 -7.14 52.23 -24.02
C LEU A 37 -8.25 53.15 -23.60
N SER A 38 -9.43 52.56 -23.25
CA SER A 38 -10.57 53.37 -22.86
C SER A 38 -10.53 53.59 -21.36
N PRO A 39 -10.36 54.85 -20.95
CA PRO A 39 -10.33 55.21 -19.53
C PRO A 39 -11.64 55.01 -18.82
N LYS A 40 -12.75 55.17 -19.58
CA LYS A 40 -14.08 55.06 -19.01
C LYS A 40 -14.29 53.67 -18.48
N LYS A 41 -13.81 52.67 -19.24
CA LYS A 41 -13.97 51.29 -18.85
C LYS A 41 -13.27 51.04 -17.54
N VAL A 42 -12.03 51.56 -17.42
CA VAL A 42 -11.24 51.35 -16.22
C VAL A 42 -11.92 52.01 -15.04
N GLY A 43 -12.35 53.27 -15.19
CA GLY A 43 -12.97 53.98 -14.09
C GLY A 43 -14.24 53.31 -13.66
N ASP A 44 -15.06 52.87 -14.64
CA ASP A 44 -16.32 52.24 -14.32
C ASP A 44 -16.08 50.95 -13.57
N ASP A 45 -15.12 50.13 -14.06
CA ASP A 45 -14.85 48.86 -13.42
C ASP A 45 -14.32 49.08 -12.02
N ILE A 46 -13.40 50.07 -11.86
CA ILE A 46 -12.83 50.34 -10.56
C ILE A 46 -13.89 50.82 -9.60
N ALA A 47 -14.74 51.77 -10.04
CA ALA A 47 -15.75 52.33 -9.18
C ALA A 47 -16.74 51.27 -8.77
N LYS A 48 -17.15 50.40 -9.71
CA LYS A 48 -18.11 49.37 -9.42
C LYS A 48 -17.53 48.36 -8.45
N ALA A 49 -16.27 47.95 -8.71
CA ALA A 49 -15.63 46.96 -7.88
C ALA A 49 -15.42 47.49 -6.47
N THR A 50 -15.08 48.78 -6.34
CA THR A 50 -14.81 49.34 -5.03
C THR A 50 -15.94 50.25 -4.64
N GLY A 51 -17.19 49.92 -5.05
CA GLY A 51 -18.33 50.76 -4.73
C GLY A 51 -18.75 50.55 -3.31
N ASP A 52 -17.84 50.88 -2.35
CA ASP A 52 -18.16 50.73 -0.95
C ASP A 52 -18.84 52.00 -0.49
N TRP A 53 -19.55 51.91 0.66
CA TRP A 53 -20.27 53.05 1.19
C TRP A 53 -19.33 53.84 2.06
N LYS A 54 -18.17 54.23 1.50
CA LYS A 54 -17.20 54.98 2.27
C LYS A 54 -16.86 56.21 1.47
N GLY A 55 -16.71 57.36 2.16
CA GLY A 55 -16.38 58.59 1.48
C GLY A 55 -15.28 59.27 2.22
N LEU A 56 -14.49 58.50 3.01
CA LEU A 56 -13.41 59.11 3.76
C LEU A 56 -12.12 58.83 3.05
N ARG A 57 -11.60 57.59 3.16
CA ARG A 57 -10.34 57.26 2.52
C ARG A 57 -10.28 55.76 2.40
N ILE A 58 -9.85 55.25 1.21
CA ILE A 58 -9.73 53.82 1.02
C ILE A 58 -8.54 53.57 0.14
N THR A 59 -7.92 52.38 0.28
CA THR A 59 -6.75 52.02 -0.49
C THR A 59 -7.19 51.13 -1.63
N VAL A 60 -6.88 51.54 -2.89
CA VAL A 60 -7.28 50.76 -4.05
C VAL A 60 -6.05 50.50 -4.89
N LYS A 61 -5.85 49.23 -5.32
CA LYS A 61 -4.70 48.89 -6.12
C LYS A 61 -5.20 48.21 -7.36
N LEU A 62 -4.71 48.64 -8.55
CA LEU A 62 -5.16 48.04 -9.79
C LEU A 62 -3.95 47.58 -10.56
N THR A 63 -4.12 46.45 -11.30
CA THR A 63 -3.04 45.86 -12.07
C THR A 63 -3.42 45.97 -13.53
N ILE A 64 -2.46 46.43 -14.39
CA ILE A 64 -2.74 46.60 -15.80
C ILE A 64 -2.00 45.55 -16.57
N GLN A 65 -2.74 44.80 -17.44
CA GLN A 65 -2.13 43.77 -18.24
C GLN A 65 -2.89 43.65 -19.54
N ASN A 66 -2.18 43.83 -20.69
CA ASN A 66 -2.80 43.70 -22.00
C ASN A 66 -3.98 44.63 -22.13
N ARG A 67 -3.83 45.90 -21.68
CA ARG A 67 -4.89 46.88 -21.77
C ARG A 67 -6.09 46.47 -20.94
N GLN A 68 -5.89 45.54 -19.99
CA GLN A 68 -6.99 45.11 -19.15
C GLN A 68 -6.59 45.46 -17.75
N ALA A 69 -7.56 45.93 -16.93
CA ALA A 69 -7.24 46.33 -15.58
C ALA A 69 -7.92 45.40 -14.62
N GLN A 70 -7.17 44.94 -13.60
CA GLN A 70 -7.72 44.05 -12.60
C GLN A 70 -7.83 44.84 -11.32
N ILE A 71 -8.95 44.66 -10.59
CA ILE A 71 -9.19 45.42 -9.37
C ILE A 71 -8.89 44.55 -8.18
N GLU A 72 -7.97 45.03 -7.30
CA GLU A 72 -7.60 44.29 -6.11
C GLU A 72 -8.17 45.05 -4.94
N VAL A 73 -8.92 44.34 -4.04
CA VAL A 73 -9.54 45.00 -2.90
C VAL A 73 -8.90 44.45 -1.65
N VAL A 74 -8.43 45.37 -0.75
CA VAL A 74 -7.79 44.98 0.50
C VAL A 74 -8.79 44.28 1.41
N PRO A 75 -9.90 44.92 1.75
CA PRO A 75 -10.91 44.31 2.63
C PRO A 75 -11.65 43.17 1.97
N SER A 76 -12.12 42.19 2.78
CA SER A 76 -12.84 41.07 2.21
C SER A 76 -13.69 40.45 3.29
N ALA A 77 -14.63 39.56 2.89
CA ALA A 77 -15.49 38.92 3.87
C ALA A 77 -15.84 37.55 3.35
N SER A 78 -16.11 36.60 4.28
CA SER A 78 -16.42 35.24 3.89
C SER A 78 -17.91 35.14 3.67
N ALA A 79 -18.43 35.86 2.66
CA ALA A 79 -19.84 35.82 2.37
C ALA A 79 -20.24 34.46 1.83
N LEU A 80 -19.37 33.85 0.99
CA LEU A 80 -19.70 32.56 0.41
C LEU A 80 -18.96 31.49 1.19
N ILE A 81 -19.59 30.30 1.35
CA ILE A 81 -18.97 29.22 2.08
C ILE A 81 -19.28 27.93 1.37
N ILE A 82 -18.30 26.98 1.33
CA ILE A 82 -18.52 25.71 0.67
C ILE A 82 -17.74 24.67 1.44
N LYS A 83 -18.30 23.44 1.56
CA LYS A 83 -17.63 22.37 2.29
C LYS A 83 -17.97 21.07 1.61
N ALA A 84 -16.94 20.18 1.41
CA ALA A 84 -17.18 18.91 0.76
C ALA A 84 -16.16 17.93 1.28
N LEU A 85 -16.50 16.61 1.23
CA LEU A 85 -15.58 15.59 1.71
C LEU A 85 -15.29 14.63 0.57
N LYS A 86 -14.06 14.06 0.58
CA LYS A 86 -13.63 13.16 -0.47
C LYS A 86 -13.62 11.76 0.09
N GLU A 87 -14.31 10.82 -0.60
CA GLU A 87 -14.39 9.45 -0.16
C GLU A 87 -13.10 8.72 -0.56
N PRO A 88 -12.80 7.64 0.14
CA PRO A 88 -11.61 6.84 -0.12
C PRO A 88 -11.74 5.97 -1.34
N PRO A 89 -10.62 5.56 -1.92
CA PRO A 89 -10.63 4.70 -3.10
C PRO A 89 -10.99 3.28 -2.78
N ARG A 90 -11.61 2.59 -3.77
CA ARG A 90 -12.02 1.22 -3.57
C ARG A 90 -10.81 0.33 -3.43
N ASP A 91 -9.76 0.58 -4.23
CA ASP A 91 -8.58 -0.27 -4.18
C ASP A 91 -7.51 0.44 -3.39
N ARG A 92 -6.88 -0.30 -2.45
CA ARG A 92 -5.84 0.28 -1.62
C ARG A 92 -4.89 -0.83 -1.25
N LYS A 93 -3.56 -0.59 -1.40
CA LYS A 93 -2.58 -1.60 -1.07
C LYS A 93 -1.49 -0.94 -0.26
N LYS A 94 -0.95 -1.68 0.74
CA LYS A 94 0.08 -1.14 1.59
C LYS A 94 1.42 -1.67 1.14
N GLN A 95 1.41 -2.48 0.06
CA GLN A 95 2.63 -3.08 -0.43
C GLN A 95 3.55 -2.00 -0.96
N LYS A 96 2.99 -0.96 -1.62
CA LYS A 96 3.83 0.08 -2.17
C LYS A 96 3.29 1.40 -1.70
N ASN A 97 4.18 2.21 -1.06
CA ASN A 97 3.77 3.50 -0.56
C ASN A 97 3.43 4.40 -1.73
N ILE A 98 4.25 4.36 -2.80
CA ILE A 98 3.97 5.18 -3.95
C ILE A 98 4.82 4.70 -5.09
N LYS A 99 4.14 4.28 -6.17
CA LYS A 99 4.82 3.83 -7.37
C LYS A 99 5.68 2.62 -7.04
N HIS A 100 6.99 2.70 -7.38
CA HIS A 100 7.90 1.60 -7.13
C HIS A 100 8.80 1.98 -5.99
N SER A 101 8.42 2.99 -5.20
CA SER A 101 9.24 3.43 -4.08
C SER A 101 9.06 2.45 -2.95
N GLY A 102 10.11 2.29 -2.11
CA GLY A 102 10.01 1.37 -1.00
C GLY A 102 11.26 1.48 -0.16
N ASN A 103 11.40 0.55 0.82
CA ASN A 103 12.53 0.56 1.72
C ASN A 103 13.75 0.12 0.96
N ILE A 104 14.91 0.77 1.24
CA ILE A 104 16.15 0.46 0.55
C ILE A 104 17.20 0.15 1.58
N THR A 105 17.93 -0.99 1.36
CA THR A 105 18.96 -1.40 2.30
C THR A 105 20.22 -1.63 1.51
N PHE A 106 21.39 -1.21 2.09
CA PHE A 106 22.69 -1.34 1.43
C PHE A 106 22.99 -2.78 1.11
N ASP A 107 22.36 -3.72 1.84
CA ASP A 107 22.60 -5.14 1.62
C ASP A 107 22.21 -5.50 0.22
N GLU A 108 21.13 -4.88 -0.31
CA GLU A 108 20.66 -5.18 -1.64
C GLU A 108 21.71 -4.78 -2.64
N ILE A 109 22.35 -3.61 -2.41
CA ILE A 109 23.36 -3.11 -3.32
C ILE A 109 24.55 -4.04 -3.29
N VAL A 110 24.91 -4.55 -2.10
CA VAL A 110 26.03 -5.44 -1.98
C VAL A 110 25.73 -6.72 -2.73
N ASN A 111 24.47 -7.21 -2.63
CA ASN A 111 24.11 -8.46 -3.26
C ASN A 111 24.22 -8.37 -4.75
N ILE A 112 23.77 -7.25 -5.34
CA ILE A 112 23.82 -7.11 -6.78
C ILE A 112 25.23 -6.81 -7.21
N ALA A 113 26.03 -6.16 -6.34
CA ALA A 113 27.38 -5.85 -6.70
C ALA A 113 28.18 -7.11 -6.80
N ARG A 114 27.99 -8.01 -5.82
CA ARG A 114 28.73 -9.25 -5.80
C ARG A 114 28.25 -10.17 -6.88
N GLN A 115 26.92 -10.19 -7.14
CA GLN A 115 26.39 -11.09 -8.14
C GLN A 115 26.52 -10.49 -9.52
N MET A 116 26.78 -9.17 -9.61
CA MET A 116 26.93 -8.51 -10.89
C MET A 116 25.63 -8.61 -11.65
N ARG A 117 24.51 -8.23 -10.99
CA ARG A 117 23.22 -8.30 -11.64
C ARG A 117 22.89 -6.95 -12.19
N HIS A 118 22.06 -6.94 -13.27
CA HIS A 118 21.70 -5.71 -13.92
C HIS A 118 20.50 -5.12 -13.22
N ARG A 119 20.71 -4.54 -12.01
CA ARG A 119 19.61 -3.95 -11.30
C ARG A 119 20.10 -2.67 -10.67
N SER A 120 21.01 -2.79 -9.68
CA SER A 120 21.52 -1.61 -9.00
C SER A 120 22.99 -1.56 -9.26
N LEU A 121 23.41 -2.02 -10.46
CA LEU A 121 24.81 -2.02 -10.79
C LEU A 121 24.99 -0.99 -11.88
N ALA A 122 24.96 0.30 -11.50
CA ALA A 122 25.12 1.36 -12.46
C ALA A 122 26.48 1.28 -13.12
N ARG A 123 27.55 1.08 -12.32
CA ARG A 123 28.89 1.02 -12.89
C ARG A 123 29.84 0.76 -11.78
N GLU A 124 30.31 1.84 -11.14
CA GLU A 124 31.25 1.70 -10.06
C GLU A 124 30.49 1.42 -8.80
N LEU A 125 31.11 0.62 -7.90
CA LEU A 125 30.47 0.24 -6.67
C LEU A 125 30.21 1.47 -5.84
N SER A 126 31.21 2.37 -5.73
CA SER A 126 31.05 3.55 -4.91
C SER A 126 29.93 4.42 -5.44
N GLY A 127 29.89 4.63 -6.77
CA GLY A 127 28.89 5.49 -7.35
C GLY A 127 27.52 4.87 -7.24
N THR A 128 27.43 3.54 -7.45
CA THR A 128 26.14 2.90 -7.42
C THR A 128 25.63 2.83 -6.01
N ILE A 129 26.51 2.54 -5.02
CA ILE A 129 26.08 2.43 -3.65
C ILE A 129 25.59 3.77 -3.18
N LYS A 130 26.34 4.84 -3.48
CA LYS A 130 25.98 6.18 -3.06
C LYS A 130 24.69 6.59 -3.73
N GLU A 131 24.53 6.28 -5.03
CA GLU A 131 23.36 6.68 -5.77
C GLU A 131 22.11 6.06 -5.18
N ILE A 132 22.14 4.74 -4.90
CA ILE A 132 20.98 4.07 -4.38
C ILE A 132 20.70 4.55 -2.98
N LEU A 133 21.73 4.65 -2.13
CA LEU A 133 21.53 5.10 -0.77
C LEU A 133 21.00 6.52 -0.77
N GLY A 134 21.53 7.39 -1.67
CA GLY A 134 21.07 8.77 -1.73
C GLY A 134 19.61 8.78 -2.11
N THR A 135 19.23 7.88 -3.04
CA THR A 135 17.86 7.80 -3.50
C THR A 135 16.98 7.44 -2.34
N ALA A 136 17.46 6.55 -1.44
CA ALA A 136 16.69 6.12 -0.30
C ALA A 136 16.32 7.30 0.56
N GLN A 137 17.26 8.25 0.75
CA GLN A 137 16.99 9.40 1.56
C GLN A 137 15.93 10.26 0.90
N SER A 138 16.00 10.38 -0.44
CA SER A 138 15.06 11.21 -1.18
C SER A 138 13.66 10.66 -1.07
N VAL A 139 13.49 9.31 -1.14
CA VAL A 139 12.16 8.74 -1.10
C VAL A 139 11.51 8.99 0.25
N GLY A 140 12.32 9.20 1.32
CA GLY A 140 11.74 9.45 2.62
C GLY A 140 11.21 8.18 3.22
N CYS A 141 11.68 7.02 2.73
CA CYS A 141 11.20 5.75 3.25
C CYS A 141 12.07 5.35 4.41
N ASN A 142 11.73 4.22 5.05
CA ASN A 142 12.48 3.75 6.20
C ASN A 142 13.82 3.25 5.72
N VAL A 143 14.91 3.76 6.33
CA VAL A 143 16.24 3.36 5.95
C VAL A 143 16.99 2.99 7.19
N ASP A 144 17.73 1.86 7.13
CA ASP A 144 18.49 1.40 8.28
C ASP A 144 19.80 2.14 8.34
N GLY A 145 19.76 3.48 8.47
CA GLY A 145 20.96 4.25 8.55
C GLY A 145 21.05 5.10 7.33
N ARG A 146 20.70 6.40 7.48
CA ARG A 146 20.73 7.30 6.35
C ARG A 146 22.08 7.98 6.31
N HIS A 147 23.17 7.17 6.21
CA HIS A 147 24.50 7.74 6.17
C HIS A 147 25.24 7.12 5.02
N PRO A 148 24.99 7.62 3.81
CA PRO A 148 25.63 7.10 2.61
C PRO A 148 27.13 7.13 2.65
N HIS A 149 27.70 8.20 3.22
CA HIS A 149 29.13 8.36 3.29
C HIS A 149 29.74 7.22 4.06
N ASP A 150 29.18 6.91 5.25
CA ASP A 150 29.71 5.84 6.06
C ASP A 150 29.46 4.51 5.38
N ILE A 151 28.28 4.35 4.76
CA ILE A 151 27.93 3.11 4.10
C ILE A 151 28.87 2.83 2.96
N ILE A 152 29.11 3.81 2.08
CA ILE A 152 29.99 3.58 0.95
C ILE A 152 31.40 3.34 1.42
N ASP A 153 31.85 4.06 2.47
CA ASP A 153 33.19 3.90 2.95
C ASP A 153 33.35 2.52 3.55
N ASP A 154 32.33 2.07 4.30
CA ASP A 154 32.38 0.78 4.95
C ASP A 154 32.36 -0.32 3.91
N ILE A 155 31.46 -0.22 2.91
CA ILE A 155 31.35 -1.25 1.91
C ILE A 155 32.64 -1.36 1.14
N ASN A 156 33.17 -0.21 0.67
CA ASN A 156 34.38 -0.20 -0.12
C ASN A 156 35.51 -0.73 0.72
N SER A 157 35.54 -0.39 2.02
CA SER A 157 36.60 -0.85 2.89
C SER A 157 36.57 -2.36 2.93
N GLY A 158 35.36 -2.97 3.02
CA GLY A 158 35.29 -4.40 3.03
C GLY A 158 34.08 -4.78 3.83
N ALA A 159 32.87 -4.49 3.30
CA ALA A 159 31.67 -4.83 4.04
C ALA A 159 31.56 -6.33 4.16
N VAL A 160 31.83 -7.07 3.06
CA VAL A 160 31.73 -8.51 3.12
C VAL A 160 32.90 -9.09 2.39
N GLU A 161 33.17 -10.41 2.61
CA GLU A 161 34.30 -11.05 1.99
C GLU A 161 33.85 -11.71 0.71
N CYS A 162 34.01 -13.05 0.62
CA CYS A 162 33.65 -13.78 -0.56
C CYS A 162 32.15 -13.68 -0.80
N PRO A 163 31.33 -13.99 0.20
CA PRO A 163 29.89 -13.89 0.03
C PRO A 163 29.40 -12.48 0.07
N ALA A 164 28.14 -12.27 -0.36
CA ALA A 164 27.58 -10.93 -0.37
C ALA A 164 27.08 -10.58 1.00
N SER A 165 27.30 -11.47 1.98
CA SER A 165 26.84 -11.18 3.32
C SER A 165 27.57 -12.12 4.27
N MET A 1 -64.04 -9.02 6.96
CA MET A 1 -64.16 -7.75 7.71
C MET A 1 -65.02 -7.93 8.93
N PRO A 2 -64.40 -8.28 10.03
CA PRO A 2 -65.10 -8.50 11.28
C PRO A 2 -65.83 -7.27 11.78
N PRO A 3 -66.97 -7.45 12.43
CA PRO A 3 -67.75 -6.33 12.95
C PRO A 3 -66.99 -5.46 13.90
N LYS A 4 -66.08 -6.06 14.71
CA LYS A 4 -65.32 -5.31 15.66
C LYS A 4 -63.87 -5.55 15.39
N PHE A 5 -63.04 -4.55 15.72
CA PHE A 5 -61.62 -4.65 15.47
C PHE A 5 -60.89 -4.33 16.75
N ASP A 6 -61.45 -4.78 17.90
CA ASP A 6 -60.81 -4.52 19.17
C ASP A 6 -60.52 -5.85 19.83
N PRO A 7 -59.27 -6.27 19.79
CA PRO A 7 -58.85 -7.53 20.41
C PRO A 7 -59.08 -7.56 21.90
N ASN A 8 -59.34 -8.78 22.43
CA ASN A 8 -59.59 -8.94 23.84
C ASN A 8 -58.35 -8.60 24.63
N GLU A 9 -57.17 -9.10 24.20
CA GLU A 9 -55.97 -8.82 24.95
C GLU A 9 -54.80 -8.90 23.99
N ILE A 10 -53.90 -7.89 24.07
CA ILE A 10 -52.73 -7.86 23.19
C ILE A 10 -51.51 -7.85 24.06
N LYS A 11 -50.51 -8.69 23.74
CA LYS A 11 -49.30 -8.75 24.54
C LYS A 11 -48.13 -8.40 23.66
N VAL A 12 -47.09 -7.75 24.25
CA VAL A 12 -45.92 -7.33 23.51
C VAL A 12 -44.75 -8.09 24.04
N VAL A 13 -43.93 -8.68 23.12
CA VAL A 13 -42.78 -9.47 23.52
C VAL A 13 -41.57 -8.87 22.87
N TYR A 14 -40.44 -8.83 23.61
CA TYR A 14 -39.21 -8.26 23.11
C TYR A 14 -38.26 -9.41 22.88
N LEU A 15 -37.62 -9.44 21.69
CA LEU A 15 -36.71 -10.51 21.36
C LEU A 15 -35.38 -9.91 20.95
N ARG A 16 -34.28 -10.40 21.58
CA ARG A 16 -32.96 -9.90 21.26
C ARG A 16 -32.17 -11.06 20.74
N CYS A 17 -32.26 -11.33 19.42
CA CYS A 17 -31.54 -12.43 18.83
C CYS A 17 -31.45 -12.15 17.37
N THR A 18 -30.28 -12.41 16.75
CA THR A 18 -30.10 -12.16 15.35
C THR A 18 -29.62 -13.43 14.73
N GLY A 19 -30.35 -13.94 13.70
CA GLY A 19 -29.95 -15.16 13.06
C GLY A 19 -31.03 -15.58 12.12
N GLY A 20 -30.81 -16.72 11.42
CA GLY A 20 -31.79 -17.21 10.48
C GLY A 20 -32.47 -18.42 11.05
N GLU A 21 -32.26 -18.72 12.34
CA GLU A 21 -32.87 -19.87 12.93
C GLU A 21 -33.00 -19.59 14.40
N VAL A 22 -34.22 -19.73 14.94
CA VAL A 22 -34.42 -19.47 16.34
C VAL A 22 -35.63 -20.26 16.78
N GLY A 23 -35.58 -20.85 18.01
CA GLY A 23 -36.68 -21.64 18.50
C GLY A 23 -37.38 -20.88 19.58
N ALA A 24 -38.29 -19.97 19.20
CA ALA A 24 -39.06 -19.19 20.14
C ALA A 24 -38.15 -18.20 20.83
N THR A 25 -38.66 -17.58 21.92
CA THR A 25 -37.88 -16.59 22.64
C THR A 25 -38.01 -16.86 24.11
N SER A 26 -37.30 -16.04 24.91
CA SER A 26 -37.32 -16.20 26.35
C SER A 26 -38.69 -15.90 26.89
N ALA A 27 -39.41 -14.89 26.33
CA ALA A 27 -40.73 -14.57 26.84
C ALA A 27 -41.74 -15.58 26.34
N LEU A 28 -41.50 -16.12 25.13
CA LEU A 28 -42.40 -17.07 24.54
C LEU A 28 -42.39 -18.36 25.33
N ALA A 29 -41.29 -18.70 26.02
CA ALA A 29 -41.26 -19.94 26.76
C ALA A 29 -42.37 -19.95 27.82
N PRO A 30 -42.35 -19.02 28.77
CA PRO A 30 -43.36 -18.97 29.82
C PRO A 30 -44.70 -18.49 29.33
N LYS A 31 -44.76 -17.88 28.13
CA LYS A 31 -46.02 -17.39 27.62
C LYS A 31 -46.69 -18.50 26.82
N ILE A 32 -45.97 -19.05 25.82
CA ILE A 32 -46.51 -20.07 24.96
C ILE A 32 -46.80 -21.33 25.74
N GLY A 33 -45.93 -21.70 26.72
CA GLY A 33 -46.13 -22.93 27.48
C GLY A 33 -47.56 -23.02 27.97
N PRO A 34 -47.93 -22.13 28.87
CA PRO A 34 -49.29 -22.09 29.41
C PRO A 34 -50.35 -21.84 28.37
N LEU A 35 -50.03 -21.06 27.31
CA LEU A 35 -51.00 -20.79 26.27
C LEU A 35 -51.42 -22.10 25.64
N GLY A 36 -50.44 -22.98 25.33
CA GLY A 36 -50.77 -24.26 24.76
C GLY A 36 -50.74 -24.17 23.26
N LEU A 37 -49.57 -23.79 22.69
CA LEU A 37 -49.47 -23.72 21.25
C LEU A 37 -48.08 -24.17 20.88
N SER A 38 -47.81 -24.30 19.56
CA SER A 38 -46.52 -24.76 19.11
C SER A 38 -45.59 -23.56 18.98
N PRO A 39 -44.52 -23.55 19.76
CA PRO A 39 -43.55 -22.47 19.72
C PRO A 39 -42.65 -22.52 18.51
N LYS A 40 -42.54 -23.72 17.90
CA LYS A 40 -41.68 -23.89 16.74
C LYS A 40 -42.21 -23.06 15.60
N LYS A 41 -43.54 -23.01 15.45
CA LYS A 41 -44.14 -22.25 14.38
C LYS A 41 -43.83 -20.79 14.55
N VAL A 42 -43.88 -20.30 15.80
CA VAL A 42 -43.63 -18.91 16.08
C VAL A 42 -42.20 -18.57 15.75
N GLY A 43 -41.25 -19.41 16.22
CA GLY A 43 -39.84 -19.15 15.97
C GLY A 43 -39.55 -19.19 14.50
N ASP A 44 -40.12 -20.18 13.78
CA ASP A 44 -39.87 -20.30 12.36
C ASP A 44 -40.40 -19.07 11.64
N ASP A 45 -41.60 -18.60 12.03
CA ASP A 45 -42.18 -17.45 11.37
C ASP A 45 -41.33 -16.23 11.62
N ILE A 46 -40.83 -16.08 12.87
CA ILE A 46 -40.00 -14.95 13.22
C ILE A 46 -38.73 -14.97 12.41
N ALA A 47 -38.06 -16.15 12.36
CA ALA A 47 -36.80 -16.25 11.64
C ALA A 47 -37.01 -15.99 10.17
N LYS A 48 -38.10 -16.54 9.60
CA LYS A 48 -38.35 -16.36 8.19
C LYS A 48 -38.64 -14.90 7.88
N ALA A 49 -39.48 -14.25 8.72
CA ALA A 49 -39.84 -12.87 8.48
C ALA A 49 -38.63 -11.98 8.58
N THR A 50 -37.73 -12.23 9.55
CA THR A 50 -36.56 -11.38 9.72
C THR A 50 -35.41 -11.95 8.92
N GLY A 51 -35.70 -12.85 7.97
CA GLY A 51 -34.64 -13.45 7.19
C GLY A 51 -34.24 -12.50 6.09
N ASP A 52 -33.07 -12.80 5.45
CA ASP A 52 -32.56 -11.99 4.36
C ASP A 52 -32.33 -10.59 4.85
N TRP A 53 -31.82 -10.43 6.09
CA TRP A 53 -31.56 -9.11 6.62
C TRP A 53 -30.25 -9.14 7.34
N LYS A 54 -29.15 -9.45 6.61
CA LYS A 54 -27.84 -9.47 7.21
C LYS A 54 -27.79 -10.59 8.24
N GLY A 55 -27.05 -10.38 9.33
CA GLY A 55 -26.97 -11.37 10.36
C GLY A 55 -25.97 -10.89 11.36
N LEU A 56 -26.06 -9.60 11.75
CA LEU A 56 -25.14 -9.06 12.72
C LEU A 56 -25.90 -8.76 13.98
N ARG A 57 -26.57 -7.59 14.04
CA ARG A 57 -27.33 -7.23 15.23
C ARG A 57 -28.61 -6.59 14.78
N ILE A 58 -29.75 -7.12 15.27
CA ILE A 58 -31.04 -6.55 14.91
C ILE A 58 -31.98 -6.78 16.07
N THR A 59 -32.92 -5.83 16.29
CA THR A 59 -33.87 -5.93 17.37
C THR A 59 -35.14 -6.51 16.80
N VAL A 60 -35.69 -7.55 17.47
CA VAL A 60 -36.90 -8.19 16.97
C VAL A 60 -37.97 -8.02 18.01
N LYS A 61 -39.18 -7.62 17.56
CA LYS A 61 -40.28 -7.44 18.47
C LYS A 61 -41.44 -8.21 17.92
N LEU A 62 -42.12 -9.01 18.79
CA LEU A 62 -43.24 -9.79 18.32
C LEU A 62 -44.42 -9.49 19.21
N THR A 63 -45.63 -9.53 18.61
CA THR A 63 -46.84 -9.24 19.35
C THR A 63 -47.65 -10.50 19.39
N ILE A 64 -48.16 -10.86 20.60
CA ILE A 64 -48.95 -12.08 20.75
C ILE A 64 -50.40 -11.68 20.84
N GLN A 65 -51.24 -12.27 19.96
CA GLN A 65 -52.65 -11.96 19.98
C GLN A 65 -53.41 -13.17 19.49
N ASN A 66 -54.35 -13.68 20.34
CA ASN A 66 -55.18 -14.82 19.98
C ASN A 66 -54.33 -16.00 19.54
N ARG A 67 -53.23 -16.29 20.29
CA ARG A 67 -52.37 -17.43 19.97
C ARG A 67 -51.73 -17.23 18.61
N GLN A 68 -51.58 -15.97 18.18
CA GLN A 68 -50.95 -15.70 16.91
C GLN A 68 -49.90 -14.67 17.17
N ALA A 69 -48.68 -14.89 16.62
CA ALA A 69 -47.61 -13.96 16.84
C ALA A 69 -47.43 -13.16 15.60
N GLN A 70 -47.28 -11.82 15.78
CA GLN A 70 -47.07 -10.94 14.65
C GLN A 70 -45.64 -10.52 14.70
N ILE A 71 -45.00 -10.33 13.52
CA ILE A 71 -43.60 -9.99 13.46
C ILE A 71 -43.46 -8.52 13.14
N GLU A 72 -42.72 -7.78 14.01
CA GLU A 72 -42.49 -6.38 13.79
C GLU A 72 -41.00 -6.14 13.90
N VAL A 73 -40.34 -5.81 12.75
CA VAL A 73 -38.91 -5.57 12.76
C VAL A 73 -38.64 -4.29 12.03
N VAL A 74 -37.43 -3.71 12.25
CA VAL A 74 -37.07 -2.47 11.60
C VAL A 74 -36.13 -2.79 10.46
N PRO A 75 -36.45 -2.32 9.28
CA PRO A 75 -35.62 -2.53 8.09
C PRO A 75 -34.38 -1.67 8.07
N SER A 76 -33.33 -2.15 7.38
CA SER A 76 -32.07 -1.42 7.27
C SER A 76 -31.53 -1.15 8.65
N ALA A 77 -31.47 -2.20 9.48
CA ALA A 77 -30.98 -2.05 10.83
C ALA A 77 -29.53 -1.62 10.81
N SER A 78 -28.73 -2.19 9.89
CA SER A 78 -27.33 -1.84 9.82
C SER A 78 -27.02 -1.47 8.41
N ALA A 79 -26.58 -0.22 8.18
CA ALA A 79 -26.25 0.22 6.86
C ALA A 79 -25.39 1.43 6.98
N LEU A 80 -24.60 1.73 5.92
CA LEU A 80 -23.74 2.89 5.93
C LEU A 80 -24.53 4.09 5.45
N ILE A 81 -25.59 4.44 6.19
CA ILE A 81 -26.41 5.57 5.82
C ILE A 81 -26.45 6.52 6.98
N ILE A 82 -25.51 6.35 7.93
CA ILE A 82 -25.50 7.20 9.09
C ILE A 82 -24.63 8.38 8.81
N LYS A 83 -25.22 9.60 8.93
CA LYS A 83 -24.51 10.84 8.72
C LYS A 83 -23.91 10.83 7.33
N ALA A 84 -24.71 10.42 6.32
CA ALA A 84 -24.22 10.39 4.97
C ALA A 84 -24.67 11.66 4.29
N LEU A 85 -23.98 12.79 4.62
CA LEU A 85 -24.33 14.06 4.03
C LEU A 85 -23.97 14.06 2.57
N LYS A 86 -22.84 13.42 2.21
CA LYS A 86 -22.42 13.39 0.83
C LYS A 86 -22.19 11.96 0.45
N GLU A 87 -22.45 11.64 -0.84
CA GLU A 87 -22.26 10.29 -1.31
C GLU A 87 -21.62 10.33 -2.68
N PRO A 88 -22.24 11.00 -3.66
CA PRO A 88 -21.67 11.08 -5.00
C PRO A 88 -20.25 11.61 -5.08
N PRO A 89 -19.89 12.67 -4.35
CA PRO A 89 -18.53 13.17 -4.40
C PRO A 89 -17.63 12.44 -3.45
N ARG A 90 -17.29 11.19 -3.81
CA ARG A 90 -16.45 10.37 -2.97
C ARG A 90 -15.03 10.59 -3.42
N ASP A 91 -14.15 11.00 -2.48
CA ASP A 91 -12.77 11.25 -2.81
C ASP A 91 -11.98 10.01 -2.47
N ARG A 92 -11.47 9.31 -3.50
CA ARG A 92 -10.71 8.11 -3.28
C ARG A 92 -9.60 8.08 -4.30
N LYS A 93 -8.34 7.84 -3.85
CA LYS A 93 -7.24 7.80 -4.76
C LYS A 93 -6.19 6.91 -4.14
N LYS A 94 -5.52 6.08 -4.99
CA LYS A 94 -4.50 5.18 -4.49
C LYS A 94 -3.17 5.85 -4.71
N GLN A 95 -2.26 5.76 -3.70
CA GLN A 95 -0.96 6.36 -3.80
C GLN A 95 -0.03 5.53 -2.97
N LYS A 96 1.18 5.22 -3.51
CA LYS A 96 2.14 4.44 -2.78
C LYS A 96 3.34 5.31 -2.56
N ASN A 97 3.81 5.37 -1.28
CA ASN A 97 4.96 6.19 -0.95
C ASN A 97 6.12 5.27 -0.65
N ILE A 98 6.02 3.99 -1.05
CA ILE A 98 7.09 3.06 -0.77
C ILE A 98 8.00 3.00 -1.95
N LYS A 99 7.60 3.66 -3.05
CA LYS A 99 8.41 3.70 -4.26
C LYS A 99 8.62 2.31 -4.78
N HIS A 100 7.56 1.46 -4.72
CA HIS A 100 7.63 0.09 -5.22
C HIS A 100 8.75 -0.66 -4.54
N SER A 101 8.98 -0.38 -3.24
CA SER A 101 10.03 -1.08 -2.52
C SER A 101 9.76 -0.87 -1.06
N GLY A 102 10.21 0.28 -0.50
CA GLY A 102 9.98 0.56 0.89
C GLY A 102 11.13 0.06 1.71
N ASN A 103 12.09 -0.65 1.08
CA ASN A 103 13.22 -1.15 1.83
C ASN A 103 14.39 -1.18 0.90
N ILE A 104 15.36 -0.26 1.13
CA ILE A 104 16.53 -0.20 0.29
C ILE A 104 17.73 -0.18 1.20
N THR A 105 18.74 -1.04 0.90
CA THR A 105 19.92 -1.10 1.72
C THR A 105 21.08 -1.42 0.81
N PHE A 106 22.32 -1.12 1.29
CA PHE A 106 23.52 -1.33 0.53
C PHE A 106 23.77 -2.81 0.33
N ASP A 107 23.25 -3.64 1.25
CA ASP A 107 23.46 -5.07 1.17
C ASP A 107 22.85 -5.59 -0.11
N GLU A 108 21.66 -5.07 -0.48
CA GLU A 108 20.98 -5.52 -1.68
C GLU A 108 21.79 -5.17 -2.89
N ILE A 109 22.33 -3.94 -2.94
CA ILE A 109 23.07 -3.49 -4.09
C ILE A 109 24.30 -4.35 -4.27
N VAL A 110 25.01 -4.62 -3.15
CA VAL A 110 26.21 -5.44 -3.19
C VAL A 110 25.84 -6.83 -3.64
N ASN A 111 24.69 -7.35 -3.13
CA ASN A 111 24.27 -8.69 -3.44
C ASN A 111 24.07 -8.85 -4.93
N ILE A 112 23.40 -7.87 -5.58
CA ILE A 112 23.15 -8.00 -7.01
C ILE A 112 24.45 -7.85 -7.75
N ALA A 113 25.34 -6.95 -7.29
CA ALA A 113 26.58 -6.76 -8.01
C ALA A 113 27.35 -8.05 -8.05
N ARG A 114 27.41 -8.76 -6.91
CA ARG A 114 28.13 -10.01 -6.87
C ARG A 114 27.37 -11.09 -7.58
N GLN A 115 26.01 -11.09 -7.43
CA GLN A 115 25.21 -12.14 -8.04
C GLN A 115 25.21 -12.02 -9.53
N MET A 116 25.15 -10.77 -10.06
CA MET A 116 25.15 -10.54 -11.49
C MET A 116 23.76 -10.80 -12.00
N ARG A 117 22.75 -10.09 -11.43
CA ARG A 117 21.38 -10.27 -11.87
C ARG A 117 21.00 -9.13 -12.77
N HIS A 118 21.96 -8.22 -13.05
CA HIS A 118 21.71 -7.09 -13.93
C HIS A 118 20.63 -6.22 -13.36
N ARG A 119 20.65 -5.98 -12.03
CA ARG A 119 19.65 -5.14 -11.41
C ARG A 119 20.31 -3.87 -10.97
N SER A 120 21.48 -3.99 -10.30
CA SER A 120 22.20 -2.82 -9.83
C SER A 120 23.63 -3.01 -10.17
N LEU A 121 23.92 -3.43 -11.43
CA LEU A 121 25.29 -3.64 -11.83
C LEU A 121 25.70 -2.42 -12.60
N ALA A 122 25.91 -1.30 -11.89
CA ALA A 122 26.30 -0.08 -12.55
C ALA A 122 27.78 -0.11 -12.81
N ARG A 123 28.30 1.05 -13.30
CA ARG A 123 29.69 1.18 -13.65
C ARG A 123 30.59 0.95 -12.46
N GLU A 124 30.24 1.55 -11.31
CA GLU A 124 31.08 1.40 -10.14
C GLU A 124 30.20 0.95 -9.01
N LEU A 125 30.70 -0.04 -8.24
CA LEU A 125 29.97 -0.59 -7.13
C LEU A 125 29.78 0.46 -6.06
N SER A 126 30.85 1.19 -5.70
CA SER A 126 30.74 2.18 -4.64
C SER A 126 29.87 3.33 -5.11
N GLY A 127 30.05 3.76 -6.37
CA GLY A 127 29.30 4.89 -6.88
C GLY A 127 27.83 4.57 -6.95
N THR A 128 27.48 3.34 -7.40
CA THR A 128 26.09 3.00 -7.53
C THR A 128 25.48 2.81 -6.16
N ILE A 129 26.25 2.28 -5.20
CA ILE A 129 25.72 2.08 -3.86
C ILE A 129 25.38 3.42 -3.27
N LYS A 130 26.31 4.40 -3.39
CA LYS A 130 26.09 5.70 -2.83
C LYS A 130 24.90 6.36 -3.50
N GLU A 131 24.82 6.24 -4.85
CA GLU A 131 23.74 6.87 -5.58
C GLU A 131 22.40 6.32 -5.17
N ILE A 132 22.27 4.97 -5.14
CA ILE A 132 21.01 4.36 -4.79
C ILE A 132 20.64 4.69 -3.37
N LEU A 133 21.59 4.54 -2.42
CA LEU A 133 21.30 4.83 -1.02
C LEU A 133 20.92 6.29 -0.86
N GLY A 134 21.62 7.21 -1.55
CA GLY A 134 21.32 8.62 -1.44
C GLY A 134 19.92 8.87 -1.92
N THR A 135 19.52 8.19 -3.01
CA THR A 135 18.18 8.36 -3.54
C THR A 135 17.19 7.77 -2.57
N ALA A 136 17.54 6.60 -1.97
CA ALA A 136 16.66 5.90 -1.07
C ALA A 136 16.31 6.75 0.13
N GLN A 137 17.30 7.44 0.72
CA GLN A 137 17.04 8.24 1.90
C GLN A 137 16.23 9.47 1.54
N SER A 138 16.19 9.83 0.25
CA SER A 138 15.48 11.02 -0.15
C SER A 138 14.01 10.72 -0.28
N VAL A 139 13.60 9.44 -0.13
CA VAL A 139 12.19 9.11 -0.28
C VAL A 139 11.47 9.37 1.02
N GLY A 140 12.18 9.32 2.16
CA GLY A 140 11.53 9.56 3.42
C GLY A 140 12.35 8.95 4.50
N CYS A 141 11.73 8.80 5.70
CA CYS A 141 12.42 8.24 6.84
C CYS A 141 12.45 6.74 6.72
N ASN A 142 11.72 6.17 5.73
CA ASN A 142 11.69 4.73 5.59
C ASN A 142 12.89 4.33 4.78
N VAL A 143 14.08 4.30 5.42
CA VAL A 143 15.28 3.91 4.73
C VAL A 143 16.21 3.29 5.74
N ASP A 144 17.03 2.32 5.28
CA ASP A 144 17.96 1.65 6.16
C ASP A 144 19.25 2.44 6.18
N GLY A 145 19.25 3.59 6.90
CA GLY A 145 20.44 4.40 6.99
C GLY A 145 20.31 5.55 6.04
N ARG A 146 20.77 6.74 6.49
CA ARG A 146 20.67 7.92 5.66
C ARG A 146 21.97 8.67 5.77
N HIS A 147 23.11 7.93 5.80
CA HIS A 147 24.39 8.58 5.92
C HIS A 147 25.28 8.05 4.81
N PRO A 148 25.27 8.73 3.69
CA PRO A 148 26.07 8.33 2.52
C PRO A 148 27.54 8.19 2.80
N HIS A 149 28.08 9.12 3.62
CA HIS A 149 29.50 9.10 3.93
C HIS A 149 29.82 7.87 4.72
N ASP A 150 28.94 7.50 5.68
CA ASP A 150 29.19 6.33 6.49
C ASP A 150 29.07 5.08 5.65
N ILE A 151 28.05 5.05 4.77
CA ILE A 151 27.80 3.90 3.93
C ILE A 151 28.96 3.65 3.00
N ILE A 152 29.43 4.68 2.28
CA ILE A 152 30.54 4.49 1.37
C ILE A 152 31.79 4.19 2.15
N ASP A 153 31.91 4.77 3.36
CA ASP A 153 33.09 4.52 4.16
C ASP A 153 33.14 3.06 4.51
N ASP A 154 31.99 2.49 4.94
CA ASP A 154 31.94 1.10 5.31
C ASP A 154 32.11 0.23 4.08
N ILE A 155 31.44 0.60 2.97
CA ILE A 155 31.52 -0.20 1.75
C ILE A 155 32.93 -0.26 1.28
N ASN A 156 33.59 0.92 1.15
CA ASN A 156 34.96 0.96 0.68
C ASN A 156 35.87 0.25 1.65
N SER A 157 35.59 0.37 2.98
CA SER A 157 36.42 -0.26 3.97
C SER A 157 36.44 -1.75 3.73
N GLY A 158 35.26 -2.34 3.43
CA GLY A 158 35.22 -3.75 3.18
C GLY A 158 33.88 -4.26 3.59
N ALA A 159 32.81 -3.76 2.93
CA ALA A 159 31.47 -4.21 3.27
C ALA A 159 31.32 -5.66 2.90
N VAL A 160 31.89 -6.07 1.73
CA VAL A 160 31.75 -7.43 1.29
C VAL A 160 33.10 -8.09 1.29
N GLU A 161 33.23 -9.11 2.17
CA GLU A 161 34.46 -9.86 2.26
C GLU A 161 34.58 -10.78 1.08
N CYS A 162 33.47 -11.43 0.67
CA CYS A 162 33.53 -12.33 -0.46
C CYS A 162 32.13 -12.67 -0.92
N PRO A 163 31.31 -13.28 -0.06
CA PRO A 163 29.96 -13.66 -0.44
C PRO A 163 28.96 -12.54 -0.31
N ALA A 164 29.28 -11.40 -0.95
CA ALA A 164 28.43 -10.23 -0.92
C ALA A 164 28.29 -9.74 0.50
N SER A 165 29.06 -10.31 1.43
CA SER A 165 28.97 -9.89 2.80
C SER A 165 30.10 -10.57 3.57
N MET A 1 -43.80 21.80 -42.48
CA MET A 1 -45.21 22.15 -42.15
C MET A 1 -45.94 22.65 -43.36
N PRO A 2 -46.42 21.73 -44.16
CA PRO A 2 -47.15 22.07 -45.37
C PRO A 2 -48.53 22.57 -45.08
N PRO A 3 -49.12 23.31 -46.01
CA PRO A 3 -50.47 23.86 -45.83
C PRO A 3 -51.52 22.82 -45.58
N LYS A 4 -51.39 21.64 -46.22
CA LYS A 4 -52.36 20.59 -46.05
C LYS A 4 -51.62 19.32 -45.78
N PHE A 5 -52.31 18.35 -45.16
CA PHE A 5 -51.68 17.09 -44.81
C PHE A 5 -52.51 15.99 -45.38
N ASP A 6 -51.85 14.88 -45.77
CA ASP A 6 -52.54 13.76 -46.36
C ASP A 6 -53.21 12.98 -45.25
N PRO A 7 -54.32 12.35 -45.60
CA PRO A 7 -55.08 11.55 -44.66
C PRO A 7 -54.44 10.22 -44.36
N ASN A 8 -54.76 9.63 -43.18
CA ASN A 8 -54.19 8.36 -42.81
C ASN A 8 -55.31 7.42 -42.49
N GLU A 9 -55.08 6.10 -42.74
CA GLU A 9 -56.09 5.11 -42.48
C GLU A 9 -55.88 4.56 -41.10
N ILE A 10 -56.44 5.25 -40.07
CA ILE A 10 -56.30 4.82 -38.70
C ILE A 10 -57.69 4.65 -38.14
N LYS A 11 -57.93 3.51 -37.44
CA LYS A 11 -59.23 3.26 -36.86
C LYS A 11 -59.08 3.21 -35.36
N VAL A 12 -60.07 3.78 -34.63
CA VAL A 12 -60.03 3.80 -33.17
C VAL A 12 -61.24 3.07 -32.68
N VAL A 13 -61.04 2.14 -31.73
CA VAL A 13 -62.15 1.37 -31.19
C VAL A 13 -62.21 1.61 -29.72
N TYR A 14 -63.44 1.80 -29.21
CA TYR A 14 -63.64 2.07 -27.80
C TYR A 14 -63.92 0.76 -27.12
N LEU A 15 -63.10 0.42 -26.10
CA LEU A 15 -63.27 -0.82 -25.39
C LEU A 15 -63.57 -0.48 -23.95
N ARG A 16 -64.72 -0.98 -23.44
CA ARG A 16 -65.11 -0.70 -22.08
C ARG A 16 -65.18 -2.02 -21.34
N CYS A 17 -64.06 -2.42 -20.72
CA CYS A 17 -64.04 -3.67 -19.99
C CYS A 17 -62.77 -3.67 -19.18
N THR A 18 -62.86 -4.15 -17.92
CA THR A 18 -61.69 -4.17 -17.07
C THR A 18 -61.34 -5.62 -16.84
N GLY A 19 -60.19 -6.07 -17.40
CA GLY A 19 -59.78 -7.44 -17.21
C GLY A 19 -59.43 -8.00 -18.55
N GLY A 20 -59.01 -9.29 -18.57
CA GLY A 20 -58.65 -9.94 -19.80
C GLY A 20 -59.90 -10.27 -20.55
N GLU A 21 -59.81 -10.29 -21.90
CA GLU A 21 -60.96 -10.58 -22.71
C GLU A 21 -60.46 -11.18 -23.99
N VAL A 22 -61.07 -12.30 -24.42
CA VAL A 22 -60.66 -12.95 -25.65
C VAL A 22 -61.87 -13.05 -26.54
N GLY A 23 -61.64 -13.32 -27.84
CA GLY A 23 -62.74 -13.47 -28.76
C GLY A 23 -63.15 -12.12 -29.28
N ALA A 24 -62.21 -11.14 -29.26
CA ALA A 24 -62.50 -9.81 -29.76
C ALA A 24 -63.26 -9.04 -28.69
N THR A 25 -64.13 -8.10 -29.12
CA THR A 25 -64.87 -7.30 -28.16
C THR A 25 -66.19 -6.96 -28.79
N SER A 26 -66.94 -6.01 -28.17
CA SER A 26 -68.25 -5.63 -28.64
C SER A 26 -68.17 -4.97 -30.00
N ALA A 27 -67.16 -4.09 -30.25
CA ALA A 27 -67.05 -3.43 -31.53
C ALA A 27 -66.24 -4.29 -32.47
N LEU A 28 -65.22 -4.96 -31.93
CA LEU A 28 -64.34 -5.77 -32.74
C LEU A 28 -65.10 -6.92 -33.34
N ALA A 29 -66.08 -7.51 -32.60
CA ALA A 29 -66.81 -8.64 -33.15
C ALA A 29 -67.50 -8.29 -34.46
N PRO A 30 -68.38 -7.30 -34.46
CA PRO A 30 -69.10 -6.90 -35.68
C PRO A 30 -68.22 -6.23 -36.70
N LYS A 31 -67.01 -5.82 -36.31
CA LYS A 31 -66.13 -5.17 -37.27
C LYS A 31 -65.22 -6.22 -37.88
N ILE A 32 -64.39 -6.85 -37.02
CA ILE A 32 -63.42 -7.82 -37.47
C ILE A 32 -64.08 -9.03 -38.08
N GLY A 33 -65.15 -9.55 -37.44
CA GLY A 33 -65.80 -10.76 -37.90
C GLY A 33 -66.21 -10.65 -39.35
N PRO A 34 -67.18 -9.80 -39.61
CA PRO A 34 -67.68 -9.61 -40.97
C PRO A 34 -66.66 -9.21 -41.98
N LEU A 35 -65.70 -8.32 -41.62
CA LEU A 35 -64.72 -7.92 -42.60
C LEU A 35 -63.71 -7.04 -41.96
N GLY A 36 -62.74 -7.65 -41.26
CA GLY A 36 -61.70 -6.87 -40.65
C GLY A 36 -60.41 -7.63 -40.74
N LEU A 37 -60.23 -8.63 -39.85
CA LEU A 37 -59.00 -9.37 -39.84
C LEU A 37 -59.18 -10.62 -39.00
N SER A 38 -58.11 -11.07 -38.30
CA SER A 38 -58.20 -12.26 -37.49
C SER A 38 -58.51 -11.86 -36.07
N PRO A 39 -59.65 -12.27 -35.56
CA PRO A 39 -60.06 -11.94 -34.20
C PRO A 39 -59.29 -12.67 -33.14
N LYS A 40 -58.75 -13.86 -33.49
CA LYS A 40 -58.02 -14.65 -32.52
C LYS A 40 -56.76 -13.93 -32.11
N LYS A 41 -56.08 -13.30 -33.09
CA LYS A 41 -54.85 -12.60 -32.79
C LYS A 41 -55.15 -11.40 -31.95
N VAL A 42 -56.26 -10.70 -32.29
CA VAL A 42 -56.63 -9.50 -31.56
C VAL A 42 -57.00 -9.86 -30.15
N GLY A 43 -57.82 -10.92 -29.96
CA GLY A 43 -58.24 -11.31 -28.64
C GLY A 43 -57.06 -11.71 -27.81
N ASP A 44 -56.12 -12.47 -28.40
CA ASP A 44 -54.96 -12.91 -27.64
C ASP A 44 -54.13 -11.71 -27.22
N ASP A 45 -53.88 -10.78 -28.17
CA ASP A 45 -53.07 -9.63 -27.85
C ASP A 45 -53.75 -8.76 -26.82
N ILE A 46 -55.09 -8.55 -26.97
CA ILE A 46 -55.82 -7.73 -26.04
C ILE A 46 -55.81 -8.35 -24.67
N ALA A 47 -56.07 -9.68 -24.58
CA ALA A 47 -56.13 -10.34 -23.29
C ALA A 47 -54.79 -10.25 -22.60
N LYS A 48 -53.70 -10.47 -23.36
CA LYS A 48 -52.38 -10.44 -22.76
C LYS A 48 -52.05 -9.04 -22.30
N ALA A 49 -52.31 -8.03 -23.15
CA ALA A 49 -51.98 -6.65 -22.82
C ALA A 49 -52.78 -6.18 -21.62
N THR A 50 -54.06 -6.59 -21.52
CA THR A 50 -54.90 -6.13 -20.43
C THR A 50 -54.95 -7.17 -19.35
N GLY A 51 -53.98 -8.11 -19.31
CA GLY A 51 -54.00 -9.13 -18.30
C GLY A 51 -53.59 -8.52 -17.00
N ASP A 52 -54.54 -8.40 -16.05
CA ASP A 52 -54.24 -7.84 -14.77
C ASP A 52 -55.36 -8.22 -13.84
N TRP A 53 -55.15 -8.02 -12.52
CA TRP A 53 -56.15 -8.38 -11.54
C TRP A 53 -56.87 -7.12 -11.10
N LYS A 54 -56.90 -6.09 -11.97
CA LYS A 54 -57.56 -4.85 -11.61
C LYS A 54 -59.04 -5.03 -11.78
N GLY A 55 -59.83 -4.39 -10.87
CA GLY A 55 -61.27 -4.50 -10.94
C GLY A 55 -61.85 -3.12 -10.96
N LEU A 56 -61.02 -2.08 -11.21
CA LEU A 56 -61.53 -0.73 -11.24
C LEU A 56 -62.03 -0.47 -12.64
N ARG A 57 -63.07 0.38 -12.76
CA ARG A 57 -63.63 0.67 -14.05
C ARG A 57 -62.69 1.61 -14.76
N ILE A 58 -62.04 1.11 -15.85
CA ILE A 58 -61.12 1.95 -16.60
C ILE A 58 -61.57 1.99 -18.03
N THR A 59 -61.00 2.93 -18.82
CA THR A 59 -61.36 3.08 -20.21
C THR A 59 -60.21 2.57 -21.03
N VAL A 60 -60.51 1.70 -22.03
CA VAL A 60 -59.47 1.14 -22.85
C VAL A 60 -59.75 1.50 -24.29
N LYS A 61 -58.71 1.96 -25.01
CA LYS A 61 -58.87 2.29 -26.41
C LYS A 61 -57.81 1.58 -27.18
N LEU A 62 -58.17 1.07 -28.37
CA LEU A 62 -57.21 0.36 -29.19
C LEU A 62 -57.25 0.98 -30.57
N THR A 63 -56.08 0.94 -31.25
CA THR A 63 -55.95 1.51 -32.57
C THR A 63 -55.72 0.38 -33.54
N ILE A 64 -56.46 0.40 -34.69
CA ILE A 64 -56.33 -0.65 -35.68
C ILE A 64 -55.82 -0.04 -36.95
N GLN A 65 -54.73 -0.62 -37.53
CA GLN A 65 -54.17 -0.11 -38.76
C GLN A 65 -53.42 -1.23 -39.44
N ASN A 66 -53.67 -1.43 -40.76
CA ASN A 66 -52.99 -2.44 -41.55
C ASN A 66 -53.17 -3.81 -40.94
N ARG A 67 -54.41 -4.13 -40.51
CA ARG A 67 -54.72 -5.44 -39.94
C ARG A 67 -53.91 -5.66 -38.69
N GLN A 68 -53.41 -4.58 -38.06
CA GLN A 68 -52.66 -4.72 -36.84
C GLN A 68 -53.32 -3.84 -35.84
N ALA A 69 -53.54 -4.37 -34.61
CA ALA A 69 -54.20 -3.60 -33.60
C ALA A 69 -53.30 -3.47 -32.42
N GLN A 70 -53.28 -2.26 -31.82
CA GLN A 70 -52.46 -2.00 -30.66
C GLN A 70 -53.36 -1.39 -29.65
N ILE A 71 -53.24 -1.78 -28.36
CA ILE A 71 -54.11 -1.27 -27.35
C ILE A 71 -53.29 -0.47 -26.39
N GLU A 72 -53.87 0.66 -25.91
CA GLU A 72 -53.18 1.49 -24.96
C GLU A 72 -53.75 1.17 -23.61
N VAL A 73 -52.87 0.73 -22.67
CA VAL A 73 -53.32 0.36 -21.35
C VAL A 73 -53.11 1.54 -20.44
N VAL A 74 -54.19 2.00 -19.76
CA VAL A 74 -54.10 3.13 -18.87
C VAL A 74 -53.22 2.80 -17.67
N PRO A 75 -53.51 1.74 -16.93
CA PRO A 75 -52.70 1.38 -15.77
C PRO A 75 -51.37 0.76 -16.14
N SER A 76 -50.43 1.59 -16.65
CA SER A 76 -49.14 1.08 -17.01
C SER A 76 -48.12 2.13 -16.64
N ALA A 77 -46.84 1.69 -16.48
CA ALA A 77 -45.80 2.62 -16.11
C ALA A 77 -44.53 2.13 -16.75
N SER A 78 -43.57 3.05 -17.01
CA SER A 78 -42.33 2.66 -17.64
C SER A 78 -41.31 3.71 -17.28
N ALA A 79 -40.02 3.32 -17.20
CA ALA A 79 -38.98 4.26 -16.87
C ALA A 79 -37.72 3.80 -17.56
N LEU A 80 -36.79 4.76 -17.82
CA LEU A 80 -35.54 4.42 -18.48
C LEU A 80 -34.42 4.73 -17.54
N ILE A 81 -33.29 3.99 -17.68
CA ILE A 81 -32.16 4.20 -16.80
C ILE A 81 -31.04 4.79 -17.65
N ILE A 82 -30.51 5.96 -17.21
CA ILE A 82 -29.46 6.61 -17.94
C ILE A 82 -28.22 6.67 -17.09
N LYS A 83 -28.16 5.86 -16.01
CA LYS A 83 -27.01 5.89 -15.15
C LYS A 83 -26.32 4.57 -15.25
N ALA A 84 -24.97 4.60 -15.30
CA ALA A 84 -24.20 3.38 -15.39
C ALA A 84 -22.83 3.67 -14.88
N LEU A 85 -22.11 2.62 -14.40
CA LEU A 85 -20.78 2.80 -13.88
C LEU A 85 -19.87 1.95 -14.71
N LYS A 86 -18.80 2.58 -15.27
CA LYS A 86 -17.89 1.84 -16.11
C LYS A 86 -16.50 2.00 -15.57
N GLU A 87 -16.01 3.26 -15.45
CA GLU A 87 -14.67 3.48 -14.97
C GLU A 87 -14.74 4.43 -13.81
N PRO A 88 -14.74 3.89 -12.61
CA PRO A 88 -14.77 4.72 -11.40
C PRO A 88 -13.63 5.72 -11.30
N PRO A 89 -12.38 5.36 -11.58
CA PRO A 89 -11.28 6.32 -11.51
C PRO A 89 -11.42 7.44 -12.50
N ARG A 90 -11.32 8.69 -12.00
CA ARG A 90 -11.44 9.84 -12.86
C ARG A 90 -10.20 9.96 -13.71
N ASP A 91 -9.02 9.68 -13.12
CA ASP A 91 -7.79 9.79 -13.86
C ASP A 91 -7.07 8.47 -13.81
N ARG A 92 -6.23 8.22 -14.85
CA ARG A 92 -5.48 6.99 -14.94
C ARG A 92 -4.32 7.08 -13.97
N LYS A 93 -4.08 5.99 -13.21
CA LYS A 93 -3.01 5.99 -12.24
C LYS A 93 -2.10 4.84 -12.57
N LYS A 94 -0.82 4.91 -12.13
CA LYS A 94 0.13 3.87 -12.42
C LYS A 94 0.75 3.41 -11.12
N GLN A 95 1.20 2.14 -11.09
CA GLN A 95 1.81 1.57 -9.91
C GLN A 95 3.20 2.12 -9.77
N LYS A 96 3.59 2.52 -8.53
CA LYS A 96 4.91 3.06 -8.30
C LYS A 96 5.58 2.21 -7.26
N ASN A 97 6.93 2.10 -7.37
CA ASN A 97 7.69 1.30 -6.44
C ASN A 97 7.67 1.95 -5.08
N ILE A 98 7.79 3.30 -5.03
CA ILE A 98 7.81 3.97 -3.76
C ILE A 98 6.43 4.51 -3.50
N LYS A 99 5.46 3.59 -3.33
CA LYS A 99 4.10 3.98 -3.06
C LYS A 99 3.97 4.41 -1.63
N HIS A 100 4.92 3.96 -0.75
CA HIS A 100 4.83 4.33 0.64
C HIS A 100 6.22 4.45 1.19
N SER A 101 7.08 3.44 0.95
CA SER A 101 8.43 3.50 1.46
C SER A 101 9.32 2.84 0.44
N GLY A 102 10.54 3.40 0.25
CA GLY A 102 11.47 2.86 -0.72
C GLY A 102 11.92 1.50 -0.27
N ASN A 103 12.21 1.33 1.05
CA ASN A 103 12.66 0.05 1.57
C ASN A 103 13.94 -0.33 0.85
N ILE A 104 14.93 0.60 0.86
CA ILE A 104 16.19 0.34 0.19
C ILE A 104 17.25 0.08 1.23
N THR A 105 18.02 -1.02 1.05
CA THR A 105 19.07 -1.39 1.99
C THR A 105 20.33 -1.64 1.20
N PHE A 106 21.50 -1.23 1.78
CA PHE A 106 22.79 -1.38 1.13
C PHE A 106 23.07 -2.84 0.82
N ASP A 107 22.43 -3.76 1.58
CA ASP A 107 22.64 -5.18 1.39
C ASP A 107 22.23 -5.55 -0.01
N GLU A 108 21.15 -4.92 -0.52
CA GLU A 108 20.66 -5.22 -1.84
C GLU A 108 21.72 -4.87 -2.87
N ILE A 109 22.40 -3.71 -2.68
CA ILE A 109 23.40 -3.27 -3.63
C ILE A 109 24.55 -4.24 -3.59
N VAL A 110 24.92 -4.71 -2.39
CA VAL A 110 26.00 -5.65 -2.26
C VAL A 110 25.64 -6.94 -2.97
N ASN A 111 24.36 -7.37 -2.83
CA ASN A 111 23.93 -8.63 -3.40
C ASN A 111 24.04 -8.58 -4.90
N ILE A 112 23.57 -7.48 -5.53
CA ILE A 112 23.62 -7.38 -6.97
C ILE A 112 25.02 -7.12 -7.42
N ALA A 113 25.87 -6.50 -6.56
CA ALA A 113 27.23 -6.23 -6.97
C ALA A 113 27.96 -7.54 -7.15
N ARG A 114 27.77 -8.47 -6.18
CA ARG A 114 28.46 -9.74 -6.25
C ARG A 114 27.84 -10.61 -7.31
N GLN A 115 26.49 -10.57 -7.45
CA GLN A 115 25.83 -11.43 -8.42
C GLN A 115 25.99 -10.87 -9.81
N MET A 116 26.17 -9.53 -9.92
CA MET A 116 26.33 -8.89 -11.21
C MET A 116 25.01 -8.96 -11.94
N ARG A 117 23.94 -8.47 -11.29
CA ARG A 117 22.63 -8.48 -11.91
C ARG A 117 22.37 -7.12 -12.48
N HIS A 118 21.52 -7.08 -13.54
CA HIS A 118 21.19 -5.84 -14.19
C HIS A 118 20.05 -5.20 -13.44
N ARG A 119 20.35 -4.60 -12.28
CA ARG A 119 19.30 -3.96 -11.50
C ARG A 119 19.89 -2.71 -10.89
N SER A 120 20.81 -2.88 -9.91
CA SER A 120 21.42 -1.74 -9.26
C SER A 120 22.88 -1.76 -9.56
N LEU A 121 23.24 -2.24 -10.77
CA LEU A 121 24.63 -2.30 -11.15
C LEU A 121 24.80 -1.32 -12.28
N ALA A 122 24.78 -0.01 -11.94
CA ALA A 122 24.92 1.03 -12.94
C ALA A 122 26.26 0.92 -13.64
N ARG A 123 27.36 0.79 -12.87
CA ARG A 123 28.67 0.70 -13.49
C ARG A 123 29.69 0.53 -12.40
N GLU A 124 30.16 1.66 -11.84
CA GLU A 124 31.14 1.61 -10.78
C GLU A 124 30.43 1.29 -9.50
N LEU A 125 31.12 0.53 -8.61
CA LEU A 125 30.54 0.14 -7.36
C LEU A 125 30.27 1.36 -6.50
N SER A 126 31.21 2.32 -6.47
CA SER A 126 31.03 3.48 -5.62
C SER A 126 29.92 4.34 -6.13
N GLY A 127 29.82 4.50 -7.47
CA GLY A 127 28.79 5.35 -8.04
C GLY A 127 27.44 4.74 -7.85
N THR A 128 27.33 3.40 -8.04
CA THR A 128 26.04 2.75 -7.93
C THR A 128 25.61 2.69 -6.48
N ILE A 129 26.55 2.40 -5.55
CA ILE A 129 26.19 2.31 -4.15
C ILE A 129 25.73 3.67 -3.67
N LYS A 130 26.49 4.72 -4.02
CA LYS A 130 26.16 6.07 -3.59
C LYS A 130 24.83 6.49 -4.17
N GLU A 131 24.60 6.17 -5.46
CA GLU A 131 23.37 6.58 -6.13
C GLU A 131 22.17 5.96 -5.45
N ILE A 132 22.21 4.64 -5.20
CA ILE A 132 21.09 3.97 -4.58
C ILE A 132 20.90 4.46 -3.17
N LEU A 133 22.01 4.57 -2.39
CA LEU A 133 21.91 5.04 -1.02
C LEU A 133 21.36 6.45 -1.00
N GLY A 134 21.78 7.30 -1.96
CA GLY A 134 21.31 8.66 -2.01
C GLY A 134 19.82 8.66 -2.23
N THR A 135 19.33 7.74 -3.08
CA THR A 135 17.91 7.66 -3.35
C THR A 135 17.18 7.24 -2.08
N ALA A 136 17.77 6.29 -1.32
CA ALA A 136 17.14 5.78 -0.12
C ALA A 136 16.95 6.89 0.91
N GLN A 137 17.95 7.76 1.10
CA GLN A 137 17.81 8.81 2.11
C GLN A 137 16.83 9.87 1.63
N SER A 138 16.59 9.93 0.30
CA SER A 138 15.70 10.94 -0.23
C SER A 138 14.29 10.69 0.23
N VAL A 139 13.86 9.41 0.25
CA VAL A 139 12.50 9.10 0.66
C VAL A 139 12.38 9.19 2.16
N GLY A 140 13.45 8.81 2.90
CA GLY A 140 13.40 8.87 4.34
C GLY A 140 12.36 7.90 4.84
N CYS A 141 11.43 8.39 5.69
CA CYS A 141 10.37 7.57 6.23
C CYS A 141 10.97 6.62 7.24
N ASN A 142 10.76 5.29 7.04
CA ASN A 142 11.28 4.30 7.95
C ASN A 142 12.47 3.62 7.34
N VAL A 143 13.09 4.28 6.34
CA VAL A 143 14.24 3.68 5.68
C VAL A 143 15.46 3.99 6.52
N ASP A 144 16.24 2.92 6.85
CA ASP A 144 17.42 3.09 7.66
C ASP A 144 18.64 3.04 6.78
N GLY A 145 18.46 3.14 5.44
CA GLY A 145 19.57 3.10 4.53
C GLY A 145 19.92 4.50 4.18
N ARG A 146 20.27 5.30 5.21
CA ARG A 146 20.63 6.68 4.96
C ARG A 146 22.11 6.81 5.22
N HIS A 147 22.62 8.06 5.15
CA HIS A 147 24.04 8.35 5.36
C HIS A 147 24.86 7.58 4.36
N PRO A 148 24.76 7.98 3.10
CA PRO A 148 25.50 7.35 2.01
C PRO A 148 26.99 7.36 2.21
N HIS A 149 27.52 8.48 2.76
CA HIS A 149 28.95 8.61 2.96
C HIS A 149 29.41 7.59 3.97
N ASP A 150 28.64 7.37 5.04
CA ASP A 150 29.05 6.42 6.05
C ASP A 150 28.94 5.03 5.47
N ILE A 151 27.89 4.79 4.68
CA ILE A 151 27.68 3.48 4.09
C ILE A 151 28.78 3.15 3.13
N ILE A 152 29.11 4.05 2.18
CA ILE A 152 30.16 3.76 1.23
C ILE A 152 31.46 3.63 1.95
N ASP A 153 31.68 4.40 3.03
CA ASP A 153 32.92 4.30 3.74
C ASP A 153 33.03 2.92 4.35
N ASP A 154 31.92 2.39 4.92
CA ASP A 154 31.95 1.08 5.52
C ASP A 154 32.06 0.03 4.44
N ILE A 155 31.30 0.21 3.33
CA ILE A 155 31.35 -0.76 2.25
C ILE A 155 32.73 -0.81 1.67
N ASN A 156 33.32 0.38 1.37
CA ASN A 156 34.64 0.45 0.81
C ASN A 156 35.63 -0.18 1.77
N SER A 157 35.44 0.04 3.09
CA SER A 157 36.35 -0.51 4.07
C SER A 157 36.32 -2.01 3.97
N GLY A 158 35.13 -2.61 3.78
CA GLY A 158 35.06 -4.05 3.66
C GLY A 158 33.77 -4.52 4.24
N ALA A 159 32.62 -4.02 3.72
CA ALA A 159 31.34 -4.45 4.25
C ALA A 159 31.09 -5.88 3.85
N VAL A 160 31.50 -6.24 2.62
CA VAL A 160 31.24 -7.56 2.12
C VAL A 160 32.56 -8.21 1.76
N GLU A 161 32.67 -9.53 2.03
CA GLU A 161 33.88 -10.26 1.73
C GLU A 161 33.57 -11.25 0.64
N CYS A 162 33.82 -12.57 0.88
CA CYS A 162 33.57 -13.57 -0.12
C CYS A 162 32.07 -13.69 -0.38
N PRO A 163 31.26 -13.93 0.65
CA PRO A 163 29.82 -14.00 0.46
C PRO A 163 29.23 -12.63 0.38
N ALA A 164 27.99 -12.51 -0.15
CA ALA A 164 27.37 -11.21 -0.29
C ALA A 164 26.90 -10.73 1.06
N SER A 165 26.94 -11.60 2.08
CA SER A 165 26.51 -11.20 3.40
C SER A 165 27.05 -12.21 4.41
N MET A 1 -5.02 -22.40 26.70
CA MET A 1 -6.11 -22.25 25.70
C MET A 1 -6.06 -20.87 25.08
N PRO A 2 -5.17 -20.70 24.14
CA PRO A 2 -5.00 -19.43 23.45
C PRO A 2 -6.12 -19.14 22.48
N PRO A 3 -6.37 -17.89 22.20
CA PRO A 3 -7.42 -17.49 21.29
C PRO A 3 -7.08 -17.76 19.85
N LYS A 4 -8.12 -17.89 18.99
CA LYS A 4 -7.90 -18.17 17.60
C LYS A 4 -7.97 -16.88 16.85
N PHE A 5 -7.38 -16.85 15.63
CA PHE A 5 -7.36 -15.65 14.84
C PHE A 5 -7.90 -15.96 13.49
N ASP A 6 -8.59 -14.99 12.86
CA ASP A 6 -9.18 -15.20 11.56
C ASP A 6 -8.71 -14.08 10.65
N PRO A 7 -7.84 -14.40 9.71
CA PRO A 7 -7.34 -13.40 8.77
C PRO A 7 -8.37 -12.99 7.76
N ASN A 8 -8.22 -11.77 7.19
CA ASN A 8 -9.17 -11.30 6.21
C ASN A 8 -8.53 -10.17 5.46
N GLU A 9 -9.04 -9.87 4.24
CA GLU A 9 -8.48 -8.80 3.44
C GLU A 9 -9.23 -7.53 3.79
N ILE A 10 -8.47 -6.51 4.28
CA ILE A 10 -9.08 -5.26 4.66
C ILE A 10 -8.42 -4.16 3.88
N LYS A 11 -9.23 -3.23 3.32
CA LYS A 11 -8.67 -2.13 2.55
C LYS A 11 -9.18 -0.84 3.16
N VAL A 12 -8.34 0.23 3.13
CA VAL A 12 -8.72 1.50 3.70
C VAL A 12 -8.66 2.52 2.61
N VAL A 13 -9.76 3.33 2.48
CA VAL A 13 -9.81 4.33 1.44
C VAL A 13 -9.96 5.66 2.11
N TYR A 14 -9.18 6.65 1.63
CA TYR A 14 -9.20 7.97 2.20
C TYR A 14 -10.10 8.81 1.35
N LEU A 15 -11.19 9.35 1.96
CA LEU A 15 -12.15 10.14 1.23
C LEU A 15 -12.13 11.54 1.81
N ARG A 16 -11.68 12.54 1.01
CA ARG A 16 -11.65 13.90 1.50
C ARG A 16 -12.48 14.74 0.57
N CYS A 17 -13.65 15.25 1.06
CA CYS A 17 -14.48 16.08 0.22
C CYS A 17 -15.45 16.81 1.11
N THR A 18 -16.06 17.90 0.57
CA THR A 18 -17.01 18.68 1.34
C THR A 18 -18.19 18.96 0.46
N GLY A 19 -19.36 19.16 1.08
CA GLY A 19 -20.55 19.47 0.33
C GLY A 19 -21.35 18.22 0.19
N GLY A 20 -22.53 18.33 -0.45
CA GLY A 20 -23.38 17.19 -0.64
C GLY A 20 -23.18 16.71 -2.04
N GLU A 21 -22.87 15.41 -2.19
CA GLU A 21 -22.67 14.87 -3.50
C GLU A 21 -22.66 13.38 -3.34
N VAL A 22 -23.32 12.66 -4.27
CA VAL A 22 -23.35 11.22 -4.20
C VAL A 22 -22.72 10.72 -5.47
N GLY A 23 -22.10 9.51 -5.42
CA GLY A 23 -21.49 8.97 -6.60
C GLY A 23 -20.41 8.03 -6.16
N ALA A 24 -19.52 7.66 -7.11
CA ALA A 24 -18.44 6.76 -6.80
C ALA A 24 -17.24 7.55 -6.36
N THR A 25 -17.39 8.88 -6.18
CA THR A 25 -16.28 9.71 -5.70
C THR A 25 -15.04 9.53 -6.56
N SER A 26 -13.91 10.08 -6.06
CA SER A 26 -12.65 9.98 -6.78
C SER A 26 -11.97 8.65 -6.53
N ALA A 27 -11.88 8.19 -5.26
CA ALA A 27 -11.17 6.95 -4.96
C ALA A 27 -12.05 5.74 -5.12
N LEU A 28 -13.33 5.86 -4.72
CA LEU A 28 -14.23 4.74 -4.80
C LEU A 28 -14.46 4.34 -6.23
N ALA A 29 -14.35 5.26 -7.22
CA ALA A 29 -14.58 4.87 -8.60
C ALA A 29 -13.53 3.85 -9.04
N PRO A 30 -12.25 4.20 -9.01
CA PRO A 30 -11.19 3.27 -9.39
C PRO A 30 -11.12 2.03 -8.54
N LYS A 31 -11.62 2.10 -7.28
CA LYS A 31 -11.56 0.93 -6.42
C LYS A 31 -12.77 0.05 -6.68
N ILE A 32 -13.97 0.64 -6.58
CA ILE A 32 -15.20 -0.09 -6.73
C ILE A 32 -15.32 -0.68 -8.12
N GLY A 33 -14.89 0.06 -9.18
CA GLY A 33 -15.02 -0.43 -10.54
C GLY A 33 -14.51 -1.85 -10.66
N PRO A 34 -13.21 -2.01 -10.49
CA PRO A 34 -12.58 -3.32 -10.56
C PRO A 34 -13.13 -4.31 -9.57
N LEU A 35 -13.51 -3.84 -8.35
CA LEU A 35 -14.05 -4.75 -7.36
C LEU A 35 -15.32 -5.36 -7.89
N GLY A 36 -16.25 -4.50 -8.40
CA GLY A 36 -17.48 -4.99 -8.96
C GLY A 36 -18.49 -5.14 -7.86
N LEU A 37 -19.23 -4.05 -7.55
CA LEU A 37 -20.24 -4.13 -6.52
C LEU A 37 -21.33 -3.15 -6.87
N SER A 38 -21.84 -2.39 -5.88
CA SER A 38 -22.91 -1.44 -6.14
C SER A 38 -22.44 -0.07 -5.73
N PRO A 39 -21.93 0.69 -6.69
CA PRO A 39 -21.45 2.06 -6.44
C PRO A 39 -22.52 2.99 -5.91
N LYS A 40 -23.77 2.82 -6.39
CA LYS A 40 -24.86 3.65 -5.97
C LYS A 40 -25.08 3.50 -4.48
N LYS A 41 -25.05 2.24 -4.01
CA LYS A 41 -25.26 1.96 -2.61
C LYS A 41 -24.17 2.61 -1.79
N VAL A 42 -22.92 2.51 -2.26
CA VAL A 42 -21.80 3.08 -1.54
C VAL A 42 -21.94 4.58 -1.43
N GLY A 43 -22.25 5.26 -2.55
CA GLY A 43 -22.36 6.71 -2.53
C GLY A 43 -23.50 7.12 -1.63
N ASP A 44 -24.65 6.43 -1.71
CA ASP A 44 -25.79 6.80 -0.90
C ASP A 44 -25.45 6.60 0.56
N ASP A 45 -24.75 5.49 0.90
CA ASP A 45 -24.42 5.22 2.27
C ASP A 45 -23.49 6.29 2.79
N ILE A 46 -22.52 6.71 1.96
CA ILE A 46 -21.57 7.73 2.39
C ILE A 46 -22.29 9.02 2.67
N ALA A 47 -23.18 9.46 1.75
CA ALA A 47 -23.89 10.72 1.95
C ALA A 47 -24.76 10.62 3.18
N LYS A 48 -25.46 9.48 3.35
CA LYS A 48 -26.34 9.31 4.48
C LYS A 48 -25.55 9.29 5.77
N ALA A 49 -24.41 8.56 5.77
CA ALA A 49 -23.62 8.44 6.98
C ALA A 49 -23.08 9.79 7.39
N THR A 50 -22.67 10.63 6.42
CA THR A 50 -22.11 11.92 6.76
C THR A 50 -23.21 12.87 7.16
N GLY A 51 -24.46 12.58 6.76
CA GLY A 51 -25.58 13.43 7.15
C GLY A 51 -25.74 14.51 6.12
N ASP A 52 -24.80 14.60 5.16
CA ASP A 52 -24.88 15.60 4.12
C ASP A 52 -24.72 16.97 4.75
N TRP A 53 -23.96 17.06 5.86
CA TRP A 53 -23.76 18.35 6.51
C TRP A 53 -22.28 18.50 6.76
N LYS A 54 -21.44 17.89 5.90
CA LYS A 54 -20.01 17.98 6.09
C LYS A 54 -19.49 19.04 5.17
N GLY A 55 -18.74 20.02 5.73
CA GLY A 55 -18.21 21.07 4.91
C GLY A 55 -17.31 21.91 5.76
N LEU A 56 -16.39 21.27 6.53
CA LEU A 56 -15.50 22.03 7.37
C LEU A 56 -14.13 21.41 7.29
N ARG A 57 -13.70 21.00 6.07
CA ARG A 57 -12.37 20.41 5.90
C ARG A 57 -12.26 19.19 6.78
N ILE A 58 -13.13 18.19 6.55
CA ILE A 58 -13.11 17.00 7.37
C ILE A 58 -12.62 15.85 6.51
N THR A 59 -11.98 14.85 7.16
CA THR A 59 -11.45 13.71 6.45
C THR A 59 -12.27 12.51 6.86
N VAL A 60 -12.73 11.72 5.85
CA VAL A 60 -13.54 10.56 6.13
C VAL A 60 -12.83 9.36 5.57
N LYS A 61 -12.75 8.27 6.37
CA LYS A 61 -12.10 7.07 5.90
C LYS A 61 -13.10 5.96 5.94
N LEU A 62 -13.05 5.07 4.93
CA LEU A 62 -13.97 3.97 4.86
C LEU A 62 -13.17 2.72 4.69
N THR A 63 -13.70 1.59 5.21
CA THR A 63 -13.02 0.32 5.15
C THR A 63 -13.78 -0.55 4.18
N ILE A 64 -13.05 -1.20 3.23
CA ILE A 64 -13.71 -2.04 2.25
C ILE A 64 -13.22 -3.45 2.43
N GLN A 65 -14.16 -4.42 2.54
CA GLN A 65 -13.78 -5.80 2.68
C GLN A 65 -14.95 -6.65 2.23
N ASN A 66 -14.66 -7.66 1.35
CA ASN A 66 -15.70 -8.56 0.86
C ASN A 66 -16.89 -7.80 0.31
N ARG A 67 -16.64 -6.71 -0.46
CA ARG A 67 -17.70 -5.92 -1.06
C ARG A 67 -18.55 -5.29 0.02
N GLN A 68 -17.99 -5.10 1.23
CA GLN A 68 -18.72 -4.49 2.30
C GLN A 68 -17.94 -3.27 2.68
N ALA A 69 -18.62 -2.11 2.77
CA ALA A 69 -17.94 -0.90 3.09
C ALA A 69 -18.41 -0.45 4.44
N GLN A 70 -17.44 -0.09 5.31
CA GLN A 70 -17.75 0.40 6.63
C GLN A 70 -17.35 1.84 6.62
N ILE A 71 -18.25 2.73 7.05
CA ILE A 71 -17.99 4.14 7.01
C ILE A 71 -17.68 4.62 8.41
N GLU A 72 -16.53 5.32 8.56
CA GLU A 72 -16.15 5.85 9.84
C GLU A 72 -15.84 7.31 9.65
N VAL A 73 -16.33 8.16 10.58
CA VAL A 73 -16.10 9.59 10.48
C VAL A 73 -15.38 10.02 11.73
N VAL A 74 -14.28 10.80 11.56
CA VAL A 74 -13.51 11.26 12.69
C VAL A 74 -13.63 12.77 12.74
N PRO A 75 -13.49 13.31 13.93
CA PRO A 75 -13.56 14.76 14.15
C PRO A 75 -12.48 15.52 13.41
N SER A 76 -12.79 16.79 13.03
CA SER A 76 -11.84 17.60 12.31
C SER A 76 -10.74 18.04 13.24
N ALA A 77 -10.99 18.03 14.56
CA ALA A 77 -9.96 18.46 15.49
C ALA A 77 -9.45 17.24 16.19
N SER A 78 -8.12 17.19 16.44
CA SER A 78 -7.53 16.05 17.11
C SER A 78 -7.63 16.27 18.58
N ALA A 79 -8.87 16.31 19.10
CA ALA A 79 -9.09 16.51 20.52
C ALA A 79 -8.63 15.28 21.27
N LEU A 80 -8.88 14.09 20.69
CA LEU A 80 -8.51 12.85 21.35
C LEU A 80 -7.10 12.49 21.00
N ILE A 81 -6.32 12.10 22.03
CA ILE A 81 -4.93 11.71 21.85
C ILE A 81 -4.85 10.44 21.04
N ILE A 82 -5.71 9.45 21.35
CA ILE A 82 -5.68 8.19 20.66
C ILE A 82 -6.44 8.33 19.36
N LYS A 83 -5.82 7.89 18.24
CA LYS A 83 -6.46 8.00 16.96
C LYS A 83 -6.03 6.81 16.13
N ALA A 84 -6.75 6.55 15.02
CA ALA A 84 -6.43 5.43 14.15
C ALA A 84 -5.19 5.77 13.38
N LEU A 85 -4.36 4.74 13.09
CA LEU A 85 -3.13 4.95 12.36
C LEU A 85 -3.19 4.11 11.11
N LYS A 86 -2.63 4.64 10.00
CA LYS A 86 -2.62 3.93 8.74
C LYS A 86 -1.72 2.73 8.84
N GLU A 87 -0.56 2.89 9.52
CA GLU A 87 0.37 1.79 9.63
C GLU A 87 0.88 1.75 11.05
N PRO A 88 0.73 0.60 11.70
CA PRO A 88 1.19 0.43 13.06
C PRO A 88 2.69 0.27 13.14
N PRO A 89 3.26 0.50 14.30
CA PRO A 89 4.70 0.38 14.49
C PRO A 89 5.14 -1.04 14.73
N ARG A 90 4.86 -1.93 13.77
CA ARG A 90 5.26 -3.31 13.91
C ARG A 90 5.28 -3.93 12.55
N ASP A 91 6.05 -5.03 12.40
CA ASP A 91 6.15 -5.70 11.12
C ASP A 91 5.35 -6.97 11.18
N ARG A 92 4.60 -7.19 12.29
CA ARG A 92 3.83 -8.40 12.42
C ARG A 92 2.67 -8.33 11.45
N LYS A 93 2.06 -7.14 11.32
CA LYS A 93 0.91 -6.98 10.45
C LYS A 93 1.33 -7.09 9.00
N LYS A 94 2.44 -6.43 8.61
CA LYS A 94 2.88 -6.49 7.23
C LYS A 94 4.33 -6.81 7.20
N GLN A 95 4.72 -7.73 6.28
CA GLN A 95 6.09 -8.13 6.15
C GLN A 95 6.91 -7.01 5.58
N LYS A 96 6.34 -6.24 4.61
CA LYS A 96 7.09 -5.14 4.03
C LYS A 96 6.39 -3.87 4.41
N ASN A 97 7.18 -2.86 4.87
CA ASN A 97 6.61 -1.60 5.28
C ASN A 97 6.08 -0.88 4.06
N ILE A 98 6.87 -0.85 2.97
CA ILE A 98 6.41 -0.19 1.77
C ILE A 98 6.79 -1.05 0.61
N LYS A 99 5.77 -1.55 -0.11
CA LYS A 99 6.00 -2.40 -1.25
C LYS A 99 6.10 -1.54 -2.47
N HIS A 100 7.19 -1.71 -3.25
CA HIS A 100 7.40 -0.97 -4.48
C HIS A 100 7.81 0.44 -4.15
N SER A 101 9.12 0.73 -4.29
CA SER A 101 9.64 2.06 -4.02
C SER A 101 9.58 2.32 -2.55
N GLY A 102 10.41 1.61 -1.76
CA GLY A 102 10.39 1.82 -0.34
C GLY A 102 11.37 0.90 0.31
N ASN A 103 11.43 -0.37 -0.15
CA ASN A 103 12.36 -1.31 0.44
C ASN A 103 13.69 -1.11 -0.23
N ILE A 104 14.53 -0.23 0.37
CA ILE A 104 15.83 0.05 -0.17
C ILE A 104 16.83 -0.21 0.92
N THR A 105 17.87 -1.03 0.61
CA THR A 105 18.88 -1.33 1.60
C THR A 105 20.18 -1.55 0.87
N PHE A 106 21.31 -1.32 1.58
CA PHE A 106 22.62 -1.46 0.99
C PHE A 106 22.93 -2.92 0.77
N ASP A 107 22.26 -3.82 1.52
CA ASP A 107 22.51 -5.23 1.39
C ASP A 107 22.19 -5.68 -0.02
N GLU A 108 21.10 -5.13 -0.59
CA GLU A 108 20.68 -5.50 -1.93
C GLU A 108 21.72 -5.06 -2.92
N ILE A 109 22.27 -3.83 -2.72
CA ILE A 109 23.24 -3.30 -3.65
C ILE A 109 24.46 -4.18 -3.64
N VAL A 110 24.92 -4.56 -2.42
CA VAL A 110 26.09 -5.39 -2.28
C VAL A 110 25.82 -6.73 -2.91
N ASN A 111 24.59 -7.25 -2.74
CA ASN A 111 24.24 -8.56 -3.27
C ASN A 111 24.44 -8.58 -4.76
N ILE A 112 23.96 -7.55 -5.49
CA ILE A 112 24.10 -7.56 -6.93
C ILE A 112 25.51 -7.18 -7.28
N ALA A 113 26.15 -6.32 -6.48
CA ALA A 113 27.50 -5.91 -6.79
C ALA A 113 28.39 -7.12 -6.76
N ARG A 114 28.23 -7.97 -5.72
CA ARG A 114 29.06 -9.15 -5.60
C ARG A 114 28.68 -10.16 -6.66
N GLN A 115 27.38 -10.30 -6.96
CA GLN A 115 26.96 -11.30 -7.93
C GLN A 115 27.30 -10.84 -9.33
N MET A 116 27.42 -9.51 -9.54
CA MET A 116 27.75 -8.97 -10.84
C MET A 116 26.60 -9.19 -11.77
N ARG A 117 25.36 -9.07 -11.22
CA ARG A 117 24.18 -9.24 -12.01
C ARG A 117 23.76 -7.88 -12.50
N HIS A 118 22.93 -7.85 -13.56
CA HIS A 118 22.48 -6.59 -14.10
C HIS A 118 21.23 -6.17 -13.38
N ARG A 119 21.35 -5.67 -12.13
CA ARG A 119 20.19 -5.24 -11.40
C ARG A 119 20.53 -3.93 -10.75
N SER A 120 21.43 -3.97 -9.74
CA SER A 120 21.82 -2.76 -9.04
C SER A 120 23.30 -2.57 -9.21
N LEU A 121 23.93 -3.39 -10.09
CA LEU A 121 25.36 -3.32 -10.30
C LEU A 121 25.69 -1.98 -10.92
N ALA A 122 24.90 -1.59 -11.93
CA ALA A 122 25.09 -0.34 -12.63
C ALA A 122 26.47 -0.26 -13.23
N ARG A 123 26.89 0.98 -13.58
CA ARG A 123 28.18 1.20 -14.20
C ARG A 123 29.30 0.98 -13.23
N GLU A 124 29.14 1.45 -11.98
CA GLU A 124 30.21 1.31 -11.02
C GLU A 124 29.62 0.93 -9.71
N LEU A 125 30.36 0.08 -8.95
CA LEU A 125 29.89 -0.38 -7.67
C LEU A 125 29.79 0.77 -6.70
N SER A 126 30.81 1.65 -6.66
CA SER A 126 30.78 2.74 -5.72
C SER A 126 29.72 3.75 -6.10
N GLY A 127 29.60 4.02 -7.42
CA GLY A 127 28.64 5.00 -7.88
C GLY A 127 27.24 4.52 -7.65
N THR A 128 26.97 3.22 -7.89
CA THR A 128 25.62 2.71 -7.71
C THR A 128 25.27 2.64 -6.25
N ILE A 129 26.24 2.27 -5.38
CA ILE A 129 25.96 2.18 -3.97
C ILE A 129 25.58 3.54 -3.45
N LYS A 130 26.39 4.56 -3.79
CA LYS A 130 26.14 5.91 -3.32
C LYS A 130 24.84 6.43 -3.88
N GLU A 131 24.59 6.17 -5.18
CA GLU A 131 23.40 6.69 -5.83
C GLU A 131 22.14 6.13 -5.20
N ILE A 132 22.07 4.80 -5.03
CA ILE A 132 20.88 4.18 -4.47
C ILE A 132 20.69 4.60 -3.03
N LEU A 133 21.77 4.55 -2.22
CA LEU A 133 21.66 4.92 -0.83
C LEU A 133 21.24 6.37 -0.71
N GLY A 134 21.80 7.26 -1.57
CA GLY A 134 21.45 8.66 -1.52
C GLY A 134 19.99 8.81 -1.85
N THR A 135 19.50 8.00 -2.81
CA THR A 135 18.11 8.05 -3.22
C THR A 135 17.24 7.68 -2.04
N ALA A 136 17.68 6.71 -1.22
CA ALA A 136 16.87 6.28 -0.08
C ALA A 136 16.61 7.44 0.85
N GLN A 137 17.60 8.31 1.08
CA GLN A 137 17.40 9.43 1.99
C GLN A 137 16.68 10.55 1.29
N SER A 138 16.66 10.53 -0.06
CA SER A 138 16.03 11.59 -0.82
C SER A 138 14.58 11.26 -1.06
N VAL A 139 14.08 10.13 -0.50
CA VAL A 139 12.71 9.73 -0.73
C VAL A 139 11.74 10.82 -0.30
N GLY A 140 12.08 11.62 0.73
CA GLY A 140 11.17 12.66 1.12
C GLY A 140 11.40 13.01 2.55
N CYS A 141 10.30 13.34 3.27
CA CYS A 141 10.38 13.72 4.66
C CYS A 141 10.57 12.47 5.49
N ASN A 142 10.40 11.29 4.88
CA ASN A 142 10.57 10.06 5.61
C ASN A 142 12.04 9.77 5.63
N VAL A 143 12.72 10.19 6.71
CA VAL A 143 14.14 9.99 6.83
C VAL A 143 14.35 9.00 7.93
N ASP A 144 15.15 7.93 7.65
CA ASP A 144 15.39 6.91 8.65
C ASP A 144 16.68 7.20 9.37
N GLY A 145 17.38 8.29 9.00
CA GLY A 145 18.62 8.63 9.67
C GLY A 145 19.73 7.80 9.10
N ARG A 146 19.57 7.34 7.86
CA ARG A 146 20.57 6.52 7.22
C ARG A 146 21.69 7.42 6.77
N HIS A 147 22.96 6.99 6.99
CA HIS A 147 24.09 7.78 6.58
C HIS A 147 24.78 7.07 5.45
N PRO A 148 24.56 7.54 4.23
CA PRO A 148 25.16 6.93 3.05
C PRO A 148 26.65 7.06 2.99
N HIS A 149 27.20 8.16 3.57
CA HIS A 149 28.62 8.37 3.53
C HIS A 149 29.30 7.32 4.37
N ASP A 150 28.72 6.99 5.53
CA ASP A 150 29.33 6.00 6.39
C ASP A 150 29.16 4.64 5.77
N ILE A 151 27.98 4.38 5.16
CA ILE A 151 27.73 3.10 4.55
C ILE A 151 28.68 2.85 3.41
N ILE A 152 28.84 3.80 2.47
CA ILE A 152 29.75 3.58 1.36
C ILE A 152 31.15 3.49 1.86
N ASP A 153 31.52 4.28 2.89
CA ASP A 153 32.88 4.22 3.38
C ASP A 153 33.14 2.84 3.94
N ASP A 154 32.17 2.27 4.68
CA ASP A 154 32.36 0.96 5.25
C ASP A 154 32.33 -0.09 4.17
N ILE A 155 31.39 0.04 3.21
CA ILE A 155 31.29 -0.94 2.14
C ILE A 155 32.53 -0.93 1.31
N ASN A 156 32.97 0.27 0.89
CA ASN A 156 34.16 0.41 0.06
C ASN A 156 35.34 -0.13 0.82
N SER A 157 35.41 0.13 2.14
CA SER A 157 36.54 -0.34 2.93
C SER A 157 36.55 -1.85 2.89
N GLY A 158 35.36 -2.49 2.99
CA GLY A 158 35.32 -3.93 2.95
C GLY A 158 34.16 -4.37 3.76
N ALA A 159 32.92 -4.14 3.26
CA ALA A 159 31.75 -4.55 4.01
C ALA A 159 31.73 -6.05 4.14
N VAL A 160 32.01 -6.76 3.02
CA VAL A 160 32.00 -8.21 3.04
C VAL A 160 33.12 -8.71 2.20
N GLU A 161 33.47 -10.00 2.37
CA GLU A 161 34.56 -10.58 1.62
C GLU A 161 34.01 -11.58 0.63
N CYS A 162 33.99 -12.89 0.99
CA CYS A 162 33.49 -13.90 0.08
C CYS A 162 32.00 -13.78 -0.10
N PRO A 163 31.22 -13.75 0.99
CA PRO A 163 29.77 -13.62 0.87
C PRO A 163 29.36 -12.21 0.57
N ALA A 164 28.09 -12.02 0.13
CA ALA A 164 27.63 -10.69 -0.18
C ALA A 164 26.95 -10.10 1.03
N SER A 165 27.06 -10.78 2.19
CA SER A 165 26.44 -10.27 3.39
C SER A 165 27.02 -11.03 4.58
N MET A 1 -65.13 16.43 52.48
CA MET A 1 -63.77 15.86 52.25
C MET A 1 -63.76 14.99 51.03
N PRO A 2 -63.61 15.61 49.87
CA PRO A 2 -63.58 14.90 48.60
C PRO A 2 -62.46 13.88 48.52
N PRO A 3 -62.69 12.77 47.86
CA PRO A 3 -61.68 11.73 47.72
C PRO A 3 -60.59 12.09 46.75
N LYS A 4 -59.42 11.44 46.88
CA LYS A 4 -58.31 11.75 46.00
C LYS A 4 -57.51 10.49 45.84
N PHE A 5 -56.96 10.27 44.63
CA PHE A 5 -56.20 9.08 44.37
C PHE A 5 -55.27 9.37 43.22
N ASP A 6 -54.25 8.50 43.02
CA ASP A 6 -53.29 8.70 41.95
C ASP A 6 -53.46 7.57 40.96
N PRO A 7 -53.94 7.89 39.77
CA PRO A 7 -54.14 6.88 38.72
C PRO A 7 -52.86 6.32 38.16
N ASN A 8 -51.81 7.17 38.05
CA ASN A 8 -50.52 6.74 37.53
C ASN A 8 -50.70 6.17 36.15
N GLU A 9 -51.51 6.83 35.30
CA GLU A 9 -51.75 6.36 33.96
C GLU A 9 -50.93 7.20 33.02
N ILE A 10 -50.13 6.54 32.14
CA ILE A 10 -49.29 7.26 31.20
C ILE A 10 -49.71 6.88 29.81
N LYS A 11 -49.88 7.88 28.92
CA LYS A 11 -50.30 7.60 27.56
C LYS A 11 -49.09 7.73 26.67
N VAL A 12 -48.93 6.78 25.72
CA VAL A 12 -47.81 6.80 24.81
C VAL A 12 -48.35 6.85 23.40
N VAL A 13 -47.80 7.77 22.57
CA VAL A 13 -48.25 7.91 21.21
C VAL A 13 -47.04 7.82 20.33
N TYR A 14 -47.20 7.13 19.17
CA TYR A 14 -46.11 6.95 18.25
C TYR A 14 -46.33 7.90 17.10
N LEU A 15 -45.27 8.67 16.73
CA LEU A 15 -45.38 9.63 15.66
C LEU A 15 -44.31 9.34 14.65
N ARG A 16 -44.72 9.20 13.36
CA ARG A 16 -43.77 8.91 12.30
C ARG A 16 -43.63 10.15 11.46
N CYS A 17 -42.66 11.02 11.81
CA CYS A 17 -42.47 12.23 11.04
C CYS A 17 -41.06 12.70 11.28
N THR A 18 -40.41 13.25 10.22
CA THR A 18 -39.06 13.72 10.35
C THR A 18 -39.04 14.94 11.23
N GLY A 19 -40.05 15.83 11.08
CA GLY A 19 -40.07 17.00 11.92
C GLY A 19 -41.07 17.96 11.36
N GLY A 20 -41.38 19.01 12.15
CA GLY A 20 -42.32 20.02 11.72
C GLY A 20 -43.69 19.43 11.81
N GLU A 21 -44.64 20.05 11.07
CA GLU A 21 -46.01 19.57 11.03
C GLU A 21 -46.67 19.93 12.34
N VAL A 22 -47.24 21.15 12.40
CA VAL A 22 -47.91 21.59 13.61
C VAL A 22 -49.34 21.15 13.54
N GLY A 23 -50.05 21.20 14.70
CA GLY A 23 -51.44 20.81 14.73
C GLY A 23 -51.51 19.39 15.18
N ALA A 24 -52.69 18.76 15.00
CA ALA A 24 -52.88 17.40 15.41
C ALA A 24 -52.58 16.53 14.23
N THR A 25 -51.83 15.42 14.48
CA THR A 25 -51.47 14.50 13.44
C THR A 25 -52.44 13.35 13.45
N SER A 26 -52.07 12.25 12.76
CA SER A 26 -52.93 11.09 12.65
C SER A 26 -53.18 10.46 13.99
N ALA A 27 -52.16 10.35 14.87
CA ALA A 27 -52.37 9.73 16.16
C ALA A 27 -52.86 10.75 17.17
N LEU A 28 -52.43 12.01 17.00
CA LEU A 28 -52.81 13.05 17.93
C LEU A 28 -54.28 13.31 17.87
N ALA A 29 -54.91 13.27 16.67
CA ALA A 29 -56.34 13.56 16.60
C ALA A 29 -57.13 12.59 17.45
N PRO A 30 -57.01 11.29 17.22
CA PRO A 30 -57.72 10.29 18.01
C PRO A 30 -57.43 10.32 19.49
N LYS A 31 -56.20 10.71 19.89
CA LYS A 31 -55.89 10.73 21.30
C LYS A 31 -56.30 12.04 21.93
N ILE A 32 -55.85 13.16 21.33
CA ILE A 32 -56.12 14.48 21.86
C ILE A 32 -57.60 14.78 21.85
N GLY A 33 -58.31 14.36 20.77
CA GLY A 33 -59.73 14.64 20.64
C GLY A 33 -60.48 14.36 21.93
N PRO A 34 -60.58 13.10 22.29
CA PRO A 34 -61.28 12.70 23.49
C PRO A 34 -60.57 13.06 24.76
N LEU A 35 -59.22 13.19 24.70
CA LEU A 35 -58.46 13.52 25.88
C LEU A 35 -58.86 14.90 26.35
N GLY A 36 -58.96 15.87 25.42
CA GLY A 36 -59.39 17.21 25.78
C GLY A 36 -58.21 18.07 26.11
N LEU A 37 -57.62 18.72 25.08
CA LEU A 37 -56.51 19.61 25.33
C LEU A 37 -56.33 20.44 24.08
N SER A 38 -55.31 21.33 24.06
CA SER A 38 -55.07 22.18 22.91
C SER A 38 -54.01 21.54 22.04
N PRO A 39 -54.39 21.15 20.83
CA PRO A 39 -53.47 20.53 19.87
C PRO A 39 -52.34 21.43 19.45
N LYS A 40 -52.56 22.75 19.51
CA LYS A 40 -51.56 23.71 19.09
C LYS A 40 -50.33 23.56 19.96
N LYS A 41 -50.54 23.34 21.27
CA LYS A 41 -49.43 23.19 22.19
C LYS A 41 -48.61 21.98 21.82
N VAL A 42 -49.30 20.84 21.53
CA VAL A 42 -48.62 19.62 21.19
C VAL A 42 -47.89 19.78 19.90
N GLY A 43 -48.57 20.32 18.85
CA GLY A 43 -47.94 20.48 17.56
C GLY A 43 -46.78 21.41 17.65
N ASP A 44 -46.92 22.52 18.41
CA ASP A 44 -45.84 23.48 18.53
C ASP A 44 -44.65 22.82 19.16
N ASP A 45 -44.88 22.04 20.24
CA ASP A 45 -43.78 21.39 20.94
C ASP A 45 -43.12 20.39 20.01
N ILE A 46 -43.92 19.62 19.25
CA ILE A 46 -43.37 18.63 18.35
C ILE A 46 -42.54 19.30 17.28
N ALA A 47 -43.09 20.34 16.63
CA ALA A 47 -42.38 21.01 15.56
C ALA A 47 -41.12 21.63 16.07
N LYS A 48 -41.16 22.28 17.24
CA LYS A 48 -40.00 22.94 17.79
C LYS A 48 -38.95 21.92 18.16
N ALA A 49 -39.37 20.82 18.83
CA ALA A 49 -38.44 19.81 19.27
C ALA A 49 -37.74 19.16 18.10
N THR A 50 -38.48 18.91 17.00
CA THR A 50 -37.89 18.23 15.86
C THR A 50 -37.55 19.22 14.78
N GLY A 51 -37.41 20.52 15.15
CA GLY A 51 -37.10 21.55 14.18
C GLY A 51 -35.76 21.30 13.55
N ASP A 52 -34.76 20.86 14.33
CA ASP A 52 -33.43 20.66 13.78
C ASP A 52 -33.26 19.22 13.36
N TRP A 53 -34.36 18.44 13.29
CA TRP A 53 -34.25 17.06 12.90
C TRP A 53 -34.93 16.87 11.57
N LYS A 54 -35.16 17.97 10.85
CA LYS A 54 -35.85 17.87 9.57
C LYS A 54 -34.88 17.37 8.53
N GLY A 55 -35.41 16.60 7.55
CA GLY A 55 -34.59 16.08 6.47
C GLY A 55 -33.90 14.84 6.92
N LEU A 56 -34.36 14.22 8.03
CA LEU A 56 -33.72 13.01 8.50
C LEU A 56 -34.81 12.08 8.95
N ARG A 57 -34.74 10.80 8.49
CA ARG A 57 -35.76 9.84 8.86
C ARG A 57 -35.50 9.42 10.28
N ILE A 58 -36.44 9.77 11.20
CA ILE A 58 -36.29 9.43 12.59
C ILE A 58 -37.64 9.02 13.13
N THR A 59 -37.65 8.49 14.38
CA THR A 59 -38.87 8.07 15.00
C THR A 59 -39.14 9.01 16.14
N VAL A 60 -40.39 9.54 16.21
CA VAL A 60 -40.74 10.50 17.25
C VAL A 60 -41.76 9.86 18.14
N LYS A 61 -41.56 9.95 19.47
CA LYS A 61 -42.49 9.37 20.40
C LYS A 61 -42.84 10.44 21.40
N LEU A 62 -44.16 10.63 21.65
CA LEU A 62 -44.58 11.64 22.59
C LEU A 62 -45.36 10.98 23.69
N THR A 63 -45.20 11.51 24.92
CA THR A 63 -45.87 10.95 26.08
C THR A 63 -46.84 11.98 26.58
N ILE A 64 -48.09 11.56 26.88
CA ILE A 64 -49.10 12.49 27.34
C ILE A 64 -49.50 12.11 28.74
N GLN A 65 -49.48 13.12 29.66
CA GLN A 65 -49.86 12.87 31.04
C GLN A 65 -50.32 14.18 31.63
N ASN A 66 -51.58 14.19 32.17
CA ASN A 66 -52.14 15.36 32.81
C ASN A 66 -52.14 16.55 31.88
N ARG A 67 -52.50 16.33 30.59
CA ARG A 67 -52.57 17.40 29.63
C ARG A 67 -51.19 17.90 29.30
N GLN A 68 -50.13 17.28 29.86
CA GLN A 68 -48.78 17.70 29.58
C GLN A 68 -48.23 16.73 28.59
N ALA A 69 -47.42 17.23 27.63
CA ALA A 69 -46.87 16.37 26.63
C ALA A 69 -45.38 16.44 26.71
N GLN A 70 -44.71 15.28 26.62
CA GLN A 70 -43.27 15.23 26.66
C GLN A 70 -42.85 14.74 25.31
N ILE A 71 -41.73 15.30 24.78
CA ILE A 71 -41.27 14.92 23.46
C ILE A 71 -40.01 14.12 23.59
N GLU A 72 -40.01 12.91 22.97
CA GLU A 72 -38.83 12.08 23.01
C GLU A 72 -38.48 11.75 21.58
N VAL A 73 -37.20 11.94 21.19
CA VAL A 73 -36.77 11.67 19.84
C VAL A 73 -35.77 10.56 19.90
N VAL A 74 -36.07 9.43 19.20
CA VAL A 74 -35.18 8.27 19.15
C VAL A 74 -34.76 7.87 20.55
N PRO A 75 -35.69 7.35 21.32
CA PRO A 75 -35.41 6.91 22.68
C PRO A 75 -34.53 5.68 22.73
N SER A 76 -34.57 4.84 21.69
CA SER A 76 -33.74 3.64 21.67
C SER A 76 -33.23 3.48 20.28
N ALA A 77 -31.95 3.04 20.14
CA ALA A 77 -31.38 2.86 18.84
C ALA A 77 -30.18 1.96 19.00
N SER A 78 -29.87 1.15 17.96
CA SER A 78 -28.73 0.28 18.04
C SER A 78 -28.28 0.00 16.63
N ALA A 79 -26.95 0.08 16.38
CA ALA A 79 -26.38 -0.19 15.08
C ALA A 79 -27.08 0.65 14.04
N LEU A 80 -26.99 1.99 14.20
CA LEU A 80 -27.62 2.87 13.25
C LEU A 80 -26.79 2.91 11.99
N ILE A 81 -27.47 2.85 10.82
CA ILE A 81 -26.77 2.88 9.57
C ILE A 81 -27.77 3.28 8.51
N ILE A 82 -27.28 3.95 7.43
CA ILE A 82 -28.16 4.38 6.36
C ILE A 82 -28.00 3.41 5.23
N LYS A 83 -29.13 2.80 4.80
CA LYS A 83 -29.09 1.83 3.72
C LYS A 83 -29.53 2.49 2.44
N ALA A 84 -29.84 3.80 2.49
CA ALA A 84 -30.29 4.49 1.30
C ALA A 84 -29.09 5.12 0.63
N LEU A 85 -28.06 4.30 0.34
CA LEU A 85 -26.88 4.82 -0.31
C LEU A 85 -26.74 4.10 -1.62
N LYS A 86 -26.73 4.87 -2.74
CA LYS A 86 -26.61 4.27 -4.05
C LYS A 86 -25.15 4.15 -4.40
N GLU A 87 -24.26 4.65 -3.52
CA GLU A 87 -22.84 4.59 -3.80
C GLU A 87 -22.14 3.95 -2.63
N PRO A 88 -22.06 2.63 -2.65
CA PRO A 88 -21.40 1.88 -1.59
C PRO A 88 -19.89 2.00 -1.63
N PRO A 89 -19.23 1.88 -0.50
CA PRO A 89 -17.78 1.96 -0.44
C PRO A 89 -17.09 0.72 -0.96
N ARG A 90 -15.85 0.88 -1.46
CA ARG A 90 -15.13 -0.25 -1.99
C ARG A 90 -13.68 -0.02 -1.71
N ASP A 91 -12.96 -1.07 -1.22
CA ASP A 91 -11.56 -0.94 -0.92
C ASP A 91 -10.78 -1.31 -2.16
N ARG A 92 -10.75 -0.40 -3.16
CA ARG A 92 -10.02 -0.67 -4.38
C ARG A 92 -8.61 -0.16 -4.24
N LYS A 93 -8.32 0.57 -3.16
CA LYS A 93 -7.00 1.11 -2.96
C LYS A 93 -6.08 0.00 -2.50
N LYS A 94 -4.79 0.09 -2.90
CA LYS A 94 -3.82 -0.91 -2.54
C LYS A 94 -2.55 -0.19 -2.21
N GLN A 95 -1.93 -0.55 -1.06
CA GLN A 95 -0.70 0.10 -0.66
C GLN A 95 0.25 -0.98 -0.21
N LYS A 96 1.57 -0.70 -0.31
CA LYS A 96 2.56 -1.68 0.07
C LYS A 96 3.54 -1.01 1.01
N ASN A 97 4.20 -1.83 1.86
CA ASN A 97 5.15 -1.33 2.82
C ASN A 97 6.33 -0.68 2.14
N ILE A 98 6.80 -1.27 1.01
CA ILE A 98 7.95 -0.73 0.31
C ILE A 98 7.52 0.39 -0.59
N LYS A 99 6.24 0.41 -0.94
CA LYS A 99 5.72 1.42 -1.83
C LYS A 99 5.68 2.75 -1.14
N HIS A 100 5.26 2.77 0.14
CA HIS A 100 5.16 4.03 0.85
C HIS A 100 6.10 3.99 2.02
N SER A 101 6.95 5.05 2.12
CA SER A 101 7.90 5.16 3.21
C SER A 101 8.84 3.99 3.19
N GLY A 102 9.26 3.56 1.97
CA GLY A 102 10.16 2.44 1.86
C GLY A 102 11.56 2.96 1.78
N ASN A 103 12.54 2.03 1.69
CA ASN A 103 13.92 2.43 1.61
C ASN A 103 14.68 1.28 1.01
N ILE A 104 15.99 1.48 0.73
CA ILE A 104 16.80 0.45 0.14
C ILE A 104 18.05 0.31 0.98
N THR A 105 18.41 -0.95 1.32
CA THR A 105 19.59 -1.18 2.15
C THR A 105 20.76 -1.46 1.23
N PHE A 106 21.99 -1.27 1.76
CA PHE A 106 23.20 -1.48 1.01
C PHE A 106 23.40 -2.94 0.72
N ASP A 107 22.76 -3.82 1.52
CA ASP A 107 22.91 -5.25 1.33
C ASP A 107 22.41 -5.65 -0.03
N GLU A 108 21.31 -5.03 -0.49
CA GLU A 108 20.74 -5.35 -1.78
C GLU A 108 21.72 -4.99 -2.88
N ILE A 109 22.37 -3.81 -2.75
CA ILE A 109 23.30 -3.37 -3.78
C ILE A 109 24.46 -4.32 -3.83
N VAL A 110 24.98 -4.72 -2.64
CA VAL A 110 26.09 -5.64 -2.58
C VAL A 110 25.70 -6.96 -3.18
N ASN A 111 24.45 -7.42 -2.90
CA ASN A 111 23.98 -8.70 -3.39
C ASN A 111 24.00 -8.72 -4.90
N ILE A 112 23.50 -7.64 -5.55
CA ILE A 112 23.46 -7.62 -6.99
C ILE A 112 24.87 -7.50 -7.52
N ALA A 113 25.74 -6.73 -6.83
CA ALA A 113 27.09 -6.54 -7.30
C ALA A 113 27.79 -7.87 -7.37
N ARG A 114 27.58 -8.72 -6.34
CA ARG A 114 28.21 -10.03 -6.31
C ARG A 114 27.59 -10.90 -7.37
N GLN A 115 26.26 -10.81 -7.56
CA GLN A 115 25.59 -11.64 -8.54
C GLN A 115 25.98 -11.23 -9.94
N MET A 116 26.13 -9.91 -10.16
CA MET A 116 26.50 -9.38 -11.45
C MET A 116 25.34 -9.54 -12.39
N ARG A 117 24.13 -9.14 -11.93
CA ARG A 117 22.95 -9.26 -12.75
C ARG A 117 22.69 -7.94 -13.41
N HIS A 118 23.56 -6.93 -13.14
CA HIS A 118 23.42 -5.61 -13.74
C HIS A 118 22.10 -5.01 -13.34
N ARG A 119 21.68 -5.17 -12.07
CA ARG A 119 20.42 -4.61 -11.64
C ARG A 119 20.73 -3.42 -10.78
N SER A 120 21.99 -3.30 -10.29
CA SER A 120 22.35 -2.17 -9.46
C SER A 120 23.83 -2.00 -9.55
N LEU A 121 24.45 -2.49 -10.64
CA LEU A 121 25.88 -2.38 -10.79
C LEU A 121 26.23 -0.97 -11.18
N ALA A 122 25.47 -0.42 -12.15
CA ALA A 122 25.69 0.92 -12.63
C ALA A 122 27.10 1.05 -13.17
N ARG A 123 27.60 2.31 -13.22
CA ARG A 123 28.91 2.59 -13.74
C ARG A 123 29.99 2.12 -12.79
N GLU A 124 29.82 2.43 -11.49
CA GLU A 124 30.81 2.03 -10.51
C GLU A 124 30.11 1.57 -9.28
N LEU A 125 30.76 0.66 -8.52
CA LEU A 125 30.19 0.11 -7.32
C LEU A 125 30.04 1.21 -6.28
N SER A 126 31.04 2.10 -6.16
CA SER A 126 30.96 3.14 -5.17
C SER A 126 29.89 4.14 -5.56
N GLY A 127 29.82 4.47 -6.86
CA GLY A 127 28.87 5.45 -7.33
C GLY A 127 27.47 4.92 -7.21
N THR A 128 27.26 3.62 -7.54
CA THR A 128 25.92 3.06 -7.49
C THR A 128 25.48 2.92 -6.07
N ILE A 129 26.39 2.51 -5.15
CA ILE A 129 26.01 2.34 -3.77
C ILE A 129 25.61 3.68 -3.20
N LYS A 130 26.44 4.71 -3.46
CA LYS A 130 26.17 6.03 -2.95
C LYS A 130 24.88 6.55 -3.52
N GLU A 131 24.66 6.32 -4.85
CA GLU A 131 23.48 6.81 -5.51
C GLU A 131 22.22 6.20 -4.92
N ILE A 132 22.19 4.86 -4.78
CA ILE A 132 21.01 4.20 -4.25
C ILE A 132 20.75 4.62 -2.84
N LEU A 133 21.79 4.58 -1.98
CA LEU A 133 21.62 4.97 -0.59
C LEU A 133 21.16 6.40 -0.50
N GLY A 134 21.71 7.27 -1.37
CA GLY A 134 21.33 8.67 -1.34
C GLY A 134 19.86 8.81 -1.68
N THR A 135 19.38 8.02 -2.66
CA THR A 135 17.98 8.12 -3.07
C THR A 135 17.10 7.55 -1.99
N ALA A 136 17.62 6.62 -1.15
CA ALA A 136 16.81 6.00 -0.11
C ALA A 136 16.33 7.06 0.85
N GLN A 137 17.20 8.03 1.22
CA GLN A 137 16.81 9.06 2.15
C GLN A 137 15.79 9.98 1.53
N SER A 138 15.96 10.33 0.23
CA SER A 138 15.04 11.23 -0.40
C SER A 138 13.70 10.58 -0.64
N VAL A 139 13.70 9.29 -1.05
CA VAL A 139 12.46 8.60 -1.36
C VAL A 139 11.72 8.19 -0.11
N GLY A 140 12.44 7.81 0.97
CA GLY A 140 11.76 7.37 2.17
C GLY A 140 11.62 8.51 3.13
N CYS A 141 10.38 8.69 3.66
CA CYS A 141 10.12 9.74 4.61
C CYS A 141 10.87 9.42 5.89
N ASN A 142 10.75 8.15 6.34
CA ASN A 142 11.42 7.74 7.55
C ASN A 142 12.57 6.87 7.16
N VAL A 143 13.80 7.34 7.44
CA VAL A 143 14.99 6.61 7.09
C VAL A 143 15.83 6.50 8.33
N ASP A 144 16.43 5.31 8.55
CA ASP A 144 17.25 5.10 9.73
C ASP A 144 18.67 5.46 9.42
N GLY A 145 18.93 6.77 9.17
CA GLY A 145 20.28 7.20 8.90
C GLY A 145 20.65 6.75 7.52
N ARG A 146 21.55 5.74 7.43
CA ARG A 146 21.99 5.22 6.17
C ARG A 146 22.62 6.34 5.37
N HIS A 147 23.63 7.00 5.99
CA HIS A 147 24.31 8.09 5.32
C HIS A 147 25.14 7.51 4.21
N PRO A 148 25.03 8.09 3.03
CA PRO A 148 25.76 7.62 1.86
C PRO A 148 27.25 7.60 2.04
N HIS A 149 27.80 8.66 2.69
CA HIS A 149 29.22 8.76 2.89
C HIS A 149 29.69 7.66 3.81
N ASP A 150 28.91 7.37 4.87
CA ASP A 150 29.30 6.35 5.81
C ASP A 150 29.19 5.00 5.16
N ILE A 151 28.12 4.80 4.35
CA ILE A 151 27.91 3.52 3.70
C ILE A 151 29.03 3.22 2.75
N ILE A 152 29.38 4.18 1.87
CA ILE A 152 30.42 3.92 0.90
C ILE A 152 31.74 3.75 1.62
N ASP A 153 31.92 4.45 2.77
CA ASP A 153 33.15 4.31 3.51
C ASP A 153 33.22 2.91 4.07
N ASP A 154 32.11 2.43 4.66
CA ASP A 154 32.09 1.11 5.26
C ASP A 154 32.23 0.07 4.17
N ILE A 155 31.56 0.28 3.01
CA ILE A 155 31.64 -0.69 1.93
C ILE A 155 33.07 -0.84 1.50
N ASN A 156 33.76 0.30 1.25
CA ASN A 156 35.13 0.27 0.80
C ASN A 156 36.02 -0.33 1.87
N SER A 157 35.70 -0.05 3.15
CA SER A 157 36.50 -0.58 4.24
C SER A 157 36.50 -2.08 4.18
N GLY A 158 35.32 -2.69 3.88
CA GLY A 158 35.27 -4.13 3.78
C GLY A 158 33.93 -4.60 4.22
N ALA A 159 32.84 -4.05 3.63
CA ALA A 159 31.51 -4.47 4.02
C ALA A 159 31.27 -5.88 3.56
N VAL A 160 31.77 -6.22 2.35
CA VAL A 160 31.53 -7.51 1.79
C VAL A 160 32.86 -8.14 1.44
N GLU A 161 32.96 -9.48 1.65
CA GLU A 161 34.19 -10.19 1.36
C GLU A 161 33.88 -11.17 0.25
N CYS A 162 34.07 -12.49 0.52
CA CYS A 162 33.80 -13.49 -0.50
C CYS A 162 32.30 -13.56 -0.75
N PRO A 163 31.51 -13.86 0.28
CA PRO A 163 30.06 -13.90 0.12
C PRO A 163 29.49 -12.53 0.11
N ALA A 164 28.23 -12.38 -0.37
CA ALA A 164 27.60 -11.07 -0.44
C ALA A 164 27.29 -10.60 0.96
N SER A 165 27.33 -11.49 1.95
CA SER A 165 27.04 -11.09 3.31
C SER A 165 27.55 -12.18 4.25
N MET A 1 18.03 5.61 -90.86
CA MET A 1 18.51 6.40 -89.69
C MET A 1 19.99 6.64 -89.80
N PRO A 2 20.45 7.70 -89.17
CA PRO A 2 21.86 8.06 -89.18
C PRO A 2 22.75 6.98 -88.62
N PRO A 3 23.93 6.82 -89.18
CA PRO A 3 24.87 5.80 -88.71
C PRO A 3 25.47 6.16 -87.39
N LYS A 4 25.84 5.12 -86.60
CA LYS A 4 26.41 5.36 -85.30
C LYS A 4 27.61 4.48 -85.16
N PHE A 5 28.54 4.88 -84.26
CA PHE A 5 29.75 4.14 -84.07
C PHE A 5 29.82 3.71 -82.63
N ASP A 6 30.11 2.41 -82.41
CA ASP A 6 30.19 1.89 -81.07
C ASP A 6 31.41 2.45 -80.35
N PRO A 7 32.58 2.47 -80.97
CA PRO A 7 33.79 2.99 -80.32
C PRO A 7 33.68 4.44 -79.91
N ASN A 8 34.34 4.81 -78.79
CA ASN A 8 34.28 6.16 -78.33
C ASN A 8 35.43 6.40 -77.38
N GLU A 9 35.56 7.66 -76.90
CA GLU A 9 36.63 7.99 -75.98
C GLU A 9 36.12 9.11 -75.10
N ILE A 10 36.21 8.92 -73.76
CA ILE A 10 35.73 9.92 -72.83
C ILE A 10 36.88 10.31 -71.93
N LYS A 11 37.07 11.64 -71.70
CA LYS A 11 38.14 12.10 -70.84
C LYS A 11 37.54 12.93 -69.74
N VAL A 12 38.15 12.89 -68.53
CA VAL A 12 37.63 13.63 -67.39
C VAL A 12 38.66 14.65 -66.98
N VAL A 13 38.21 15.92 -66.78
CA VAL A 13 39.13 16.98 -66.41
C VAL A 13 38.57 17.64 -65.17
N TYR A 14 39.48 18.00 -64.23
CA TYR A 14 39.06 18.62 -62.99
C TYR A 14 39.46 20.07 -63.06
N LEU A 15 38.54 20.98 -62.66
CA LEU A 15 38.83 22.39 -62.73
C LEU A 15 38.38 23.03 -61.44
N ARG A 16 39.28 23.82 -60.80
CA ARG A 16 38.93 24.47 -59.55
C ARG A 16 38.95 25.95 -59.80
N CYS A 17 37.86 26.49 -60.38
CA CYS A 17 37.80 27.91 -60.64
C CYS A 17 36.38 28.33 -60.42
N THR A 18 36.18 29.64 -60.15
CA THR A 18 34.85 30.13 -59.91
C THR A 18 34.72 31.43 -60.66
N GLY A 19 33.71 31.53 -61.55
CA GLY A 19 33.51 32.76 -62.28
C GLY A 19 33.10 32.40 -63.68
N GLY A 20 33.03 33.43 -64.55
CA GLY A 20 32.65 33.21 -65.92
C GLY A 20 33.83 32.63 -66.61
N GLU A 21 33.59 31.70 -67.57
CA GLU A 21 34.68 31.07 -68.26
C GLU A 21 34.30 30.97 -69.72
N VAL A 22 34.52 32.07 -70.48
CA VAL A 22 34.20 32.07 -71.89
C VAL A 22 35.45 31.83 -72.68
N GLY A 23 36.44 31.19 -72.06
CA GLY A 23 37.67 30.94 -72.75
C GLY A 23 38.34 29.77 -72.12
N ALA A 24 39.53 29.42 -72.66
CA ALA A 24 40.26 28.30 -72.14
C ALA A 24 40.75 28.64 -70.76
N THR A 25 40.76 27.63 -69.87
CA THR A 25 41.20 27.82 -68.52
C THR A 25 42.54 27.15 -68.35
N SER A 26 42.93 26.92 -67.08
CA SER A 26 44.21 26.31 -66.76
C SER A 26 44.29 24.92 -67.30
N ALA A 27 43.20 24.12 -67.23
CA ALA A 27 43.26 22.75 -67.71
C ALA A 27 42.98 22.72 -69.19
N LEU A 28 42.10 23.61 -69.65
CA LEU A 28 41.72 23.64 -71.05
C LEU A 28 42.91 24.02 -71.89
N ALA A 29 43.80 24.91 -71.41
CA ALA A 29 44.94 25.31 -72.22
C ALA A 29 45.77 24.10 -72.63
N PRO A 30 46.31 23.34 -71.69
CA PRO A 30 47.12 22.18 -72.02
C PRO A 30 46.34 21.02 -72.58
N LYS A 31 45.00 21.04 -72.45
CA LYS A 31 44.21 19.95 -72.99
C LYS A 31 43.82 20.27 -74.42
N ILE A 32 43.17 21.43 -74.61
CA ILE A 32 42.69 21.86 -75.90
C ILE A 32 43.85 22.10 -76.84
N GLY A 33 44.98 22.66 -76.35
CA GLY A 33 46.12 22.95 -77.21
C GLY A 33 46.47 21.74 -78.05
N PRO A 34 46.96 20.70 -77.40
CA PRO A 34 47.33 19.46 -78.08
C PRO A 34 46.19 18.82 -78.83
N LEU A 35 44.94 18.95 -78.31
CA LEU A 35 43.81 18.35 -79.00
C LEU A 35 43.64 19.03 -80.33
N GLY A 36 43.86 20.36 -80.39
CA GLY A 36 43.75 21.07 -81.64
C GLY A 36 42.30 21.36 -81.94
N LEU A 37 41.48 21.65 -80.89
CA LEU A 37 40.09 21.94 -81.13
C LEU A 37 39.88 23.41 -80.90
N SER A 38 38.68 23.92 -81.23
CA SER A 38 38.40 25.34 -81.07
C SER A 38 38.02 25.61 -79.63
N PRO A 39 38.73 26.52 -79.00
CA PRO A 39 38.48 26.88 -77.61
C PRO A 39 37.25 27.74 -77.42
N LYS A 40 36.86 28.47 -78.48
CA LYS A 40 35.71 29.36 -78.38
C LYS A 40 34.47 28.53 -78.14
N LYS A 41 34.38 27.36 -78.79
CA LYS A 41 33.24 26.49 -78.63
C LYS A 41 33.16 26.04 -77.20
N VAL A 42 34.31 25.65 -76.61
CA VAL A 42 34.33 25.16 -75.25
C VAL A 42 33.91 26.26 -74.30
N GLY A 43 34.47 27.48 -74.46
CA GLY A 43 34.13 28.56 -73.55
C GLY A 43 32.67 28.88 -73.63
N ASP A 44 32.11 28.92 -74.87
CA ASP A 44 30.72 29.25 -75.03
C ASP A 44 29.86 28.19 -74.37
N ASP A 45 30.19 26.90 -74.58
CA ASP A 45 29.40 25.84 -74.01
C ASP A 45 29.47 25.88 -72.50
N ILE A 46 30.69 26.13 -71.95
CA ILE A 46 30.85 26.16 -70.51
C ILE A 46 30.05 27.30 -69.92
N ALA A 47 30.15 28.51 -70.51
CA ALA A 47 29.44 29.65 -69.98
C ALA A 47 27.96 29.43 -70.04
N LYS A 48 27.47 28.89 -71.17
CA LYS A 48 26.05 28.67 -71.34
C LYS A 48 25.56 27.63 -70.37
N ALA A 49 26.31 26.51 -70.24
CA ALA A 49 25.91 25.43 -69.36
C ALA A 49 25.88 25.88 -67.92
N THR A 50 26.88 26.68 -67.49
CA THR A 50 26.91 27.10 -66.09
C THR A 50 25.90 28.19 -65.85
N GLY A 51 25.47 28.90 -66.91
CA GLY A 51 24.49 29.95 -66.75
C GLY A 51 25.02 31.02 -65.84
N ASP A 52 24.18 31.45 -64.88
CA ASP A 52 24.57 32.48 -63.95
C ASP A 52 24.97 31.81 -62.67
N TRP A 53 26.29 31.70 -62.42
CA TRP A 53 26.78 31.07 -61.23
C TRP A 53 28.06 31.75 -60.88
N LYS A 54 27.96 32.97 -60.28
CA LYS A 54 29.14 33.71 -59.91
C LYS A 54 28.96 34.19 -58.50
N GLY A 55 30.10 34.33 -57.78
CA GLY A 55 30.05 34.81 -56.42
C GLY A 55 29.82 33.67 -55.48
N LEU A 56 29.85 32.43 -55.99
CA LEU A 56 29.63 31.29 -55.13
C LEU A 56 30.67 30.27 -55.50
N ARG A 57 31.46 29.82 -54.51
CA ARG A 57 32.52 28.86 -54.76
C ARG A 57 31.89 27.54 -55.09
N ILE A 58 32.39 26.89 -56.17
CA ILE A 58 31.85 25.62 -56.57
C ILE A 58 32.92 24.90 -57.37
N THR A 59 32.92 23.54 -57.26
CA THR A 59 33.89 22.73 -57.98
C THR A 59 33.39 22.58 -59.39
N VAL A 60 34.31 22.72 -60.38
CA VAL A 60 33.92 22.62 -61.77
C VAL A 60 34.55 21.38 -62.35
N LYS A 61 33.74 20.53 -63.00
CA LYS A 61 34.27 19.34 -63.60
C LYS A 61 33.77 19.30 -65.01
N LEU A 62 34.71 19.13 -65.99
CA LEU A 62 34.31 19.11 -67.37
C LEU A 62 34.76 17.81 -67.97
N THR A 63 33.93 17.28 -68.89
CA THR A 63 34.22 16.02 -69.54
C THR A 63 34.42 16.32 -71.01
N ILE A 64 35.49 15.73 -71.61
CA ILE A 64 35.78 15.96 -73.01
C ILE A 64 35.33 14.75 -73.79
N GLN A 65 34.46 14.96 -74.81
CA GLN A 65 33.99 13.86 -75.62
C GLN A 65 33.79 14.36 -77.02
N ASN A 66 34.41 13.66 -78.02
CA ASN A 66 34.26 14.03 -79.42
C ASN A 66 34.63 15.48 -79.64
N ARG A 67 35.75 15.93 -79.02
CA ARG A 67 36.21 17.31 -79.18
C ARG A 67 35.15 18.27 -78.68
N GLN A 68 34.35 17.85 -77.68
CA GLN A 68 33.35 18.73 -77.13
C GLN A 68 33.44 18.60 -75.64
N ALA A 69 33.42 19.74 -74.93
CA ALA A 69 33.52 19.69 -73.49
C ALA A 69 32.16 19.95 -72.92
N GLN A 70 31.77 19.12 -71.93
CA GLN A 70 30.49 19.27 -71.28
C GLN A 70 30.81 19.36 -69.82
N ILE A 71 30.16 20.30 -69.09
CA ILE A 71 30.44 20.48 -67.70
C ILE A 71 29.25 20.03 -66.91
N GLU A 72 29.53 19.40 -65.74
CA GLU A 72 28.47 18.95 -64.89
C GLU A 72 28.37 19.94 -63.76
N VAL A 73 27.19 20.58 -63.61
CA VAL A 73 27.00 21.58 -62.59
C VAL A 73 26.43 20.90 -61.38
N VAL A 74 27.03 21.17 -60.19
CA VAL A 74 26.58 20.59 -58.95
C VAL A 74 25.30 21.28 -58.52
N PRO A 75 24.25 20.51 -58.32
CA PRO A 75 22.97 21.05 -57.91
C PRO A 75 22.84 21.23 -56.41
N SER A 76 23.76 22.00 -55.80
CA SER A 76 23.72 22.24 -54.35
C SER A 76 23.70 20.92 -53.62
N ALA A 77 24.61 20.00 -54.00
CA ALA A 77 24.66 18.71 -53.36
C ALA A 77 25.22 18.88 -51.96
N SER A 78 24.79 18.01 -51.02
CA SER A 78 25.27 18.12 -49.67
C SER A 78 25.24 16.74 -49.07
N ALA A 79 25.36 16.67 -47.73
CA ALA A 79 25.37 15.40 -47.03
C ALA A 79 23.97 14.84 -47.03
N LEU A 80 23.89 13.49 -47.07
CA LEU A 80 22.61 12.81 -47.07
C LEU A 80 22.19 12.61 -45.64
N ILE A 81 20.86 12.45 -45.42
CA ILE A 81 20.34 12.26 -44.08
C ILE A 81 19.58 10.96 -44.07
N ILE A 82 19.62 10.24 -42.93
CA ILE A 82 18.93 8.97 -42.81
C ILE A 82 17.85 9.13 -41.78
N LYS A 83 16.61 8.72 -42.14
CA LYS A 83 15.49 8.84 -41.23
C LYS A 83 15.31 7.54 -40.50
N ALA A 84 14.69 7.59 -39.29
CA ALA A 84 14.47 6.40 -38.51
C ALA A 84 13.21 6.60 -37.71
N LEU A 85 12.57 5.49 -37.27
CA LEU A 85 11.35 5.58 -36.50
C LEU A 85 11.62 4.98 -35.15
N LYS A 86 10.97 5.54 -34.09
CA LYS A 86 11.18 5.03 -32.74
C LYS A 86 9.82 4.88 -32.10
N GLU A 87 9.73 3.94 -31.12
CA GLU A 87 8.47 3.69 -30.44
C GLU A 87 8.61 4.14 -29.00
N PRO A 88 7.89 5.17 -28.62
CA PRO A 88 7.92 5.68 -27.24
C PRO A 88 7.44 4.66 -26.23
N PRO A 89 7.98 4.69 -25.02
CA PRO A 89 7.58 3.77 -23.97
C PRO A 89 6.34 4.23 -23.25
N ARG A 90 5.21 4.27 -23.98
CA ARG A 90 3.95 4.71 -23.41
C ARG A 90 3.38 3.59 -22.56
N ASP A 91 3.84 2.35 -22.78
CA ASP A 91 3.33 1.23 -22.03
C ASP A 91 4.21 1.06 -20.81
N ARG A 92 3.66 1.35 -19.61
CA ARG A 92 4.44 1.21 -18.39
C ARG A 92 3.63 0.37 -17.45
N LYS A 93 4.32 -0.54 -16.70
CA LYS A 93 3.66 -1.42 -15.77
C LYS A 93 3.08 -0.63 -14.62
N LYS A 94 3.85 0.36 -14.11
CA LYS A 94 3.38 1.20 -13.02
C LYS A 94 3.03 0.32 -11.82
N GLN A 95 3.95 -0.58 -11.41
CA GLN A 95 3.69 -1.45 -10.29
C GLN A 95 4.78 -1.21 -9.28
N LYS A 96 4.48 -1.48 -7.98
CA LYS A 96 5.45 -1.25 -6.94
C LYS A 96 5.57 -2.52 -6.14
N ASN A 97 6.83 -2.89 -5.79
CA ASN A 97 7.08 -4.11 -5.03
C ASN A 97 6.42 -3.99 -3.68
N ILE A 98 6.63 -2.84 -2.99
CA ILE A 98 6.03 -2.66 -1.70
C ILE A 98 5.84 -1.19 -1.50
N LYS A 99 4.56 -0.77 -1.48
CA LYS A 99 4.21 0.62 -1.30
C LYS A 99 4.34 1.01 0.14
N HIS A 100 4.17 0.03 1.06
CA HIS A 100 4.22 0.33 2.48
C HIS A 100 5.57 0.88 2.87
N SER A 101 6.68 0.33 2.33
CA SER A 101 7.98 0.84 2.70
C SER A 101 8.92 0.51 1.58
N GLY A 102 9.89 1.43 1.31
CA GLY A 102 10.85 1.23 0.24
C GLY A 102 11.71 0.03 0.56
N ASN A 103 12.14 -0.10 1.83
CA ASN A 103 12.99 -1.21 2.22
C ASN A 103 14.27 -1.17 1.42
N ILE A 104 14.92 0.01 1.37
CA ILE A 104 16.15 0.15 0.62
C ILE A 104 17.30 0.00 1.58
N THR A 105 18.27 -0.87 1.23
CA THR A 105 19.40 -1.08 2.10
C THR A 105 20.61 -1.36 1.23
N PHE A 106 21.82 -1.12 1.78
CA PHE A 106 23.06 -1.30 1.06
C PHE A 106 23.30 -2.77 0.80
N ASP A 107 22.69 -3.66 1.63
CA ASP A 107 22.88 -5.09 1.46
C ASP A 107 22.40 -5.49 0.09
N GLU A 108 21.29 -4.88 -0.37
CA GLU A 108 20.74 -5.21 -1.66
C GLU A 108 21.70 -4.84 -2.75
N ILE A 109 22.35 -3.65 -2.62
CA ILE A 109 23.27 -3.18 -3.63
C ILE A 109 24.43 -4.14 -3.71
N VAL A 110 24.98 -4.53 -2.53
CA VAL A 110 26.12 -5.43 -2.50
C VAL A 110 25.73 -6.76 -3.09
N ASN A 111 24.51 -7.24 -2.77
CA ASN A 111 24.08 -8.53 -3.25
C ASN A 111 24.03 -8.55 -4.76
N ILE A 112 23.46 -7.50 -5.39
CA ILE A 112 23.34 -7.48 -6.84
C ILE A 112 24.70 -7.26 -7.42
N ALA A 113 25.55 -6.45 -6.77
CA ALA A 113 26.87 -6.18 -7.30
C ALA A 113 27.63 -7.48 -7.41
N ARG A 114 27.50 -8.35 -6.39
CA ARG A 114 28.20 -9.61 -6.39
C ARG A 114 27.52 -10.57 -7.34
N GLN A 115 26.17 -10.54 -7.41
CA GLN A 115 25.46 -11.45 -8.28
C GLN A 115 25.68 -11.07 -9.72
N MET A 116 25.91 -9.75 -9.97
CA MET A 116 26.14 -9.27 -11.32
C MET A 116 24.84 -9.28 -12.06
N ARG A 117 23.73 -8.88 -11.38
CA ARG A 117 22.44 -8.85 -12.02
C ARG A 117 22.15 -7.41 -12.38
N HIS A 118 21.24 -7.21 -13.35
CA HIS A 118 20.92 -5.87 -13.79
C HIS A 118 19.84 -5.33 -12.90
N ARG A 119 20.14 -5.11 -11.60
CA ARG A 119 19.14 -4.54 -10.71
C ARG A 119 19.76 -3.37 -10.00
N SER A 120 21.10 -3.38 -9.84
CA SER A 120 21.77 -2.28 -9.18
C SER A 120 23.24 -2.41 -9.43
N LEU A 121 23.60 -3.19 -10.48
CA LEU A 121 24.99 -3.41 -10.80
C LEU A 121 25.56 -2.13 -11.35
N ALA A 122 24.79 -1.48 -12.25
CA ALA A 122 25.18 -0.24 -12.88
C ALA A 122 26.52 -0.39 -13.55
N ARG A 123 27.42 0.61 -13.34
CA ARG A 123 28.71 0.59 -13.99
C ARG A 123 29.80 0.52 -12.97
N GLU A 124 29.74 1.40 -11.95
CA GLU A 124 30.77 1.43 -10.95
C GLU A 124 30.14 1.11 -9.62
N LEU A 125 30.87 0.33 -8.80
CA LEU A 125 30.37 -0.08 -7.51
C LEU A 125 30.19 1.12 -6.62
N SER A 126 31.17 2.04 -6.59
CA SER A 126 31.07 3.19 -5.71
C SER A 126 29.95 4.09 -6.18
N GLY A 127 29.85 4.31 -7.51
CA GLY A 127 28.86 5.20 -8.04
C GLY A 127 27.48 4.64 -7.84
N THR A 128 27.29 3.33 -8.04
CA THR A 128 25.97 2.76 -7.91
C THR A 128 25.56 2.70 -6.47
N ILE A 129 26.50 2.35 -5.56
CA ILE A 129 26.17 2.27 -4.16
C ILE A 129 25.77 3.64 -3.67
N LYS A 130 26.57 4.66 -4.01
CA LYS A 130 26.29 6.02 -3.56
C LYS A 130 24.99 6.50 -4.16
N GLU A 131 24.75 6.19 -5.45
CA GLU A 131 23.55 6.65 -6.13
C GLU A 131 22.31 6.10 -5.47
N ILE A 132 22.28 4.77 -5.21
CA ILE A 132 21.10 4.16 -4.61
C ILE A 132 20.92 4.67 -3.21
N LEU A 133 22.01 4.72 -2.41
CA LEU A 133 21.90 5.17 -1.04
C LEU A 133 21.43 6.61 -1.01
N GLY A 134 21.96 7.44 -1.93
CA GLY A 134 21.57 8.84 -1.98
C GLY A 134 20.10 8.93 -2.29
N THR A 135 19.63 8.06 -3.20
CA THR A 135 18.23 8.06 -3.59
C THR A 135 17.39 7.69 -2.39
N ALA A 136 17.88 6.76 -1.54
CA ALA A 136 17.13 6.31 -0.39
C ALA A 136 16.79 7.46 0.53
N GLN A 137 17.60 8.55 0.56
CA GLN A 137 17.32 9.65 1.45
C GLN A 137 15.94 10.21 1.16
N SER A 138 15.54 10.24 -0.12
CA SER A 138 14.24 10.79 -0.48
C SER A 138 13.16 9.86 -0.01
N VAL A 139 13.40 8.55 -0.14
CA VAL A 139 12.43 7.56 0.24
C VAL A 139 12.19 7.61 1.73
N GLY A 140 13.28 7.71 2.52
CA GLY A 140 13.15 7.73 3.96
C GLY A 140 12.76 9.11 4.40
N CYS A 141 11.43 9.32 4.58
CA CYS A 141 10.93 10.60 5.02
C CYS A 141 11.39 10.83 6.45
N ASN A 142 11.41 9.76 7.26
CA ASN A 142 11.79 9.88 8.65
C ASN A 142 13.27 9.70 8.80
N VAL A 143 14.02 9.68 7.67
CA VAL A 143 15.47 9.53 7.73
C VAL A 143 15.77 8.18 8.34
N ASP A 144 15.87 7.14 7.48
CA ASP A 144 16.15 5.82 7.98
C ASP A 144 17.40 5.33 7.31
N GLY A 145 18.54 5.34 8.05
CA GLY A 145 19.77 4.85 7.50
C GLY A 145 20.26 5.79 6.43
N ARG A 146 20.00 7.10 6.60
CA ARG A 146 20.43 8.07 5.62
C ARG A 146 21.83 8.47 5.95
N HIS A 147 22.81 7.56 5.72
CA HIS A 147 24.19 7.89 5.99
C HIS A 147 25.03 7.31 4.88
N PRO A 148 24.93 7.89 3.70
CA PRO A 148 25.69 7.41 2.54
C PRO A 148 27.17 7.41 2.72
N HIS A 149 27.70 8.47 3.38
CA HIS A 149 29.14 8.59 3.56
C HIS A 149 29.64 7.51 4.48
N ASP A 150 28.91 7.23 5.58
CA ASP A 150 29.36 6.22 6.51
C ASP A 150 29.23 4.86 5.87
N ILE A 151 28.12 4.63 5.15
CA ILE A 151 27.88 3.35 4.53
C ILE A 151 28.92 3.06 3.49
N ILE A 152 29.17 4.00 2.55
CA ILE A 152 30.15 3.76 1.52
C ILE A 152 31.51 3.64 2.15
N ASP A 153 31.75 4.35 3.26
CA ASP A 153 33.04 4.26 3.92
C ASP A 153 33.21 2.85 4.42
N ASP A 154 32.16 2.29 5.08
CA ASP A 154 32.24 0.95 5.61
C ASP A 154 32.29 -0.04 4.47
N ILE A 155 31.48 0.20 3.40
CA ILE A 155 31.47 -0.71 2.27
C ILE A 155 32.82 -0.76 1.64
N ASN A 156 33.42 0.42 1.36
CA ASN A 156 34.74 0.47 0.76
C ASN A 156 35.74 -0.19 1.67
N SER A 157 35.59 -0.01 3.00
CA SER A 157 36.54 -0.59 3.94
C SER A 157 36.51 -2.09 3.78
N GLY A 158 35.30 -2.68 3.60
CA GLY A 158 35.23 -4.12 3.43
C GLY A 158 33.92 -4.60 3.97
N ALA A 159 32.80 -4.15 3.37
CA ALA A 159 31.49 -4.59 3.84
C ALA A 159 31.31 -6.04 3.52
N VAL A 160 31.78 -6.48 2.34
CA VAL A 160 31.60 -7.85 1.92
C VAL A 160 32.94 -8.49 1.72
N GLU A 161 33.13 -9.66 2.38
CA GLU A 161 34.36 -10.40 2.26
C GLU A 161 34.40 -11.09 0.92
N CYS A 162 33.25 -11.68 0.50
CA CYS A 162 33.22 -12.37 -0.77
C CYS A 162 31.79 -12.70 -1.13
N PRO A 163 31.09 -13.49 -0.32
CA PRO A 163 29.71 -13.87 -0.63
C PRO A 163 28.69 -12.84 -0.25
N ALA A 164 28.88 -11.60 -0.76
CA ALA A 164 27.98 -10.50 -0.49
C ALA A 164 27.86 -10.27 0.99
N SER A 165 28.79 -10.85 1.78
CA SER A 165 28.75 -10.67 3.21
C SER A 165 30.07 -11.19 3.79
N MET A 1 -27.67 -25.40 19.26
CA MET A 1 -26.34 -24.98 18.76
C MET A 1 -25.36 -26.12 18.83
N PRO A 2 -24.39 -26.11 17.95
CA PRO A 2 -23.38 -27.17 17.91
C PRO A 2 -22.42 -27.08 19.06
N PRO A 3 -21.83 -28.19 19.45
CA PRO A 3 -20.89 -28.23 20.56
C PRO A 3 -19.49 -27.82 20.15
N LYS A 4 -19.31 -26.53 19.82
CA LYS A 4 -18.01 -26.05 19.41
C LYS A 4 -17.96 -24.58 19.67
N PHE A 5 -16.74 -23.99 19.57
CA PHE A 5 -16.58 -22.59 19.84
C PHE A 5 -15.40 -22.09 19.06
N ASP A 6 -15.32 -20.74 18.88
CA ASP A 6 -14.24 -20.16 18.13
C ASP A 6 -14.07 -18.70 18.54
N PRO A 7 -15.15 -17.92 18.54
CA PRO A 7 -15.06 -16.50 18.92
C PRO A 7 -14.55 -16.28 20.30
N ASN A 8 -13.83 -15.16 20.53
CA ASN A 8 -13.29 -14.88 21.83
C ASN A 8 -12.77 -13.46 21.85
N GLU A 9 -12.18 -13.04 23.00
CA GLU A 9 -11.66 -11.70 23.15
C GLU A 9 -10.27 -11.68 22.54
N ILE A 10 -10.23 -11.61 21.19
CA ILE A 10 -8.96 -11.58 20.49
C ILE A 10 -8.94 -10.34 19.63
N LYS A 11 -7.80 -9.61 19.64
CA LYS A 11 -7.69 -8.40 18.85
C LYS A 11 -6.87 -8.71 17.62
N VAL A 12 -7.33 -8.18 16.45
CA VAL A 12 -6.65 -8.42 15.19
C VAL A 12 -6.10 -7.11 14.70
N VAL A 13 -4.80 -7.11 14.30
CA VAL A 13 -4.16 -5.90 13.82
C VAL A 13 -3.65 -6.17 12.43
N TYR A 14 -3.83 -5.18 11.53
CA TYR A 14 -3.43 -5.33 10.15
C TYR A 14 -2.21 -4.45 9.96
N LEU A 15 -1.12 -5.04 9.41
CA LEU A 15 0.11 -4.29 9.21
C LEU A 15 0.52 -4.43 7.77
N ARG A 16 0.75 -3.29 7.07
CA ARG A 16 1.14 -3.33 5.68
C ARG A 16 2.54 -2.75 5.57
N CYS A 17 3.57 -3.56 5.92
CA CYS A 17 4.94 -3.09 5.84
C CYS A 17 5.83 -4.29 5.89
N THR A 18 6.86 -4.33 5.02
CA THR A 18 7.76 -5.46 4.99
C THR A 18 9.16 -4.93 4.94
N GLY A 19 10.03 -5.39 5.88
CA GLY A 19 11.40 -4.93 5.88
C GLY A 19 11.89 -4.87 7.29
N GLY A 20 13.09 -4.27 7.50
CA GLY A 20 13.64 -4.17 8.83
C GLY A 20 13.21 -2.85 9.41
N GLU A 21 12.24 -2.89 10.34
CA GLU A 21 11.76 -1.68 10.95
C GLU A 21 11.11 -2.07 12.26
N VAL A 22 11.38 -1.29 13.33
CA VAL A 22 10.81 -1.60 14.62
C VAL A 22 9.92 -0.45 15.01
N GLY A 23 8.83 -0.75 15.76
CA GLY A 23 7.94 0.31 16.19
C GLY A 23 6.54 -0.23 16.24
N ALA A 24 5.57 0.67 16.53
CA ALA A 24 4.18 0.27 16.61
C ALA A 24 3.60 0.27 15.22
N THR A 25 2.55 -0.58 15.01
CA THR A 25 1.92 -0.68 13.71
C THR A 25 0.90 0.42 13.57
N SER A 26 0.14 0.36 12.45
CA SER A 26 -0.87 1.37 12.16
C SER A 26 -1.93 1.36 13.23
N ALA A 27 -2.36 0.16 13.69
CA ALA A 27 -3.41 0.10 14.70
C ALA A 27 -2.81 0.22 16.08
N LEU A 28 -1.61 -0.35 16.26
CA LEU A 28 -0.95 -0.32 17.54
C LEU A 28 -0.54 1.08 17.89
N ALA A 29 -0.30 1.95 16.90
CA ALA A 29 0.11 3.30 17.21
C ALA A 29 -0.98 4.01 18.02
N PRO A 30 -2.18 4.14 17.46
CA PRO A 30 -3.28 4.80 18.16
C PRO A 30 -3.82 4.01 19.31
N LYS A 31 -3.44 2.73 19.41
CA LYS A 31 -3.92 1.91 20.50
C LYS A 31 -2.92 1.94 21.64
N ILE A 32 -1.70 1.42 21.37
CA ILE A 32 -0.67 1.34 22.37
C ILE A 32 -0.25 2.70 22.85
N GLY A 33 -0.08 3.67 21.92
CA GLY A 33 0.40 4.98 22.27
C GLY A 33 -0.41 5.59 23.37
N PRO A 34 -1.66 5.91 23.08
CA PRO A 34 -2.54 6.53 24.06
C PRO A 34 -2.74 5.72 25.31
N LEU A 35 -2.90 4.39 25.17
CA LEU A 35 -3.11 3.59 26.35
C LEU A 35 -3.30 2.16 25.95
N GLY A 36 -2.19 1.45 25.71
CA GLY A 36 -2.31 0.06 25.36
C GLY A 36 -1.28 -0.71 26.13
N LEU A 37 -0.02 -0.75 25.64
CA LEU A 37 0.99 -1.51 26.34
C LEU A 37 2.35 -0.95 25.98
N SER A 38 3.37 -1.84 25.85
CA SER A 38 4.71 -1.39 25.54
C SER A 38 4.95 -1.61 24.07
N PRO A 39 5.14 -0.53 23.33
CA PRO A 39 5.37 -0.61 21.90
C PRO A 39 6.73 -1.15 21.53
N LYS A 40 7.72 -0.97 22.44
CA LYS A 40 9.07 -1.42 22.17
C LYS A 40 9.08 -2.92 22.07
N LYS A 41 8.32 -3.59 22.95
CA LYS A 41 8.30 -5.03 22.97
C LYS A 41 7.66 -5.54 21.71
N VAL A 42 6.57 -4.87 21.27
CA VAL A 42 5.88 -5.31 20.08
C VAL A 42 6.77 -5.16 18.88
N GLY A 43 7.42 -3.99 18.74
CA GLY A 43 8.27 -3.75 17.59
C GLY A 43 9.41 -4.72 17.56
N ASP A 44 10.04 -4.97 18.72
CA ASP A 44 11.18 -5.86 18.74
C ASP A 44 10.75 -7.26 18.36
N ASP A 45 9.57 -7.71 18.88
CA ASP A 45 9.11 -9.05 18.58
C ASP A 45 8.80 -9.17 17.11
N ILE A 46 8.15 -8.14 16.52
CA ILE A 46 7.80 -8.18 15.13
C ILE A 46 9.04 -8.23 14.27
N ALA A 47 10.04 -7.38 14.57
CA ALA A 47 11.24 -7.33 13.77
C ALA A 47 11.98 -8.65 13.85
N LYS A 48 12.08 -9.25 15.05
CA LYS A 48 12.81 -10.50 15.18
C LYS A 48 12.07 -11.60 14.47
N ALA A 49 10.73 -11.63 14.59
CA ALA A 49 9.96 -12.67 13.96
C ALA A 49 10.05 -12.59 12.47
N THR A 50 10.04 -11.37 11.91
CA THR A 50 10.08 -11.23 10.46
C THR A 50 11.50 -11.21 9.97
N GLY A 51 12.47 -11.06 10.89
CA GLY A 51 13.86 -11.06 10.50
C GLY A 51 14.15 -9.87 9.62
N ASP A 52 14.87 -10.12 8.51
CA ASP A 52 15.24 -9.04 7.61
C ASP A 52 14.22 -8.92 6.51
N TRP A 53 13.55 -10.02 6.13
CA TRP A 53 12.58 -9.95 5.06
C TRP A 53 11.45 -10.87 5.41
N LYS A 54 11.51 -12.13 4.90
CA LYS A 54 10.48 -13.11 5.18
C LYS A 54 9.14 -12.58 4.77
N GLY A 55 9.04 -12.01 3.56
CA GLY A 55 7.78 -11.50 3.10
C GLY A 55 7.94 -11.03 1.69
N LEU A 56 8.91 -10.10 1.48
CA LEU A 56 9.18 -9.57 0.16
C LEU A 56 7.97 -8.81 -0.32
N ARG A 57 7.54 -7.79 0.47
CA ARG A 57 6.41 -6.97 0.09
C ARG A 57 5.16 -7.80 0.22
N ILE A 58 4.72 -8.09 1.47
CA ILE A 58 3.54 -8.90 1.65
C ILE A 58 2.78 -8.36 2.85
N THR A 59 1.47 -8.71 2.94
CA THR A 59 0.62 -8.26 4.01
C THR A 59 0.98 -9.01 5.26
N VAL A 60 1.13 -8.27 6.40
CA VAL A 60 1.50 -8.89 7.66
C VAL A 60 0.39 -8.65 8.65
N LYS A 61 0.00 -9.71 9.41
CA LYS A 61 -1.06 -9.56 10.37
C LYS A 61 -0.55 -10.03 11.71
N LEU A 62 -0.98 -9.34 12.79
CA LEU A 62 -0.54 -9.72 14.11
C LEU A 62 -1.76 -9.81 15.00
N THR A 63 -1.68 -10.70 16.02
CA THR A 63 -2.79 -10.93 16.92
C THR A 63 -2.39 -10.47 18.30
N ILE A 64 -3.26 -9.67 18.97
CA ILE A 64 -2.96 -9.16 20.29
C ILE A 64 -3.88 -9.83 21.28
N GLN A 65 -3.28 -10.44 22.34
CA GLN A 65 -4.08 -11.11 23.35
C GLN A 65 -3.34 -11.04 24.66
N ASN A 66 -4.01 -10.51 25.71
CA ASN A 66 -3.42 -10.43 27.05
C ASN A 66 -2.09 -9.71 27.02
N ARG A 67 -2.01 -8.58 26.28
CA ARG A 67 -0.78 -7.80 26.22
C ARG A 67 0.28 -8.52 25.45
N GLN A 68 -0.01 -9.72 24.91
CA GLN A 68 0.98 -10.47 24.17
C GLN A 68 0.63 -10.36 22.72
N ALA A 69 1.66 -10.29 21.84
CA ALA A 69 1.42 -10.15 20.44
C ALA A 69 1.97 -11.35 19.72
N GLN A 70 1.17 -11.89 18.78
CA GLN A 70 1.59 -13.05 18.02
C GLN A 70 1.84 -12.57 16.62
N ILE A 71 2.94 -13.07 15.99
CA ILE A 71 3.31 -12.64 14.67
C ILE A 71 2.96 -13.74 13.68
N GLU A 72 2.12 -13.39 12.66
CA GLU A 72 1.74 -14.36 11.66
C GLU A 72 2.34 -13.94 10.35
N VAL A 73 3.07 -14.89 9.68
CA VAL A 73 3.72 -14.58 8.42
C VAL A 73 3.07 -15.42 7.35
N VAL A 74 2.71 -14.77 6.21
CA VAL A 74 2.07 -15.45 5.10
C VAL A 74 3.08 -16.36 4.43
N PRO A 75 2.76 -17.64 4.35
CA PRO A 75 3.64 -18.61 3.70
C PRO A 75 3.62 -18.51 2.20
N SER A 76 4.72 -18.97 1.55
CA SER A 76 4.80 -18.93 0.11
C SER A 76 4.20 -20.19 -0.43
N ALA A 77 2.89 -20.39 -0.20
CA ALA A 77 2.22 -21.57 -0.68
C ALA A 77 1.66 -21.31 -2.04
N SER A 78 1.47 -22.40 -2.83
CA SER A 78 0.94 -22.28 -4.16
C SER A 78 -0.55 -22.03 -4.10
N ALA A 79 -1.18 -22.21 -2.92
CA ALA A 79 -2.60 -22.01 -2.84
C ALA A 79 -2.91 -21.46 -1.47
N LEU A 80 -4.06 -20.76 -1.35
CA LEU A 80 -4.42 -20.15 -0.09
C LEU A 80 -5.34 -21.10 0.65
N ILE A 81 -5.12 -21.20 1.98
CA ILE A 81 -5.92 -22.07 2.83
C ILE A 81 -7.35 -21.55 2.88
N ILE A 82 -7.52 -20.22 3.03
CA ILE A 82 -8.85 -19.66 3.14
C ILE A 82 -9.14 -18.86 1.89
N LYS A 83 -10.27 -19.18 1.22
CA LYS A 83 -10.63 -18.50 0.01
C LYS A 83 -11.33 -17.22 0.36
N ALA A 84 -11.14 -16.17 -0.47
CA ALA A 84 -11.74 -14.89 -0.21
C ALA A 84 -12.88 -14.71 -1.17
N LEU A 85 -14.09 -14.43 -0.62
CA LEU A 85 -15.25 -14.23 -1.45
C LEU A 85 -15.54 -12.75 -1.54
N LYS A 86 -14.66 -11.91 -0.96
CA LYS A 86 -14.89 -10.48 -0.98
C LYS A 86 -13.65 -9.81 -1.48
N GLU A 87 -13.85 -8.66 -2.18
CA GLU A 87 -12.75 -7.87 -2.70
C GLU A 87 -11.91 -8.71 -3.64
N PRO A 88 -12.44 -9.02 -4.81
CA PRO A 88 -11.72 -9.81 -5.80
C PRO A 88 -10.46 -9.16 -6.27
N PRO A 89 -9.43 -9.94 -6.57
CA PRO A 89 -8.16 -9.42 -7.04
C PRO A 89 -8.16 -9.09 -8.50
N ARG A 90 -8.87 -8.01 -8.89
CA ARG A 90 -8.94 -7.62 -10.28
C ARG A 90 -8.64 -6.15 -10.36
N ASP A 91 -7.93 -5.74 -11.43
CA ASP A 91 -7.59 -4.34 -11.59
C ASP A 91 -7.25 -4.13 -13.04
N ARG A 92 -7.49 -2.88 -13.52
CA ARG A 92 -7.23 -2.54 -14.90
C ARG A 92 -5.73 -2.55 -15.14
N LYS A 93 -4.92 -2.05 -14.17
CA LYS A 93 -3.50 -1.99 -14.36
C LYS A 93 -2.85 -2.20 -13.02
N LYS A 94 -1.81 -3.06 -12.99
CA LYS A 94 -1.11 -3.34 -11.75
C LYS A 94 -0.03 -2.32 -11.58
N GLN A 95 0.27 -1.95 -10.31
CA GLN A 95 1.29 -0.96 -10.05
C GLN A 95 2.21 -1.50 -8.98
N LYS A 96 3.53 -1.23 -9.12
CA LYS A 96 4.49 -1.72 -8.16
C LYS A 96 5.41 -0.59 -7.80
N ASN A 97 5.88 -0.58 -6.53
CA ASN A 97 6.76 0.48 -6.08
C ASN A 97 8.17 -0.04 -6.04
N ILE A 98 8.37 -1.31 -6.48
CA ILE A 98 9.69 -1.91 -6.46
C ILE A 98 10.59 -1.22 -7.44
N LYS A 99 10.03 -0.87 -8.60
CA LYS A 99 10.81 -0.23 -9.64
C LYS A 99 11.32 1.10 -9.16
N HIS A 100 10.49 1.86 -8.40
CA HIS A 100 10.92 3.16 -7.95
C HIS A 100 11.88 3.01 -6.81
N SER A 101 11.53 2.22 -5.78
CA SER A 101 12.42 2.05 -4.65
C SER A 101 11.80 1.01 -3.76
N GLY A 102 12.36 -0.21 -3.78
CA GLY A 102 11.83 -1.27 -2.97
C GLY A 102 12.06 -0.99 -1.51
N ASN A 103 13.28 -0.53 -1.13
CA ASN A 103 13.55 -0.26 0.26
C ASN A 103 14.92 0.36 0.35
N ILE A 104 15.27 0.82 1.58
CA ILE A 104 16.55 1.45 1.79
C ILE A 104 17.43 0.43 2.47
N THR A 105 18.11 -0.42 1.67
CA THR A 105 18.97 -1.43 2.24
C THR A 105 20.22 -1.50 1.40
N PHE A 106 21.39 -1.34 2.05
CA PHE A 106 22.66 -1.37 1.35
C PHE A 106 23.04 -2.79 1.02
N ASP A 107 22.52 -3.76 1.80
CA ASP A 107 22.86 -5.15 1.59
C ASP A 107 22.41 -5.57 0.21
N GLU A 108 21.24 -5.07 -0.25
CA GLU A 108 20.73 -5.44 -1.54
C GLU A 108 21.69 -5.00 -2.62
N ILE A 109 22.23 -3.77 -2.49
CA ILE A 109 23.12 -3.26 -3.50
C ILE A 109 24.37 -4.11 -3.51
N VAL A 110 24.87 -4.47 -2.32
CA VAL A 110 26.06 -5.29 -2.22
C VAL A 110 25.80 -6.62 -2.87
N ASN A 111 24.59 -7.18 -2.66
CA ASN A 111 24.26 -8.47 -3.20
C ASN A 111 24.35 -8.44 -4.70
N ILE A 112 23.88 -7.35 -5.35
CA ILE A 112 23.94 -7.29 -6.79
C ILE A 112 25.34 -6.94 -7.21
N ALA A 113 26.06 -6.18 -6.38
CA ALA A 113 27.41 -5.80 -6.72
C ALA A 113 28.27 -7.03 -6.81
N ARG A 114 28.06 -7.99 -5.90
CA ARG A 114 28.85 -9.19 -5.89
C ARG A 114 28.29 -10.17 -6.90
N GLN A 115 26.94 -10.22 -7.04
CA GLN A 115 26.33 -11.16 -7.95
C GLN A 115 26.60 -10.76 -9.38
N MET A 116 26.54 -9.43 -9.66
CA MET A 116 26.77 -8.89 -10.98
C MET A 116 25.70 -9.38 -11.92
N ARG A 117 24.43 -9.43 -11.45
CA ARG A 117 23.36 -9.88 -12.29
C ARG A 117 22.05 -9.68 -11.58
N HIS A 118 21.37 -8.53 -11.84
CA HIS A 118 20.08 -8.29 -11.21
C HIS A 118 19.56 -6.95 -11.65
N ARG A 119 19.91 -5.86 -10.91
CA ARG A 119 19.38 -4.55 -11.27
C ARG A 119 20.41 -3.50 -10.96
N SER A 120 21.01 -3.55 -9.75
CA SER A 120 21.98 -2.54 -9.36
C SER A 120 23.28 -2.83 -10.03
N LEU A 121 23.33 -2.58 -11.36
CA LEU A 121 24.55 -2.80 -12.10
C LEU A 121 24.81 -1.54 -12.87
N ALA A 122 25.17 -0.45 -12.17
CA ALA A 122 25.44 0.80 -12.84
C ALA A 122 26.86 0.81 -13.36
N ARG A 123 27.36 2.03 -13.64
CA ARG A 123 28.68 2.24 -14.19
C ARG A 123 29.74 1.73 -13.26
N GLU A 124 29.63 2.07 -11.97
CA GLU A 124 30.62 1.64 -11.01
C GLU A 124 29.90 1.19 -9.78
N LEU A 125 30.53 0.22 -9.05
CA LEU A 125 29.92 -0.33 -7.86
C LEU A 125 29.82 0.75 -6.82
N SER A 126 30.87 1.57 -6.67
CA SER A 126 30.84 2.61 -5.66
C SER A 126 29.84 3.67 -6.03
N GLY A 127 29.80 4.02 -7.32
CA GLY A 127 28.90 5.05 -7.78
C GLY A 127 27.47 4.63 -7.62
N THR A 128 27.18 3.35 -7.91
CA THR A 128 25.81 2.89 -7.83
C THR A 128 25.40 2.78 -6.38
N ILE A 129 26.33 2.37 -5.48
CA ILE A 129 26.00 2.24 -4.08
C ILE A 129 25.63 3.60 -3.54
N LYS A 130 26.47 4.62 -3.85
CA LYS A 130 26.23 5.96 -3.36
C LYS A 130 24.95 6.50 -3.96
N GLU A 131 24.71 6.23 -5.26
CA GLU A 131 23.54 6.75 -5.92
C GLU A 131 22.27 6.23 -5.30
N ILE A 132 22.18 4.90 -5.08
CA ILE A 132 20.96 4.34 -4.54
C ILE A 132 20.78 4.76 -3.11
N LEU A 133 21.82 4.63 -2.27
CA LEU A 133 21.70 5.02 -0.87
C LEU A 133 21.43 6.50 -0.75
N GLY A 134 22.10 7.33 -1.57
CA GLY A 134 21.92 8.77 -1.49
C GLY A 134 20.51 9.13 -1.86
N THR A 135 19.97 8.46 -2.90
CA THR A 135 18.62 8.73 -3.36
C THR A 135 17.63 8.23 -2.34
N ALA A 136 17.99 7.16 -1.60
CA ALA A 136 17.10 6.56 -0.64
C ALA A 136 16.65 7.55 0.41
N GLN A 137 17.51 8.51 0.81
CA GLN A 137 17.13 9.45 1.84
C GLN A 137 15.95 10.27 1.36
N SER A 138 15.76 10.41 0.03
CA SER A 138 14.66 11.20 -0.47
C SER A 138 13.47 10.32 -0.73
N VAL A 139 13.65 8.98 -0.64
CA VAL A 139 12.56 8.05 -0.90
C VAL A 139 11.49 8.21 0.13
N GLY A 140 11.89 8.30 1.41
CA GLY A 140 10.88 8.42 2.44
C GLY A 140 11.46 9.17 3.59
N CYS A 141 10.56 9.75 4.42
CA CYS A 141 10.98 10.52 5.57
C CYS A 141 11.63 9.61 6.59
N ASN A 142 11.09 8.39 6.77
CA ASN A 142 11.61 7.47 7.75
C ASN A 142 12.48 6.47 7.03
N VAL A 143 13.82 6.52 7.26
CA VAL A 143 14.72 5.60 6.62
C VAL A 143 15.58 4.95 7.67
N ASP A 144 16.18 3.79 7.30
CA ASP A 144 17.00 3.06 8.24
C ASP A 144 18.42 3.56 8.15
N GLY A 145 18.69 4.78 8.68
CA GLY A 145 20.03 5.30 8.66
C GLY A 145 20.23 6.09 7.41
N ARG A 146 20.27 7.43 7.54
CA ARG A 146 20.45 8.29 6.38
C ARG A 146 21.89 8.73 6.37
N HIS A 147 22.83 7.77 6.36
CA HIS A 147 24.24 8.12 6.36
C HIS A 147 24.95 7.33 5.29
N PRO A 148 24.73 7.71 4.05
CA PRO A 148 25.35 7.03 2.92
C PRO A 148 26.84 7.11 2.91
N HIS A 149 27.39 8.22 3.41
CA HIS A 149 28.83 8.41 3.44
C HIS A 149 29.46 7.35 4.29
N ASP A 150 28.88 7.10 5.48
CA ASP A 150 29.42 6.11 6.37
C ASP A 150 29.23 4.73 5.77
N ILE A 151 28.02 4.48 5.22
CA ILE A 151 27.72 3.18 4.64
C ILE A 151 28.63 2.87 3.49
N ILE A 152 28.78 3.80 2.52
CA ILE A 152 29.63 3.54 1.38
C ILE A 152 31.07 3.42 1.81
N ASP A 153 31.46 4.16 2.88
CA ASP A 153 32.82 4.11 3.34
C ASP A 153 33.10 2.72 3.85
N ASP A 154 32.18 2.17 4.68
CA ASP A 154 32.38 0.86 5.24
C ASP A 154 32.34 -0.17 4.13
N ILE A 155 31.41 -0.01 3.17
CA ILE A 155 31.29 -0.96 2.08
C ILE A 155 32.57 -1.01 1.31
N ASN A 156 33.10 0.17 0.94
CA ASN A 156 34.33 0.26 0.17
C ASN A 156 35.46 -0.35 0.95
N SER A 157 35.52 -0.09 2.28
CA SER A 157 36.59 -0.61 3.09
C SER A 157 36.52 -2.12 3.13
N GLY A 158 35.31 -2.69 2.96
CA GLY A 158 35.18 -4.13 2.96
C GLY A 158 33.98 -4.47 3.78
N ALA A 159 32.77 -4.21 3.25
CA ALA A 159 31.57 -4.53 4.00
C ALA A 159 31.48 -6.03 4.19
N VAL A 160 31.79 -6.81 3.13
CA VAL A 160 31.70 -8.26 3.23
C VAL A 160 32.91 -8.86 2.60
N GLU A 161 33.14 -10.16 2.88
CA GLU A 161 34.30 -10.84 2.37
C GLU A 161 33.89 -11.67 1.17
N CYS A 162 34.01 -13.01 1.29
CA CYS A 162 33.68 -13.89 0.19
C CYS A 162 32.21 -13.77 -0.17
N PRO A 163 31.31 -13.90 0.80
CA PRO A 163 29.88 -13.75 0.52
C PRO A 163 29.48 -12.32 0.37
N ALA A 164 28.27 -12.07 -0.20
CA ALA A 164 27.82 -10.71 -0.39
C ALA A 164 27.15 -10.22 0.86
N SER A 165 27.16 -11.03 1.93
CA SER A 165 26.52 -10.61 3.15
C SER A 165 27.11 -11.43 4.31
N MET A 1 -19.28 -1.05 27.64
CA MET A 1 -18.69 -0.65 26.34
C MET A 1 -17.25 -0.22 26.49
N PRO A 2 -16.38 -1.19 26.67
CA PRO A 2 -14.96 -0.93 26.84
C PRO A 2 -14.28 -0.55 25.55
N PRO A 3 -13.15 0.11 25.63
CA PRO A 3 -12.41 0.53 24.45
C PRO A 3 -11.71 -0.63 23.77
N LYS A 4 -11.44 -0.48 22.46
CA LYS A 4 -10.79 -1.54 21.72
C LYS A 4 -9.34 -1.22 21.60
N PHE A 5 -8.51 -2.26 21.36
CA PHE A 5 -7.08 -2.08 21.27
C PHE A 5 -6.50 -3.22 20.49
N ASP A 6 -5.22 -3.08 20.05
CA ASP A 6 -4.58 -4.12 19.28
C ASP A 6 -3.24 -4.42 19.92
N PRO A 7 -2.77 -5.64 19.72
CA PRO A 7 -1.48 -6.08 20.26
C PRO A 7 -0.30 -5.55 19.50
N ASN A 8 0.91 -5.61 20.12
CA ASN A 8 2.09 -5.11 19.44
C ASN A 8 3.29 -5.80 20.05
N GLU A 9 4.49 -5.54 19.49
CA GLU A 9 5.71 -6.15 19.97
C GLU A 9 6.23 -5.31 21.10
N ILE A 10 5.91 -5.73 22.35
CA ILE A 10 6.35 -5.00 23.52
C ILE A 10 7.14 -5.95 24.39
N LYS A 11 8.31 -5.49 24.90
CA LYS A 11 9.14 -6.33 25.74
C LYS A 11 9.05 -5.80 27.14
N VAL A 12 8.92 -6.71 28.14
CA VAL A 12 8.81 -6.31 29.52
C VAL A 12 9.86 -7.06 30.31
N VAL A 13 10.65 -6.35 31.14
CA VAL A 13 11.68 -7.00 31.92
C VAL A 13 11.50 -6.59 33.35
N TYR A 14 12.22 -7.30 34.27
CA TYR A 14 12.09 -7.01 35.67
C TYR A 14 13.41 -6.49 36.17
N LEU A 15 13.38 -5.38 36.94
CA LEU A 15 14.58 -4.78 37.46
C LEU A 15 14.45 -4.67 38.96
N ARG A 16 15.47 -5.18 39.69
CA ARG A 16 15.45 -5.14 41.13
C ARG A 16 16.56 -4.22 41.58
N CYS A 17 16.18 -3.01 42.05
CA CYS A 17 17.18 -2.06 42.51
C CYS A 17 16.45 -0.99 43.27
N THR A 18 17.02 -0.56 44.42
CA THR A 18 16.38 0.47 45.21
C THR A 18 17.28 1.67 45.20
N GLY A 19 17.19 2.51 44.15
CA GLY A 19 18.02 3.69 44.08
C GLY A 19 18.16 4.08 42.65
N GLY A 20 19.01 5.12 42.40
CA GLY A 20 19.23 5.58 41.05
C GLY A 20 20.32 4.75 40.45
N GLU A 21 20.30 4.64 39.10
CA GLU A 21 21.30 3.85 38.41
C GLU A 21 21.42 4.40 37.02
N VAL A 22 22.68 4.59 36.54
CA VAL A 22 22.91 5.11 35.22
C VAL A 22 23.78 4.12 34.50
N GLY A 23 23.84 4.25 33.15
CA GLY A 23 24.67 3.36 32.36
C GLY A 23 23.88 2.13 32.00
N ALA A 24 22.54 2.21 32.10
CA ALA A 24 21.68 1.09 31.77
C ALA A 24 21.68 0.13 32.94
N THR A 25 20.96 -1.00 32.77
CA THR A 25 20.87 -1.99 33.83
C THR A 25 21.19 -3.33 33.26
N SER A 26 21.04 -4.38 34.09
CA SER A 26 21.33 -5.74 33.68
C SER A 26 20.43 -6.16 32.55
N ALA A 27 19.11 -5.82 32.62
CA ALA A 27 18.19 -6.23 31.58
C ALA A 27 18.43 -5.41 30.32
N LEU A 28 18.77 -4.14 30.51
CA LEU A 28 18.97 -3.24 29.39
C LEU A 28 20.18 -3.67 28.60
N ALA A 29 21.15 -4.38 29.21
CA ALA A 29 22.32 -4.80 28.46
C ALA A 29 21.92 -5.70 27.29
N PRO A 30 21.31 -6.84 27.57
CA PRO A 30 20.91 -7.77 26.51
C PRO A 30 19.76 -7.27 25.69
N LYS A 31 19.04 -6.23 26.15
CA LYS A 31 17.93 -5.73 25.36
C LYS A 31 18.43 -4.61 24.46
N ILE A 32 19.04 -3.58 25.06
CA ILE A 32 19.51 -2.43 24.30
C ILE A 32 20.61 -2.85 23.35
N GLY A 33 21.53 -3.76 23.77
CA GLY A 33 22.63 -4.16 22.92
C GLY A 33 22.15 -4.53 21.53
N PRO A 34 21.41 -5.62 21.43
CA PRO A 34 20.86 -6.07 20.16
C PRO A 34 19.95 -5.08 19.50
N LEU A 35 19.20 -4.29 20.29
CA LEU A 35 18.31 -3.31 19.73
C LEU A 35 19.12 -2.31 18.95
N GLY A 36 20.29 -1.89 19.50
CA GLY A 36 21.14 -0.96 18.80
C GLY A 36 20.62 0.44 19.00
N LEU A 37 20.40 0.85 20.27
CA LEU A 37 19.92 2.18 20.52
C LEU A 37 20.88 2.83 21.49
N SER A 38 20.66 4.12 21.81
CA SER A 38 21.55 4.82 22.71
C SER A 38 21.17 4.51 24.13
N PRO A 39 22.08 3.94 24.89
CA PRO A 39 21.85 3.60 26.28
C PRO A 39 21.93 4.78 27.21
N LYS A 40 22.59 5.88 26.76
CA LYS A 40 22.74 7.05 27.60
C LYS A 40 21.39 7.64 27.90
N LYS A 41 20.51 7.70 26.87
CA LYS A 41 19.20 8.28 27.06
C LYS A 41 18.41 7.42 28.01
N VAL A 42 18.54 6.09 27.86
CA VAL A 42 17.80 5.17 28.70
C VAL A 42 18.28 5.30 30.12
N GLY A 43 19.60 5.32 30.34
CA GLY A 43 20.13 5.40 31.68
C GLY A 43 19.70 6.68 32.34
N ASP A 44 19.73 7.80 31.60
CA ASP A 44 19.35 9.07 32.18
C ASP A 44 17.88 9.03 32.55
N ASP A 45 17.04 8.43 31.69
CA ASP A 45 15.62 8.37 31.96
C ASP A 45 15.38 7.50 33.18
N ILE A 46 16.12 6.36 33.27
CA ILE A 46 15.97 5.46 34.39
C ILE A 46 16.34 6.16 35.67
N ALA A 47 17.49 6.87 35.68
CA ALA A 47 17.93 7.54 36.88
C ALA A 47 16.94 8.60 37.28
N LYS A 48 16.41 9.37 36.31
CA LYS A 48 15.47 10.42 36.63
C LYS A 48 14.21 9.82 37.21
N ALA A 49 13.69 8.75 36.58
CA ALA A 49 12.46 8.13 37.03
C ALA A 49 12.64 7.56 38.43
N THR A 50 13.83 6.99 38.72
CA THR A 50 14.06 6.38 40.01
C THR A 50 14.71 7.37 40.94
N GLY A 51 14.64 8.68 40.62
CA GLY A 51 15.26 9.66 41.49
C GLY A 51 14.39 9.84 42.69
N ASP A 52 14.93 9.50 43.88
CA ASP A 52 14.16 9.64 45.10
C ASP A 52 15.14 9.63 46.24
N TRP A 53 14.64 9.54 47.49
CA TRP A 53 15.51 9.56 48.64
C TRP A 53 15.70 8.14 49.14
N LYS A 54 15.43 7.13 48.28
CA LYS A 54 15.59 5.74 48.67
C LYS A 54 14.55 5.38 49.70
N GLY A 55 14.81 4.28 50.46
CA GLY A 55 13.87 3.88 51.46
C GLY A 55 14.26 2.51 51.93
N LEU A 56 13.69 1.45 51.31
CA LEU A 56 14.00 0.10 51.74
C LEU A 56 14.08 -0.79 50.52
N ARG A 57 12.91 -1.21 49.98
CA ARG A 57 12.91 -2.10 48.84
C ARG A 57 11.91 -1.55 47.86
N ILE A 58 12.21 -1.69 46.55
CA ILE A 58 11.29 -1.20 45.54
C ILE A 58 11.45 -2.10 44.32
N THR A 59 10.37 -2.21 43.51
CA THR A 59 10.39 -3.06 42.34
C THR A 59 10.26 -2.17 41.13
N VAL A 60 11.16 -2.37 40.12
CA VAL A 60 11.13 -1.55 38.94
C VAL A 60 10.88 -2.44 37.76
N LYS A 61 9.95 -2.03 36.86
CA LYS A 61 9.63 -2.81 35.69
C LYS A 61 9.92 -1.94 34.50
N LEU A 62 10.62 -2.50 33.49
CA LEU A 62 10.97 -1.73 32.33
C LEU A 62 10.22 -2.29 31.15
N THR A 63 9.65 -1.37 30.32
CA THR A 63 8.92 -1.78 29.14
C THR A 63 9.67 -1.19 27.97
N ILE A 64 10.02 -2.04 26.97
CA ILE A 64 10.77 -1.55 25.82
C ILE A 64 9.94 -1.75 24.59
N GLN A 65 9.76 -0.66 23.79
CA GLN A 65 9.01 -0.75 22.57
C GLN A 65 9.40 0.39 21.68
N ASN A 66 9.60 0.11 20.37
CA ASN A 66 9.96 1.13 19.40
C ASN A 66 11.19 1.89 19.84
N ARG A 67 12.19 1.17 20.40
CA ARG A 67 13.43 1.80 20.86
C ARG A 67 13.13 2.84 21.92
N GLN A 68 12.03 2.66 22.68
CA GLN A 68 11.69 3.60 23.72
C GLN A 68 11.47 2.77 24.95
N ALA A 69 12.06 3.22 26.09
CA ALA A 69 11.92 2.49 27.31
C ALA A 69 11.03 3.26 28.24
N GLN A 70 10.02 2.55 28.82
CA GLN A 70 9.11 3.16 29.75
C GLN A 70 9.50 2.64 31.10
N ILE A 71 9.57 3.55 32.10
CA ILE A 71 9.98 3.17 33.44
C ILE A 71 8.76 3.11 34.32
N GLU A 72 8.56 1.94 34.98
CA GLU A 72 7.43 1.77 35.88
C GLU A 72 8.00 1.35 37.21
N VAL A 73 7.59 2.04 38.31
CA VAL A 73 8.10 1.72 39.63
C VAL A 73 6.92 1.40 40.51
N VAL A 74 6.98 0.24 41.23
CA VAL A 74 5.90 -0.16 42.10
C VAL A 74 6.51 -0.69 43.38
N PRO A 75 5.76 -0.59 44.46
CA PRO A 75 6.21 -1.07 45.77
C PRO A 75 6.14 -2.57 45.89
N SER A 76 6.98 -3.13 46.79
CA SER A 76 7.02 -4.56 47.00
C SER A 76 5.77 -5.02 47.72
N ALA A 77 5.09 -4.08 48.43
CA ALA A 77 3.89 -4.44 49.16
C ALA A 77 2.80 -4.76 48.19
N SER A 78 2.92 -4.32 46.92
CA SER A 78 1.89 -4.60 45.94
C SER A 78 2.24 -5.85 45.20
N ALA A 79 3.28 -6.59 45.65
CA ALA A 79 3.66 -7.81 44.96
C ALA A 79 2.62 -8.88 45.22
N LEU A 80 1.79 -8.69 46.28
CA LEU A 80 0.79 -9.68 46.61
C LEU A 80 -0.22 -9.82 45.50
N ILE A 81 -0.60 -8.69 44.86
CA ILE A 81 -1.59 -8.75 43.81
C ILE A 81 -1.04 -8.01 42.61
N ILE A 82 -1.01 -8.71 41.45
CA ILE A 82 -0.49 -8.12 40.24
C ILE A 82 -1.56 -8.17 39.20
N LYS A 83 -1.83 -7.02 38.54
CA LYS A 83 -2.86 -6.97 37.53
C LYS A 83 -2.26 -7.41 36.22
N ALA A 84 -3.06 -8.13 35.40
CA ALA A 84 -2.59 -8.60 34.13
C ALA A 84 -2.86 -7.57 33.07
N LEU A 85 -3.62 -6.50 33.41
CA LEU A 85 -3.94 -5.48 32.45
C LEU A 85 -2.67 -4.77 32.02
N LYS A 86 -1.77 -4.49 32.99
CA LYS A 86 -0.52 -3.83 32.69
C LYS A 86 -0.80 -2.44 32.14
N GLU A 87 -0.16 -2.10 30.99
CA GLU A 87 -0.33 -0.80 30.40
C GLU A 87 -1.07 -0.96 29.09
N PRO A 88 -2.30 -0.49 29.04
CA PRO A 88 -3.11 -0.56 27.82
C PRO A 88 -2.49 0.18 26.66
N PRO A 89 -2.60 -0.34 25.45
CA PRO A 89 -2.05 0.30 24.26
C PRO A 89 -2.63 1.66 24.01
N ARG A 90 -1.82 2.59 23.45
CA ARG A 90 -2.30 3.93 23.19
C ARG A 90 -2.92 3.96 21.82
N ASP A 91 -2.85 2.83 21.06
CA ASP A 91 -3.45 2.76 19.75
C ASP A 91 -2.85 3.82 18.85
N ARG A 92 -1.51 3.91 18.84
CA ARG A 92 -0.83 4.88 18.01
C ARG A 92 -0.53 4.21 16.70
N LYS A 93 -1.10 4.72 15.59
CA LYS A 93 -0.87 4.12 14.29
C LYS A 93 0.17 4.91 13.56
N LYS A 94 0.50 6.14 14.05
CA LYS A 94 1.51 6.98 13.42
C LYS A 94 1.05 7.33 12.03
N GLN A 95 1.99 7.31 11.04
CA GLN A 95 1.62 7.65 9.69
C GLN A 95 2.61 7.01 8.76
N LYS A 96 2.24 5.81 8.21
CA LYS A 96 3.09 5.12 7.26
C LYS A 96 4.47 4.96 7.83
N ASN A 97 4.58 4.36 9.03
CA ASN A 97 5.86 4.19 9.66
C ASN A 97 6.47 2.90 9.21
N ILE A 98 7.48 3.00 8.30
CA ILE A 98 8.18 1.83 7.79
C ILE A 98 7.18 0.88 7.16
N LYS A 99 6.28 1.42 6.32
CA LYS A 99 5.30 0.58 5.67
C LYS A 99 5.64 0.49 4.21
N HIS A 100 6.26 1.53 3.64
CA HIS A 100 6.60 1.49 2.24
C HIS A 100 7.96 2.10 2.06
N SER A 101 8.74 1.52 1.11
CA SER A 101 10.07 2.02 0.81
C SER A 101 10.93 1.95 2.05
N GLY A 102 10.75 0.90 2.87
CA GLY A 102 11.54 0.77 4.07
C GLY A 102 12.38 -0.47 3.96
N ASN A 103 12.55 -1.00 2.73
CA ASN A 103 13.34 -2.21 2.55
C ASN A 103 14.57 -1.85 1.75
N ILE A 104 14.99 -0.58 1.81
CA ILE A 104 16.16 -0.15 1.06
C ILE A 104 17.37 -0.28 1.96
N THR A 105 18.40 -1.01 1.47
CA THR A 105 19.60 -1.19 2.25
C THR A 105 20.74 -1.42 1.30
N PHE A 106 21.99 -1.16 1.79
CA PHE A 106 23.18 -1.32 0.98
C PHE A 106 23.44 -2.78 0.72
N ASP A 107 22.88 -3.66 1.57
CA ASP A 107 23.10 -5.09 1.41
C ASP A 107 22.57 -5.52 0.07
N GLU A 108 21.45 -4.94 -0.36
CA GLU A 108 20.85 -5.30 -1.63
C GLU A 108 21.80 -4.96 -2.75
N ILE A 109 22.43 -3.77 -2.67
CA ILE A 109 23.33 -3.34 -3.72
C ILE A 109 24.50 -4.31 -3.78
N VAL A 110 25.03 -4.69 -2.60
CA VAL A 110 26.15 -5.61 -2.54
C VAL A 110 25.74 -6.93 -3.16
N ASN A 111 24.50 -7.41 -2.84
CA ASN A 111 24.05 -8.68 -3.36
C ASN A 111 24.00 -8.67 -4.85
N ILE A 112 23.54 -7.56 -5.48
CA ILE A 112 23.46 -7.52 -6.92
C ILE A 112 24.84 -7.34 -7.47
N ALA A 113 25.72 -6.65 -6.73
CA ALA A 113 27.06 -6.42 -7.21
C ALA A 113 27.74 -7.76 -7.40
N ARG A 114 27.52 -8.69 -6.44
CA ARG A 114 28.15 -9.99 -6.55
C ARG A 114 27.34 -10.89 -7.45
N GLN A 115 25.99 -10.77 -7.41
CA GLN A 115 25.14 -11.64 -8.20
C GLN A 115 25.27 -11.31 -9.67
N MET A 116 25.35 -9.99 -10.00
CA MET A 116 25.43 -9.56 -11.38
C MET A 116 24.06 -9.67 -11.96
N ARG A 117 23.11 -8.90 -11.40
CA ARG A 117 21.74 -8.93 -11.85
C ARG A 117 21.49 -7.61 -12.56
N HIS A 118 20.21 -7.18 -12.60
CA HIS A 118 19.85 -5.95 -13.28
C HIS A 118 19.33 -4.96 -12.28
N ARG A 119 19.70 -5.10 -10.98
CA ARG A 119 19.21 -4.17 -9.98
C ARG A 119 20.35 -3.29 -9.55
N SER A 120 21.53 -3.51 -10.14
CA SER A 120 22.69 -2.71 -9.80
C SER A 120 23.75 -3.07 -10.79
N LEU A 121 25.00 -3.25 -10.32
CA LEU A 121 26.09 -3.59 -11.19
C LEU A 121 26.32 -2.42 -12.11
N ALA A 122 26.45 -1.20 -11.54
CA ALA A 122 26.67 -0.03 -12.36
C ALA A 122 28.13 0.10 -12.68
N ARG A 123 28.48 1.29 -13.21
CA ARG A 123 29.84 1.58 -13.63
C ARG A 123 30.80 1.49 -12.47
N GLU A 124 30.45 2.09 -11.32
CA GLU A 124 31.34 2.05 -10.18
C GLU A 124 30.55 1.61 -9.00
N LEU A 125 31.17 0.75 -8.17
CA LEU A 125 30.50 0.24 -6.98
C LEU A 125 30.24 1.36 -6.03
N SER A 126 31.22 2.27 -5.83
CA SER A 126 31.04 3.35 -4.88
C SER A 126 29.96 4.28 -5.39
N GLY A 127 30.01 4.62 -6.69
CA GLY A 127 29.05 5.55 -7.27
C GLY A 127 27.66 4.99 -7.24
N THR A 128 27.50 3.69 -7.54
CA THR A 128 26.16 3.12 -7.57
C THR A 128 25.64 2.97 -6.17
N ILE A 129 26.50 2.59 -5.21
CA ILE A 129 26.04 2.44 -3.84
C ILE A 129 25.61 3.78 -3.32
N LYS A 130 26.44 4.81 -3.57
CA LYS A 130 26.13 6.15 -3.10
C LYS A 130 24.85 6.63 -3.75
N GLU A 131 24.68 6.34 -5.05
CA GLU A 131 23.50 6.79 -5.77
C GLU A 131 22.24 6.21 -5.18
N ILE A 132 22.20 4.88 -4.97
CA ILE A 132 21.00 4.24 -4.45
C ILE A 132 20.74 4.72 -3.04
N LEU A 133 21.78 4.68 -2.17
CA LEU A 133 21.59 5.11 -0.80
C LEU A 133 21.19 6.56 -0.76
N GLY A 134 21.78 7.39 -1.66
CA GLY A 134 21.46 8.80 -1.68
C GLY A 134 20.00 9.00 -1.99
N THR A 135 19.46 8.23 -2.95
CA THR A 135 18.06 8.39 -3.29
C THR A 135 17.20 7.87 -2.17
N ALA A 136 17.73 6.91 -1.37
CA ALA A 136 16.96 6.33 -0.27
C ALA A 136 16.60 7.39 0.73
N GLN A 137 17.38 8.49 0.82
CA GLN A 137 17.08 9.52 1.80
C GLN A 137 15.73 10.13 1.52
N SER A 138 15.38 10.37 0.24
CA SER A 138 14.09 10.97 -0.06
C SER A 138 13.06 9.90 -0.22
N VAL A 139 13.46 8.76 -0.81
CA VAL A 139 12.54 7.67 -1.04
C VAL A 139 12.04 7.11 0.27
N GLY A 140 12.97 6.87 1.21
CA GLY A 140 12.61 6.29 2.50
C GLY A 140 11.68 7.21 3.25
N CYS A 141 11.97 8.54 3.22
CA CYS A 141 11.15 9.50 3.94
C CYS A 141 11.28 9.25 5.41
N ASN A 142 12.44 8.73 5.86
CA ASN A 142 12.62 8.48 7.26
C ASN A 142 14.09 8.30 7.51
N VAL A 143 14.45 8.09 8.80
CA VAL A 143 15.82 7.93 9.18
C VAL A 143 16.17 6.47 9.08
N ASP A 144 16.89 6.06 8.01
CA ASP A 144 17.27 4.69 7.88
C ASP A 144 18.33 4.61 6.82
N GLY A 145 19.61 4.59 7.24
CA GLY A 145 20.70 4.49 6.28
C GLY A 145 20.78 5.75 5.49
N ARG A 146 20.51 6.90 6.12
CA ARG A 146 20.55 8.17 5.43
C ARG A 146 21.97 8.71 5.47
N HIS A 147 22.98 7.82 5.47
CA HIS A 147 24.36 8.28 5.50
C HIS A 147 25.13 7.55 4.44
N PRO A 148 24.96 7.95 3.20
CA PRO A 148 25.65 7.32 2.06
C PRO A 148 27.14 7.34 2.17
N HIS A 149 27.70 8.47 2.67
CA HIS A 149 29.14 8.61 2.79
C HIS A 149 29.68 7.56 3.73
N ASP A 150 29.05 7.39 4.90
CA ASP A 150 29.52 6.41 5.86
C ASP A 150 29.33 5.03 5.30
N ILE A 151 28.19 4.80 4.62
CA ILE A 151 27.90 3.49 4.06
C ILE A 151 28.91 3.10 3.01
N ILE A 152 29.19 3.99 2.05
CA ILE A 152 30.14 3.65 1.01
C ILE A 152 31.51 3.46 1.62
N ASP A 153 31.85 4.26 2.65
CA ASP A 153 33.14 4.13 3.27
C ASP A 153 33.25 2.78 3.92
N ASP A 154 32.16 2.32 4.59
CA ASP A 154 32.20 1.05 5.26
C ASP A 154 32.28 -0.06 4.24
N ILE A 155 31.53 0.07 3.12
CA ILE A 155 31.54 -0.95 2.10
C ILE A 155 32.93 -1.08 1.54
N ASN A 156 33.56 0.06 1.19
CA ASN A 156 34.88 0.04 0.63
C ASN A 156 35.85 -0.49 1.65
N SER A 157 35.61 -0.17 2.95
CA SER A 157 36.51 -0.63 3.99
C SER A 157 36.53 -2.13 3.98
N GLY A 158 35.35 -2.77 3.81
CA GLY A 158 35.33 -4.21 3.76
C GLY A 158 34.03 -4.70 4.28
N ALA A 159 32.90 -4.30 3.65
CA ALA A 159 31.60 -4.75 4.11
C ALA A 159 31.32 -6.11 3.53
N VAL A 160 31.96 -6.42 2.40
CA VAL A 160 31.70 -7.68 1.75
C VAL A 160 33.02 -8.29 1.38
N GLU A 161 33.13 -9.65 1.52
CA GLU A 161 34.36 -10.33 1.19
C GLU A 161 34.07 -11.23 0.01
N CYS A 162 34.32 -12.56 0.17
CA CYS A 162 34.08 -13.49 -0.93
C CYS A 162 32.59 -13.56 -1.20
N PRO A 163 31.77 -13.91 -0.21
CA PRO A 163 30.33 -13.95 -0.40
C PRO A 163 29.74 -12.57 -0.33
N ALA A 164 28.49 -12.40 -0.83
CA ALA A 164 27.86 -11.10 -0.81
C ALA A 164 27.54 -10.72 0.61
N SER A 165 27.55 -11.70 1.53
CA SER A 165 27.23 -11.40 2.90
C SER A 165 27.76 -12.54 3.77
#